data_9GO3
#
_entry.id   9GO3
#
_cell.length_a   1.00
_cell.length_b   1.00
_cell.length_c   1.00
_cell.angle_alpha   90.00
_cell.angle_beta   90.00
_cell.angle_gamma   90.00
#
_symmetry.space_group_name_H-M   'P 1'
#
_entity_poly.entity_id   1
_entity_poly.type   'polypeptide(L)'
_entity_poly.pdbx_seq_one_letter_code
;MRWILFILFCLLGAPAHAVSIPGVTTTTTTDSTTEPAPEPDIEQKKAAYGALADVLDNDTSRKELIDQLRTVAATPPAEP
VPKIVPPTLVEEQTVLQKVTEVSRHYGEALSARFGQLYRNITGSPHKPFNPQTFSNALTHFSMLAVLVFGFYWLIRLCAL
PLYRKMGQWARQKNRERSNWLQLPAMIIGAFIIDLLLLALTLFVGQVLSDNLNAGSRTIAFQQSLFLNAFALIEFFKAVL
RLIFCPNVAELRPFTIQDESARYWSRRLSWLSSLIGYGLIVAVPIISNQVNVQIGALANVIIMLCMTVWALYLIFRNKKE
ITQHLLNFAEHSLAFFSLFIRAFALVWHWLASAYFIVLFFFSLFDPGNSLKFMMGATVRSLAIIGIAAFVSGMFSRWLAK
TITLSPHTQRNYPELQKRLNGWLSAALKTARILTVCVAVMLLLSAWGLFDFWNWLQNGAGQKTVDILIRIALILFFSAVG
WTVLASLIENRLASDIHGRPLPSARTRTLLTLFRNALAVIISTITIMIVLSEIGVNIAPLLAGAGALGLAISFGSQTLVK
DIITGVFIQFENGMNTGDLVTIGPLTGTVERMSIRSVGVRQDTGAYHIIPWSSITTFANFVRGIGSVVANYDVDRHEDAD
KANQALKDAVAELMENEEIRGLIIGEPNFAGIVGLSNTAFTLRVSFTTLPLKQWTVRFALDSQVKKHFDLAGVRAPVQTY
QVLPAPGATPAEPLPPGEPTLLEHHHHHH
;
_entity_poly.pdbx_strand_id   A,B,C,D,E,F,G
#
# COMPACT_ATOMS: atom_id res chain seq x y z
N ALA A 471 37.37 39.80 22.26
CA ALA A 471 36.04 40.30 21.93
C ALA A 471 35.47 39.55 20.73
N LEU A 472 34.75 40.28 19.88
CA LEU A 472 34.17 39.66 18.68
C LEU A 472 35.27 39.18 17.74
N ILE A 473 36.33 39.97 17.58
CA ILE A 473 37.45 39.58 16.72
C ILE A 473 38.14 38.34 17.29
N LEU A 474 38.34 38.29 18.60
CA LEU A 474 38.95 37.12 19.22
C LEU A 474 38.10 35.88 19.03
N PHE A 475 36.78 36.02 19.17
CA PHE A 475 35.88 34.91 18.90
C PHE A 475 35.91 34.52 17.43
N PHE A 476 36.00 35.50 16.53
CA PHE A 476 36.07 35.20 15.11
C PHE A 476 37.33 34.42 14.76
N SER A 477 38.46 34.78 15.38
CA SER A 477 39.69 34.02 15.17
C SER A 477 39.56 32.59 15.68
N ALA A 478 38.84 32.39 16.79
CA ALA A 478 38.62 31.04 17.29
C ALA A 478 37.83 30.20 16.30
N VAL A 479 36.84 30.82 15.65
CA VAL A 479 36.06 30.10 14.64
C VAL A 479 36.96 29.68 13.48
N GLY A 480 37.83 30.58 13.03
CA GLY A 480 38.76 30.23 11.96
C GLY A 480 39.71 29.13 12.35
N TRP A 481 40.20 29.16 13.60
CA TRP A 481 41.09 28.11 14.07
C TRP A 481 40.38 26.76 14.10
N THR A 482 39.13 26.75 14.58
CA THR A 482 38.36 25.50 14.60
C THR A 482 38.06 25.01 13.20
N VAL A 483 37.81 25.93 12.26
CA VAL A 483 37.53 25.54 10.88
C VAL A 483 38.72 24.82 10.26
N LEU A 484 39.93 25.33 10.51
CA LEU A 484 41.12 24.65 10.00
C LEU A 484 41.29 23.29 10.64
N ALA A 485 40.98 23.16 11.94
CA ALA A 485 41.05 21.87 12.61
C ALA A 485 40.07 20.88 11.99
N SER A 486 38.86 21.35 11.65
CA SER A 486 37.90 20.48 10.97
C SER A 486 38.41 20.06 9.60
N LEU A 487 39.03 20.98 8.86
CA LEU A 487 39.64 20.62 7.59
C LEU A 487 40.80 19.64 7.80
N ILE A 488 41.58 19.82 8.85
CA ILE A 488 42.61 18.84 9.19
C ILE A 488 41.98 17.52 9.59
N GLU A 489 40.85 17.57 10.31
CA GLU A 489 40.11 16.36 10.61
C GLU A 489 39.55 15.71 9.35
N ASN A 490 39.17 16.52 8.36
CA ASN A 490 38.77 15.99 7.07
C ASN A 490 39.94 15.29 6.37
N ARG A 491 41.15 15.84 6.50
CA ARG A 491 42.33 15.15 5.97
C ARG A 491 42.55 13.82 6.67
N LEU A 492 42.30 13.76 7.99
CA LEU A 492 42.33 12.48 8.68
C LEU A 492 41.25 11.54 8.15
N ALA A 493 40.05 12.08 7.88
CA ALA A 493 39.01 11.27 7.27
C ALA A 493 39.39 10.84 5.86
N SER A 494 40.18 11.65 5.16
CA SER A 494 40.66 11.26 3.84
C SER A 494 41.54 10.02 3.92
N ASP A 495 42.39 9.95 4.94
CA ASP A 495 43.21 8.78 5.18
C ASP A 495 42.33 7.57 5.49
N ILE A 496 41.28 7.78 6.29
CA ILE A 496 40.32 6.73 6.61
C ILE A 496 39.59 6.34 5.34
N HIS A 497 39.13 7.33 4.57
CA HIS A 497 38.50 7.07 3.29
C HIS A 497 39.50 6.47 2.29
N GLY A 498 40.78 6.70 2.54
CA GLY A 498 41.83 6.20 1.66
C GLY A 498 41.99 4.69 1.69
N ARG A 499 41.29 4.03 2.60
CA ARG A 499 41.37 2.58 2.70
C ARG A 499 40.89 1.95 1.39
N PRO A 500 41.56 0.91 0.90
CA PRO A 500 41.14 0.29 -0.37
C PRO A 500 39.73 -0.26 -0.33
N LEU A 501 39.26 -0.73 0.82
CA LEU A 501 37.91 -1.28 0.91
C LEU A 501 36.84 -0.28 0.51
N PRO A 502 36.87 0.97 0.98
CA PRO A 502 35.85 1.96 0.59
C PRO A 502 36.21 2.73 -0.67
N SER A 503 36.53 1.98 -1.74
CA SER A 503 36.83 2.54 -3.04
C SER A 503 38.04 3.47 -3.02
N ALA A 504 38.28 4.18 -4.12
CA ALA A 504 39.39 5.11 -4.22
C ALA A 504 38.96 6.51 -4.65
N ARG A 505 37.71 6.68 -5.06
CA ARG A 505 37.18 7.98 -5.47
C ARG A 505 36.62 8.76 -4.28
N THR A 506 37.45 9.03 -3.28
CA THR A 506 37.00 9.74 -2.09
C THR A 506 37.12 11.25 -2.28
N ARG A 507 37.53 11.67 -3.48
CA ARG A 507 37.69 13.09 -3.76
C ARG A 507 36.35 13.83 -3.64
N THR A 508 35.28 13.23 -4.15
CA THR A 508 33.97 13.86 -4.06
C THR A 508 33.51 14.02 -2.61
N LEU A 509 33.74 12.99 -1.79
CA LEU A 509 33.34 13.06 -0.39
C LEU A 509 34.10 14.15 0.35
N LEU A 510 35.41 14.26 0.07
CA LEU A 510 36.22 15.28 0.73
C LEU A 510 35.75 16.68 0.36
N THR A 511 35.38 16.88 -0.91
CA THR A 511 34.89 18.19 -1.34
C THR A 511 33.60 18.56 -0.60
N LEU A 512 32.71 17.59 -0.42
CA LEU A 512 31.48 17.85 0.32
C LEU A 512 31.76 18.23 1.76
N PHE A 513 32.71 17.54 2.41
CA PHE A 513 33.07 17.87 3.78
C PHE A 513 33.67 19.27 3.87
N ARG A 514 34.54 19.63 2.91
CA ARG A 514 35.11 20.96 2.90
C ARG A 514 34.05 22.02 2.71
N ASN A 515 33.10 21.77 1.81
CA ASN A 515 32.01 22.73 1.58
C ASN A 515 31.16 22.88 2.83
N ALA A 516 30.88 21.77 3.51
CA ALA A 516 30.10 21.84 4.75
C ALA A 516 30.83 22.62 5.83
N LEU A 517 32.13 22.39 5.97
CA LEU A 517 32.91 23.12 6.96
C LEU A 517 32.93 24.61 6.64
N ALA A 518 33.10 24.96 5.36
CA ALA A 518 33.08 26.37 4.97
C ALA A 518 31.72 26.99 5.24
N VAL A 519 30.64 26.27 4.95
CA VAL A 519 29.29 26.79 5.20
C VAL A 519 29.07 27.02 6.68
N ILE A 520 29.54 26.07 7.51
CA ILE A 520 29.38 26.21 8.96
C ILE A 520 30.16 27.42 9.47
N ILE A 521 31.39 27.60 8.98
CA ILE A 521 32.22 28.73 9.41
C ILE A 521 31.56 30.04 9.01
N SER A 522 31.05 30.11 7.77
CA SER A 522 30.40 31.32 7.30
C SER A 522 29.15 31.61 8.11
N THR A 523 28.37 30.57 8.43
CA THR A 523 27.17 30.77 9.25
C THR A 523 27.52 31.28 10.62
N ILE A 524 28.57 30.73 11.24
CA ILE A 524 28.99 31.19 12.56
C ILE A 524 29.43 32.64 12.52
N THR A 525 30.23 33.00 11.50
CA THR A 525 30.71 34.37 11.38
C THR A 525 29.55 35.34 11.17
N ILE A 526 28.60 34.96 10.31
CA ILE A 526 27.44 35.82 10.05
C ILE A 526 26.59 35.97 11.30
N MET A 527 26.45 34.88 12.07
CA MET A 527 25.69 34.94 13.31
C MET A 527 26.35 35.88 14.31
N ILE A 528 27.68 35.81 14.42
CA ILE A 528 28.40 36.72 15.32
C ILE A 528 28.22 38.16 14.88
N VAL A 529 28.35 38.41 13.57
CA VAL A 529 28.21 39.76 13.05
C VAL A 529 26.81 40.31 13.32
N LEU A 530 25.79 39.48 13.08
CA LEU A 530 24.42 39.89 13.34
C LEU A 530 24.15 40.12 14.82
N SER A 531 24.72 39.30 15.70
CA SER A 531 24.56 39.52 17.14
C SER A 531 25.21 40.82 17.56
N GLU A 532 26.33 41.17 16.93
CA GLU A 532 27.01 42.44 17.21
C GLU A 532 26.40 43.60 16.43
N ILE A 533 25.43 43.34 15.57
CA ILE A 533 24.80 44.39 14.78
C ILE A 533 23.73 45.14 15.58
N GLY A 534 22.83 44.40 16.24
CA GLY A 534 21.79 45.00 17.04
C GLY A 534 20.43 45.09 16.37
N VAL A 535 20.30 44.58 15.15
CA VAL A 535 19.04 44.63 14.41
C VAL A 535 18.31 43.28 14.46
N ASN A 536 18.68 42.41 15.39
CA ASN A 536 18.09 41.09 15.58
C ASN A 536 18.45 40.15 14.44
N ILE A 537 18.71 38.88 14.76
CA ILE A 537 19.11 37.89 13.78
C ILE A 537 17.84 37.20 13.26
N ALA A 538 16.68 37.73 13.65
CA ALA A 538 15.40 37.06 13.44
C ALA A 538 15.18 36.51 12.04
N PRO A 539 15.41 37.25 10.94
CA PRO A 539 15.24 36.64 9.61
C PRO A 539 16.23 35.51 9.37
N LEU A 540 17.51 35.79 9.57
CA LEU A 540 18.53 34.76 9.37
C LEU A 540 18.41 33.64 10.38
N LEU A 541 18.07 33.96 11.63
CA LEU A 541 17.88 32.91 12.63
C LEU A 541 16.70 32.02 12.27
N ALA A 542 15.61 32.61 11.76
CA ALA A 542 14.47 31.82 11.34
C ALA A 542 14.83 30.94 10.14
N GLY A 543 15.60 31.48 9.20
CA GLY A 543 16.05 30.66 8.08
C GLY A 543 16.91 29.49 8.51
N ALA A 544 17.84 29.74 9.44
CA ALA A 544 18.66 28.66 9.97
C ALA A 544 17.82 27.64 10.71
N GLY A 545 16.82 28.10 11.47
CA GLY A 545 15.92 27.17 12.15
C GLY A 545 15.13 26.31 11.18
N ALA A 546 14.64 26.91 10.10
CA ALA A 546 13.94 26.14 9.08
C ALA A 546 14.84 25.11 8.42
N LEU A 547 16.09 25.50 8.12
CA LEU A 547 17.03 24.55 7.56
C LEU A 547 17.31 23.41 8.52
N GLY A 548 17.49 23.72 9.81
CA GLY A 548 17.71 22.66 10.79
C GLY A 548 16.50 21.75 10.95
N LEU A 549 15.30 22.32 10.88
CA LEU A 549 14.09 21.51 10.94
C LEU A 549 14.01 20.56 9.75
N ALA A 550 14.35 21.05 8.55
CA ALA A 550 14.37 20.19 7.38
C ALA A 550 15.41 19.08 7.53
N ILE A 551 16.59 19.42 8.06
CA ILE A 551 17.63 18.41 8.26
C ILE A 551 17.16 17.35 9.23
N SER A 552 16.54 17.76 10.34
CA SER A 552 16.03 16.81 11.33
C SER A 552 14.93 15.94 10.74
N PHE A 553 14.05 16.54 9.92
CA PHE A 553 12.97 15.77 9.31
C PHE A 553 13.52 14.73 8.33
N GLY A 554 14.56 15.10 7.57
CA GLY A 554 15.13 14.17 6.61
C GLY A 554 16.03 13.10 7.18
N SER A 555 16.38 13.20 8.46
CA SER A 555 17.29 12.25 9.09
C SER A 555 16.57 11.21 9.94
N GLN A 556 15.24 11.11 9.82
CA GLN A 556 14.50 10.10 10.58
C GLN A 556 14.96 8.69 10.23
N THR A 557 15.10 8.42 8.95
CA THR A 557 15.40 7.06 8.49
C THR A 557 16.75 6.60 9.00
N LEU A 558 17.75 7.49 9.00
CA LEU A 558 19.10 7.09 9.39
C LEU A 558 19.17 6.67 10.84
N VAL A 559 18.64 7.50 11.74
CA VAL A 559 18.62 7.13 13.15
C VAL A 559 17.74 5.92 13.36
N LYS A 560 16.70 5.75 12.54
CA LYS A 560 15.89 4.55 12.61
C LYS A 560 16.72 3.30 12.32
N ASP A 561 17.53 3.34 11.26
CA ASP A 561 18.39 2.19 10.98
C ASP A 561 19.37 1.95 12.11
N ILE A 562 19.96 3.03 12.65
CA ILE A 562 20.95 2.86 13.70
C ILE A 562 20.34 2.17 14.92
N ILE A 563 19.19 2.68 15.37
CA ILE A 563 18.54 2.09 16.54
C ILE A 563 18.10 0.67 16.27
N THR A 564 17.52 0.41 15.09
CA THR A 564 17.04 -0.92 14.78
C THR A 564 18.18 -1.93 14.75
N GLY A 565 19.31 -1.56 14.12
CA GLY A 565 20.45 -2.46 14.10
C GLY A 565 21.03 -2.69 15.48
N VAL A 566 21.14 -1.63 16.28
CA VAL A 566 21.65 -1.78 17.65
C VAL A 566 20.78 -2.75 18.43
N PHE A 567 19.46 -2.62 18.32
CA PHE A 567 18.57 -3.52 19.03
C PHE A 567 18.64 -4.94 18.48
N ILE A 568 18.81 -5.09 17.16
CA ILE A 568 18.88 -6.41 16.56
C ILE A 568 20.11 -7.16 17.05
N GLN A 569 21.27 -6.50 17.08
CA GLN A 569 22.45 -7.15 17.63
C GLN A 569 22.35 -7.37 19.13
N PHE A 570 21.50 -6.60 19.83
CA PHE A 570 21.35 -6.77 21.26
C PHE A 570 20.72 -8.11 21.60
N GLU A 571 19.74 -8.55 20.81
CA GLU A 571 19.03 -9.80 21.06
C GLU A 571 19.65 -10.99 20.33
N ASN A 572 20.84 -10.81 19.74
CA ASN A 572 21.52 -11.87 19.00
C ASN A 572 20.63 -12.39 17.85
N GLY A 573 19.91 -11.46 17.22
CA GLY A 573 19.03 -11.86 16.14
C GLY A 573 19.77 -12.35 14.91
N MET A 574 20.91 -11.73 14.60
CA MET A 574 21.64 -12.04 13.38
C MET A 574 23.13 -12.10 13.67
N ASN A 575 23.79 -13.12 13.15
CA ASN A 575 25.25 -13.22 13.17
C ASN A 575 25.77 -13.22 11.75
N THR A 576 27.08 -13.38 11.57
CA THR A 576 27.69 -13.37 10.25
C THR A 576 27.83 -14.81 9.76
N GLY A 577 27.37 -15.06 8.54
CA GLY A 577 27.47 -16.36 7.91
C GLY A 577 26.22 -17.21 7.99
N ASP A 578 25.26 -16.84 8.82
CA ASP A 578 24.05 -17.64 8.97
C ASP A 578 23.07 -17.36 7.83
N LEU A 579 22.18 -18.32 7.61
CA LEU A 579 21.15 -18.21 6.57
C LEU A 579 19.92 -17.53 7.15
N VAL A 580 19.50 -16.43 6.51
CA VAL A 580 18.37 -15.64 6.97
C VAL A 580 17.38 -15.47 5.82
N THR A 581 16.23 -14.90 6.15
CA THR A 581 15.19 -14.59 5.15
C THR A 581 14.58 -13.25 5.53
N ILE A 582 14.91 -12.22 4.77
CA ILE A 582 14.40 -10.86 4.99
C ILE A 582 13.47 -10.55 3.83
N GLY A 583 12.16 -10.64 4.09
CA GLY A 583 11.18 -10.43 3.05
C GLY A 583 11.27 -11.48 1.96
N PRO A 584 11.39 -11.02 0.71
CA PRO A 584 11.50 -11.96 -0.42
C PRO A 584 12.91 -12.43 -0.73
N LEU A 585 13.86 -12.23 0.18
CA LEU A 585 15.26 -12.55 -0.06
C LEU A 585 15.73 -13.59 0.95
N THR A 586 16.42 -14.63 0.47
CA THR A 586 17.03 -15.64 1.32
C THR A 586 18.51 -15.74 0.98
N GLY A 587 19.36 -15.62 1.98
CA GLY A 587 20.79 -15.68 1.75
C GLY A 587 21.55 -15.73 3.05
N THR A 588 22.88 -15.67 2.92
CA THR A 588 23.79 -15.74 4.05
C THR A 588 24.33 -14.35 4.36
N VAL A 589 24.30 -13.98 5.64
CA VAL A 589 24.80 -12.67 6.05
C VAL A 589 26.31 -12.62 5.85
N GLU A 590 26.79 -11.56 5.21
CA GLU A 590 28.21 -11.38 4.93
C GLU A 590 28.84 -10.35 5.86
N ARG A 591 28.21 -9.21 6.05
CA ARG A 591 28.71 -8.20 6.97
C ARG A 591 27.57 -7.26 7.35
N MET A 592 27.68 -6.67 8.54
CA MET A 592 26.71 -5.71 9.04
C MET A 592 27.40 -4.38 9.27
N SER A 593 26.86 -3.33 8.67
CA SER A 593 27.37 -1.99 8.90
C SER A 593 26.57 -1.33 10.02
N ILE A 594 26.76 -0.01 10.20
CA ILE A 594 25.99 0.69 11.22
C ILE A 594 24.58 0.99 10.71
N ARG A 595 24.40 1.05 9.39
CA ARG A 595 23.12 1.42 8.81
C ARG A 595 22.44 0.30 8.02
N SER A 596 23.19 -0.71 7.57
CA SER A 596 22.62 -1.75 6.72
C SER A 596 23.29 -3.08 7.02
N VAL A 597 22.86 -4.11 6.30
CA VAL A 597 23.44 -5.45 6.40
C VAL A 597 23.57 -6.02 5.00
N GLY A 598 24.71 -6.65 4.71
CA GLY A 598 24.95 -7.26 3.42
C GLY A 598 24.59 -8.74 3.45
N VAL A 599 23.85 -9.16 2.43
CA VAL A 599 23.39 -10.53 2.31
C VAL A 599 23.79 -11.06 0.93
N ARG A 600 24.35 -12.26 0.89
CA ARG A 600 24.78 -12.89 -0.35
C ARG A 600 23.72 -13.88 -0.80
N GLN A 601 23.16 -13.65 -1.99
CA GLN A 601 22.15 -14.53 -2.53
C GLN A 601 22.79 -15.73 -3.22
N ASP A 602 21.98 -16.75 -3.49
CA ASP A 602 22.47 -17.95 -4.16
C ASP A 602 22.80 -17.73 -5.63
N THR A 603 22.44 -16.57 -6.19
CA THR A 603 22.84 -16.21 -7.54
C THR A 603 24.11 -15.37 -7.57
N GLY A 604 24.73 -15.14 -6.41
CA GLY A 604 25.93 -14.34 -6.33
C GLY A 604 25.70 -12.85 -6.13
N ALA A 605 24.46 -12.39 -6.20
CA ALA A 605 24.17 -10.98 -6.01
C ALA A 605 24.36 -10.59 -4.54
N TYR A 606 24.85 -9.37 -4.34
CA TYR A 606 25.12 -8.84 -3.00
C TYR A 606 24.09 -7.77 -2.68
N HIS A 607 23.24 -8.04 -1.70
CA HIS A 607 22.15 -7.15 -1.35
C HIS A 607 22.52 -6.31 -0.13
N ILE A 608 22.19 -5.03 -0.19
CA ILE A 608 22.40 -4.10 0.92
C ILE A 608 21.03 -3.71 1.47
N ILE A 609 20.77 -4.09 2.72
CA ILE A 609 19.46 -3.90 3.33
C ILE A 609 19.58 -3.04 4.58
N PRO A 610 19.08 -1.81 4.58
CA PRO A 610 19.09 -1.01 5.80
C PRO A 610 18.22 -1.62 6.89
N TRP A 611 18.59 -1.30 8.14
CA TRP A 611 17.92 -1.90 9.29
C TRP A 611 16.46 -1.47 9.38
N SER A 612 16.16 -0.21 9.07
CA SER A 612 14.78 0.25 9.15
C SER A 612 13.90 -0.44 8.11
N SER A 613 14.46 -0.76 6.94
CA SER A 613 13.73 -1.55 5.96
C SER A 613 13.41 -2.94 6.48
N ILE A 614 14.19 -3.45 7.42
CA ILE A 614 13.92 -4.75 8.03
C ILE A 614 12.87 -4.59 9.12
N THR A 615 11.79 -5.34 9.03
CA THR A 615 10.74 -5.33 10.04
C THR A 615 10.45 -6.73 10.57
N THR A 616 10.74 -7.77 9.79
CA THR A 616 10.55 -9.15 10.23
C THR A 616 11.47 -10.04 9.41
N PHE A 617 12.22 -10.91 10.10
CA PHE A 617 13.16 -11.80 9.44
C PHE A 617 13.21 -13.12 10.19
N ALA A 618 13.66 -14.15 9.49
CA ALA A 618 13.78 -15.50 10.04
C ALA A 618 15.23 -15.95 9.99
N ASN A 619 15.62 -16.75 10.97
CA ASN A 619 16.97 -17.29 11.06
C ASN A 619 16.92 -18.81 11.12
N PHE A 620 17.70 -19.45 10.25
CA PHE A 620 17.66 -20.90 10.10
C PHE A 620 18.70 -21.62 10.95
N VAL A 621 19.60 -20.90 11.62
CA VAL A 621 20.62 -21.56 12.43
C VAL A 621 20.25 -21.63 13.90
N ARG A 622 19.35 -20.77 14.37
CA ARG A 622 18.90 -20.84 15.75
C ARG A 622 18.04 -22.09 15.97
N GLY A 623 18.32 -22.81 17.04
CA GLY A 623 17.49 -23.96 17.39
C GLY A 623 17.75 -25.17 16.50
N ILE A 624 16.65 -25.69 15.93
CA ILE A 624 16.68 -26.94 15.19
C ILE A 624 16.14 -26.74 13.78
N GLY A 625 16.03 -27.83 13.03
CA GLY A 625 15.40 -27.80 11.72
C GLY A 625 14.44 -28.94 11.58
N SER A 626 13.48 -28.80 10.68
CA SER A 626 12.45 -29.81 10.49
C SER A 626 12.02 -29.80 9.04
N VAL A 627 11.42 -30.91 8.61
CA VAL A 627 10.81 -31.03 7.29
C VAL A 627 9.38 -31.49 7.45
N VAL A 628 8.49 -30.96 6.61
CA VAL A 628 7.12 -31.43 6.48
C VAL A 628 6.90 -31.72 5.01
N ALA A 629 6.69 -32.98 4.67
CA ALA A 629 6.61 -33.41 3.28
C ALA A 629 5.19 -33.86 2.97
N ASN A 630 4.59 -33.27 1.95
CA ASN A 630 3.25 -33.63 1.48
C ASN A 630 3.37 -34.16 0.06
N TYR A 631 2.77 -35.33 -0.18
CA TYR A 631 2.82 -35.97 -1.49
C TYR A 631 1.40 -36.28 -1.94
N ASP A 632 1.07 -35.90 -3.17
CA ASP A 632 -0.28 -36.03 -3.68
C ASP A 632 -0.43 -37.35 -4.44
N VAL A 633 -1.46 -38.11 -4.06
CA VAL A 633 -1.82 -39.37 -4.72
C VAL A 633 -3.24 -39.24 -5.21
N ASP A 634 -3.51 -39.75 -6.40
CA ASP A 634 -4.83 -39.55 -7.00
C ASP A 634 -5.90 -40.31 -6.20
N ARG A 635 -7.13 -39.82 -6.33
CA ARG A 635 -8.23 -40.29 -5.48
C ARG A 635 -8.60 -41.74 -5.77
N HIS A 636 -8.39 -42.20 -7.01
CA HIS A 636 -8.94 -43.49 -7.42
C HIS A 636 -8.33 -44.66 -6.66
N GLU A 637 -7.02 -44.63 -6.41
CA GLU A 637 -6.40 -45.74 -5.70
C GLU A 637 -6.76 -45.71 -4.22
N ASP A 638 -6.36 -46.76 -3.51
CA ASP A 638 -6.67 -46.92 -2.10
C ASP A 638 -5.55 -46.36 -1.23
N ALA A 639 -5.93 -45.94 -0.03
CA ALA A 639 -5.00 -45.27 0.86
C ALA A 639 -4.00 -46.23 1.51
N ASP A 640 -4.43 -47.46 1.79
CA ASP A 640 -3.58 -48.39 2.51
C ASP A 640 -2.32 -48.74 1.72
N LYS A 641 -2.47 -48.96 0.42
CA LYS A 641 -1.32 -49.29 -0.42
C LYS A 641 -0.36 -48.11 -0.55
N ALA A 642 -0.90 -46.92 -0.81
CA ALA A 642 -0.05 -45.74 -0.97
C ALA A 642 0.64 -45.37 0.34
N ASN A 643 -0.09 -45.44 1.46
CA ASN A 643 0.51 -45.13 2.74
C ASN A 643 1.60 -46.14 3.09
N GLN A 644 1.37 -47.42 2.77
CA GLN A 644 2.40 -48.43 3.00
C GLN A 644 3.63 -48.17 2.12
N ALA A 645 3.40 -47.74 0.87
CA ALA A 645 4.53 -47.42 0.00
C ALA A 645 5.34 -46.25 0.55
N LEU A 646 4.65 -45.22 1.06
CA LEU A 646 5.35 -44.10 1.67
C LEU A 646 6.13 -44.54 2.91
N LYS A 647 5.52 -45.41 3.72
CA LYS A 647 6.19 -45.92 4.90
C LYS A 647 7.45 -46.70 4.53
N ASP A 648 7.36 -47.54 3.49
CA ASP A 648 8.52 -48.29 3.03
C ASP A 648 9.60 -47.34 2.50
N ALA A 649 9.20 -46.29 1.79
CA ALA A 649 10.17 -45.32 1.28
C ALA A 649 10.90 -44.64 2.43
N VAL A 650 10.17 -44.28 3.50
CA VAL A 650 10.82 -43.69 4.67
C VAL A 650 11.73 -44.70 5.34
N ALA A 651 11.33 -45.97 5.35
CA ALA A 651 12.14 -47.01 5.99
C ALA A 651 13.49 -47.15 5.31
N GLU A 652 13.51 -47.15 3.97
CA GLU A 652 14.76 -47.23 3.23
C GLU A 652 15.64 -46.03 3.54
N LEU A 653 15.01 -44.85 3.69
CA LEU A 653 15.77 -43.67 4.07
C LEU A 653 16.37 -43.82 5.46
N MET A 654 15.64 -44.43 6.39
CA MET A 654 16.11 -44.55 7.77
C MET A 654 17.36 -45.43 7.86
N GLU A 655 17.38 -46.53 7.11
CA GLU A 655 18.52 -47.44 7.22
C GLU A 655 19.80 -46.88 6.60
N ASN A 656 19.68 -45.84 5.78
CA ASN A 656 20.86 -45.11 5.34
C ASN A 656 21.53 -44.43 6.54
N GLU A 657 22.86 -44.41 6.53
CA GLU A 657 23.57 -44.08 7.77
C GLU A 657 23.79 -42.58 7.98
N GLU A 658 24.32 -41.85 7.00
CA GLU A 658 24.54 -40.43 7.24
C GLU A 658 23.22 -39.67 7.26
N ILE A 659 22.25 -40.10 6.46
CA ILE A 659 20.92 -39.48 6.50
C ILE A 659 20.30 -39.66 7.88
N ARG A 660 20.37 -40.89 8.42
CA ARG A 660 19.86 -41.12 9.77
C ARG A 660 20.64 -40.34 10.80
N GLY A 661 21.92 -40.08 10.53
CA GLY A 661 22.69 -39.22 11.40
C GLY A 661 22.17 -37.79 11.38
N LEU A 662 21.71 -37.33 10.22
CA LEU A 662 21.12 -36.00 10.13
C LEU A 662 19.80 -35.92 10.89
N ILE A 663 18.96 -36.94 10.76
CA ILE A 663 17.66 -36.94 11.42
C ILE A 663 17.83 -37.11 12.92
N ILE A 664 16.93 -36.50 13.68
CA ILE A 664 16.94 -36.59 15.15
C ILE A 664 15.62 -37.16 15.65
N GLY A 665 15.57 -38.48 15.82
CA GLY A 665 14.38 -39.11 16.34
C GLY A 665 13.73 -40.09 15.37
N GLU A 666 12.40 -40.03 15.27
CA GLU A 666 11.66 -40.94 14.41
C GLU A 666 10.69 -40.16 13.53
N PRO A 667 10.33 -40.67 12.35
CA PRO A 667 9.37 -39.97 11.51
C PRO A 667 7.97 -39.96 12.12
N ASN A 668 7.20 -38.94 11.76
CA ASN A 668 5.83 -38.74 12.23
C ASN A 668 4.91 -38.86 11.03
N PHE A 669 4.27 -40.02 10.90
CA PHE A 669 3.33 -40.25 9.80
C PHE A 669 1.96 -39.72 10.18
N ALA A 670 1.38 -38.90 9.30
CA ALA A 670 0.06 -38.32 9.57
C ALA A 670 -1.04 -38.90 8.70
N GLY A 671 -0.69 -39.65 7.66
CA GLY A 671 -1.72 -40.21 6.79
C GLY A 671 -2.33 -39.16 5.90
N ILE A 672 -3.59 -39.37 5.52
CA ILE A 672 -4.28 -38.41 4.65
C ILE A 672 -4.50 -37.11 5.42
N VAL A 673 -4.13 -35.99 4.80
CA VAL A 673 -4.26 -34.70 5.44
C VAL A 673 -5.07 -33.75 4.56
N GLY A 674 -5.59 -34.27 3.45
CA GLY A 674 -6.42 -33.45 2.58
C GLY A 674 -7.02 -34.26 1.46
N LEU A 675 -8.15 -33.77 0.95
CA LEU A 675 -8.84 -34.39 -0.18
C LEU A 675 -9.11 -33.33 -1.23
N SER A 676 -8.78 -33.63 -2.48
CA SER A 676 -9.06 -32.75 -3.61
C SER A 676 -10.06 -33.43 -4.54
N ASN A 677 -10.40 -32.74 -5.61
CA ASN A 677 -11.30 -33.32 -6.60
C ASN A 677 -10.64 -34.44 -7.39
N THR A 678 -9.31 -34.51 -7.41
CA THR A 678 -8.62 -35.54 -8.18
C THR A 678 -7.44 -36.15 -7.44
N ALA A 679 -7.25 -35.85 -6.15
CA ALA A 679 -6.10 -36.36 -5.44
C ALA A 679 -6.35 -36.32 -3.95
N PHE A 680 -5.51 -37.06 -3.21
CA PHE A 680 -5.41 -36.96 -1.76
C PHE A 680 -3.93 -36.89 -1.41
N THR A 681 -3.63 -36.25 -0.29
CA THR A 681 -2.26 -35.95 0.09
C THR A 681 -1.89 -36.65 1.39
N LEU A 682 -0.66 -37.15 1.44
CA LEU A 682 -0.11 -37.82 2.62
C LEU A 682 1.04 -37.00 3.19
N ARG A 683 1.11 -36.93 4.51
CA ARG A 683 2.09 -36.09 5.19
C ARG A 683 3.00 -36.93 6.08
N VAL A 684 4.30 -36.65 6.00
CA VAL A 684 5.28 -37.24 6.90
C VAL A 684 6.26 -36.13 7.29
N SER A 685 6.56 -36.02 8.58
CA SER A 685 7.37 -34.93 9.10
C SER A 685 8.53 -35.47 9.93
N PHE A 686 9.65 -34.78 9.85
CA PHE A 686 10.87 -35.13 10.58
C PHE A 686 11.31 -33.95 11.45
N THR A 687 12.44 -34.14 12.13
CA THR A 687 13.15 -33.07 12.80
C THR A 687 14.63 -33.39 12.74
N THR A 688 15.42 -32.50 12.14
CA THR A 688 16.80 -32.78 11.80
C THR A 688 17.72 -31.71 12.41
N LEU A 689 18.98 -31.77 12.03
CA LEU A 689 19.95 -30.77 12.42
C LEU A 689 19.68 -29.46 11.69
N PRO A 690 20.13 -28.33 12.23
CA PRO A 690 19.97 -27.06 11.52
C PRO A 690 20.64 -27.09 10.15
N LEU A 691 20.00 -26.44 9.18
CA LEU A 691 20.48 -26.29 7.81
C LEU A 691 20.63 -27.62 7.07
N LYS A 692 20.12 -28.71 7.64
CA LYS A 692 20.20 -30.02 7.00
C LYS A 692 18.84 -30.50 6.51
N GLN A 693 17.81 -29.67 6.58
CA GLN A 693 16.48 -30.10 6.19
C GLN A 693 16.36 -30.32 4.69
N TRP A 694 17.09 -29.55 3.88
CA TRP A 694 16.90 -29.61 2.44
C TRP A 694 17.51 -30.88 1.84
N THR A 695 18.67 -31.31 2.33
CA THR A 695 19.26 -32.55 1.85
C THR A 695 18.36 -33.74 2.18
N VAL A 696 17.85 -33.77 3.41
CA VAL A 696 16.91 -34.82 3.82
C VAL A 696 15.67 -34.79 2.95
N ARG A 697 15.16 -33.58 2.66
CA ARG A 697 13.98 -33.45 1.82
C ARG A 697 14.23 -34.00 0.42
N PHE A 698 15.39 -33.68 -0.17
CA PHE A 698 15.69 -34.17 -1.51
C PHE A 698 15.84 -35.68 -1.52
N ALA A 699 16.53 -36.24 -0.53
CA ALA A 699 16.67 -37.70 -0.45
C ALA A 699 15.32 -38.36 -0.28
N LEU A 700 14.46 -37.79 0.56
CA LEU A 700 13.12 -38.32 0.76
C LEU A 700 12.31 -38.27 -0.53
N ASP A 701 12.42 -37.17 -1.28
CA ASP A 701 11.71 -37.07 -2.54
C ASP A 701 12.15 -38.14 -3.52
N SER A 702 13.47 -38.35 -3.62
CA SER A 702 13.97 -39.39 -4.54
C SER A 702 13.48 -40.77 -4.13
N GLN A 703 13.58 -41.09 -2.83
CA GLN A 703 13.13 -42.41 -2.38
C GLN A 703 11.63 -42.58 -2.55
N VAL A 704 10.86 -41.51 -2.32
CA VAL A 704 9.41 -41.57 -2.48
C VAL A 704 9.05 -41.83 -3.94
N LYS A 705 9.73 -41.15 -4.87
CA LYS A 705 9.47 -41.40 -6.28
C LYS A 705 9.80 -42.84 -6.64
N LYS A 706 10.95 -43.33 -6.17
CA LYS A 706 11.36 -44.69 -6.50
C LYS A 706 10.36 -45.71 -5.97
N HIS A 707 9.93 -45.56 -4.72
CA HIS A 707 9.03 -46.54 -4.13
C HIS A 707 7.61 -46.41 -4.68
N PHE A 708 7.19 -45.21 -5.05
CA PHE A 708 5.89 -45.05 -5.71
C PHE A 708 5.91 -45.75 -7.07
N ASP A 709 7.02 -45.62 -7.80
CA ASP A 709 7.14 -46.36 -9.06
C ASP A 709 7.13 -47.87 -8.82
N LEU A 710 7.82 -48.32 -7.78
CA LEU A 710 7.86 -49.75 -7.49
C LEU A 710 6.49 -50.30 -7.14
N ALA A 711 5.74 -49.57 -6.30
CA ALA A 711 4.45 -50.05 -5.82
C ALA A 711 3.31 -49.82 -6.81
N GLY A 712 3.56 -49.15 -7.92
CA GLY A 712 2.51 -48.88 -8.87
C GLY A 712 1.55 -47.77 -8.48
N VAL A 713 1.96 -46.89 -7.58
CA VAL A 713 1.11 -45.77 -7.17
C VAL A 713 1.07 -44.74 -8.29
N ARG A 714 -0.13 -44.28 -8.62
CA ARG A 714 -0.30 -43.33 -9.71
C ARG A 714 -0.32 -41.90 -9.21
N ALA A 715 0.16 -41.00 -10.06
CA ALA A 715 0.09 -39.56 -9.81
C ALA A 715 -1.30 -39.05 -10.13
N PRO A 716 -1.68 -37.88 -9.60
CA PRO A 716 -2.99 -37.31 -9.92
C PRO A 716 -3.18 -37.09 -11.42
N VAL A 717 -4.37 -37.42 -11.90
CA VAL A 717 -4.70 -37.38 -13.32
C VAL A 717 -6.00 -36.62 -13.50
N GLN A 718 -6.03 -35.72 -14.48
CA GLN A 718 -7.26 -35.02 -14.81
C GLN A 718 -8.30 -35.98 -15.35
N THR A 719 -9.57 -35.63 -15.18
CA THR A 719 -10.69 -36.45 -15.65
C THR A 719 -11.78 -35.57 -16.21
N TYR A 720 -12.40 -36.02 -17.30
CA TYR A 720 -13.55 -35.32 -17.84
C TYR A 720 -14.49 -36.34 -18.49
N GLN A 721 -15.67 -35.87 -18.87
CA GLN A 721 -16.63 -36.69 -19.60
C GLN A 721 -17.07 -35.94 -20.86
N VAL A 722 -17.50 -36.70 -21.86
CA VAL A 722 -17.87 -36.16 -23.17
C VAL A 722 -19.39 -36.08 -23.25
N LEU A 723 -19.90 -34.93 -23.70
CA LEU A 723 -21.33 -34.70 -23.84
C LEU A 723 -22.06 -34.89 -22.51
N ALA B 471 32.98 26.36 41.17
CA ALA B 471 32.58 27.20 40.06
C ALA B 471 32.47 26.38 38.78
N LEU B 472 32.84 26.98 37.65
CA LEU B 472 32.81 26.28 36.38
C LEU B 472 33.76 25.09 36.38
N ILE B 473 34.97 25.28 36.93
CA ILE B 473 35.94 24.19 37.00
C ILE B 473 35.43 23.07 37.90
N LEU B 474 34.80 23.42 39.01
CA LEU B 474 34.24 22.40 39.89
C LEU B 474 33.13 21.61 39.20
N PHE B 475 32.27 22.32 38.44
CA PHE B 475 31.25 21.62 37.66
C PHE B 475 31.87 20.78 36.56
N PHE B 476 32.95 21.26 35.94
CA PHE B 476 33.61 20.49 34.90
C PHE B 476 34.21 19.20 35.46
N SER B 477 34.78 19.26 36.67
CA SER B 477 35.29 18.05 37.30
C SER B 477 34.16 17.07 37.61
N ALA B 478 32.99 17.57 37.99
CA ALA B 478 31.85 16.70 38.23
C ALA B 478 31.44 15.97 36.97
N VAL B 479 31.49 16.65 35.82
CA VAL B 479 31.16 16.02 34.55
C VAL B 479 32.15 14.89 34.25
N GLY B 480 33.43 15.15 34.47
CA GLY B 480 34.43 14.12 34.25
C GLY B 480 34.25 12.94 35.18
N TRP B 481 33.91 13.20 36.44
CA TRP B 481 33.65 12.12 37.39
C TRP B 481 32.47 11.27 36.96
N THR B 482 31.39 11.92 36.49
CA THR B 482 30.23 11.18 36.02
C THR B 482 30.53 10.40 34.75
N VAL B 483 31.39 10.95 33.88
CA VAL B 483 31.75 10.26 32.64
C VAL B 483 32.47 8.95 32.96
N LEU B 484 33.39 8.98 33.93
CA LEU B 484 34.07 7.75 34.33
C LEU B 484 33.09 6.75 34.93
N ALA B 485 32.12 7.23 35.71
CA ALA B 485 31.11 6.34 36.27
C ALA B 485 30.28 5.68 35.16
N SER B 486 29.94 6.45 34.12
CA SER B 486 29.23 5.87 32.98
C SER B 486 30.08 4.82 32.27
N LEU B 487 31.38 5.09 32.11
CA LEU B 487 32.28 4.08 31.55
C LEU B 487 32.38 2.86 32.45
N ILE B 488 32.41 3.07 33.77
CA ILE B 488 32.36 1.94 34.69
C ILE B 488 31.02 1.24 34.59
N GLU B 489 29.93 1.99 34.41
CA GLU B 489 28.64 1.36 34.16
C GLU B 489 28.64 0.61 32.84
N ASN B 490 29.36 1.11 31.84
CA ASN B 490 29.52 0.37 30.59
C ASN B 490 30.29 -0.92 30.81
N ARG B 491 31.29 -0.91 31.69
CA ARG B 491 31.98 -2.15 32.05
C ARG B 491 31.03 -3.13 32.73
N LEU B 492 30.12 -2.63 33.58
CA LEU B 492 29.08 -3.48 34.13
C LEU B 492 28.18 -4.03 33.03
N ALA B 493 27.83 -3.19 32.05
CA ALA B 493 27.06 -3.66 30.91
C ALA B 493 27.84 -4.68 30.09
N SER B 494 29.18 -4.56 30.07
CA SER B 494 30.01 -5.53 29.37
C SER B 494 29.87 -6.90 30.01
N ASP B 495 29.82 -6.95 31.34
CA ASP B 495 29.60 -8.20 32.06
C ASP B 495 28.22 -8.76 31.72
N ILE B 496 27.22 -7.87 31.67
CA ILE B 496 25.86 -8.26 31.29
C ILE B 496 25.87 -8.75 29.84
N HIS B 497 26.53 -7.99 28.96
CA HIS B 497 26.68 -8.42 27.57
C HIS B 497 27.54 -9.67 27.47
N GLY B 498 28.37 -9.91 28.49
CA GLY B 498 29.26 -11.05 28.49
C GLY B 498 28.54 -12.38 28.63
N ARG B 499 27.24 -12.35 28.87
CA ARG B 499 26.46 -13.57 29.00
C ARG B 499 26.54 -14.37 27.69
N PRO B 500 26.69 -15.69 27.74
CA PRO B 500 26.79 -16.47 26.50
C PRO B 500 25.56 -16.37 25.62
N LEU B 501 24.38 -16.16 26.20
CA LEU B 501 23.17 -16.05 25.39
C LEU B 501 23.25 -14.91 24.38
N PRO B 502 23.68 -13.70 24.75
CA PRO B 502 23.75 -12.59 23.78
C PRO B 502 25.10 -12.54 23.06
N SER B 503 25.49 -13.67 22.47
CA SER B 503 26.71 -13.78 21.68
C SER B 503 27.96 -13.46 22.49
N ALA B 504 29.11 -13.35 21.82
CA ALA B 504 30.37 -13.04 22.48
C ALA B 504 31.07 -11.84 21.86
N ARG B 505 30.59 -11.33 20.73
CA ARG B 505 31.17 -10.16 20.07
C ARG B 505 30.57 -8.87 20.59
N THR B 506 30.69 -8.61 21.90
CA THR B 506 30.12 -7.41 22.51
C THR B 506 31.09 -6.25 22.43
N ARG B 507 32.25 -6.47 21.79
CA ARG B 507 33.26 -5.43 21.68
C ARG B 507 32.73 -4.22 20.90
N THR B 508 31.99 -4.49 19.82
CA THR B 508 31.44 -3.40 19.02
C THR B 508 30.44 -2.58 19.83
N LEU B 509 29.58 -3.25 20.60
CA LEU B 509 28.59 -2.53 21.40
C LEU B 509 29.26 -1.67 22.46
N LEU B 510 30.31 -2.20 23.09
CA LEU B 510 31.02 -1.43 24.11
C LEU B 510 31.66 -0.18 23.52
N THR B 511 32.23 -0.30 22.31
CA THR B 511 32.85 0.85 21.67
C THR B 511 31.81 1.94 21.39
N LEU B 512 30.62 1.54 20.96
CA LEU B 512 29.56 2.52 20.71
C LEU B 512 29.15 3.23 22.00
N PHE B 513 29.04 2.48 23.10
CA PHE B 513 28.70 3.10 24.38
C PHE B 513 29.77 4.07 24.83
N ARG B 514 31.04 3.69 24.67
CA ARG B 514 32.14 4.57 25.04
C ARG B 514 32.13 5.85 24.19
N ASN B 515 31.88 5.70 22.88
CA ASN B 515 31.81 6.87 22.02
C ASN B 515 30.65 7.77 22.41
N ALA B 516 29.50 7.20 22.75
CA ALA B 516 28.36 7.99 23.17
C ALA B 516 28.65 8.73 24.47
N LEU B 517 29.29 8.06 25.42
CA LEU B 517 29.64 8.72 26.68
C LEU B 517 30.61 9.86 26.44
N ALA B 518 31.62 9.63 25.58
CA ALA B 518 32.57 10.70 25.27
C ALA B 518 31.88 11.88 24.60
N VAL B 519 30.95 11.60 23.68
CA VAL B 519 30.24 12.66 22.98
C VAL B 519 29.39 13.46 23.97
N ILE B 520 28.73 12.77 24.90
CA ILE B 520 27.91 13.45 25.90
C ILE B 520 28.78 14.32 26.79
N ILE B 521 29.93 13.81 27.22
CA ILE B 521 30.83 14.59 28.07
C ILE B 521 31.33 15.82 27.33
N SER B 522 31.72 15.65 26.07
CA SER B 522 32.20 16.78 25.28
C SER B 522 31.11 17.81 25.08
N THR B 523 29.87 17.36 24.83
CA THR B 523 28.76 18.29 24.66
C THR B 523 28.50 19.07 25.94
N ILE B 524 28.55 18.39 27.09
CA ILE B 524 28.33 19.07 28.37
C ILE B 524 29.42 20.10 28.62
N THR B 525 30.68 19.73 28.36
CA THR B 525 31.79 20.65 28.58
C THR B 525 31.67 21.87 27.66
N ILE B 526 31.33 21.64 26.39
CA ILE B 526 31.19 22.74 25.44
C ILE B 526 30.03 23.64 25.84
N MET B 527 28.94 23.04 26.34
CA MET B 527 27.80 23.83 26.79
C MET B 527 28.17 24.71 27.97
N ILE B 528 28.93 24.16 28.92
CA ILE B 528 29.38 24.95 30.06
C ILE B 528 30.28 26.09 29.61
N VAL B 529 31.21 25.79 28.70
CA VAL B 529 32.14 26.82 28.21
C VAL B 529 31.37 27.93 27.50
N LEU B 530 30.41 27.56 26.66
CA LEU B 530 29.60 28.55 25.96
C LEU B 530 28.75 29.37 26.91
N SER B 531 28.19 28.75 27.95
CA SER B 531 27.41 29.50 28.92
C SER B 531 28.30 30.48 29.68
N GLU B 532 29.55 30.11 29.93
CA GLU B 532 30.51 31.01 30.57
C GLU B 532 31.16 31.97 29.60
N ILE B 533 30.87 31.84 28.30
CA ILE B 533 31.46 32.71 27.29
C ILE B 533 30.73 34.04 27.20
N GLY B 534 29.40 34.01 27.11
CA GLY B 534 28.60 35.22 27.05
C GLY B 534 28.15 35.61 25.65
N VAL B 535 28.47 34.81 24.63
CA VAL B 535 28.08 35.09 23.26
C VAL B 535 26.88 34.28 22.82
N ASN B 536 26.13 33.71 23.77
CA ASN B 536 24.94 32.90 23.53
C ASN B 536 25.31 31.55 22.91
N ILE B 537 24.61 30.50 23.33
CA ILE B 537 24.88 29.15 22.84
C ILE B 537 24.00 28.90 21.62
N ALA B 538 23.32 29.95 21.15
CA ALA B 538 22.25 29.83 20.16
C ALA B 538 22.59 28.96 18.95
N PRO B 539 23.75 29.11 18.27
CA PRO B 539 24.03 28.20 17.15
C PRO B 539 24.20 26.75 17.61
N LEU B 540 25.06 26.54 18.61
CA LEU B 540 25.29 25.19 19.12
C LEU B 540 24.05 24.64 19.81
N LEU B 541 23.31 25.48 20.55
CA LEU B 541 22.08 25.03 21.18
C LEU B 541 21.05 24.63 20.14
N ALA B 542 20.94 25.39 19.04
CA ALA B 542 20.02 25.03 17.98
C ALA B 542 20.44 23.73 17.30
N GLY B 543 21.74 23.54 17.09
CA GLY B 543 22.21 22.28 16.54
C GLY B 543 21.89 21.10 17.43
N ALA B 544 22.11 21.25 18.74
CA ALA B 544 21.77 20.19 19.68
C ALA B 544 20.28 19.92 19.69
N GLY B 545 19.46 20.98 19.61
CA GLY B 545 18.02 20.80 19.55
C GLY B 545 17.58 20.05 18.30
N ALA B 546 18.20 20.37 17.16
CA ALA B 546 17.89 19.65 15.92
C ALA B 546 18.28 18.18 16.03
N LEU B 547 19.45 17.91 16.61
CA LEU B 547 19.87 16.52 16.80
C LEU B 547 18.90 15.78 17.71
N GLY B 548 18.47 16.42 18.80
CA GLY B 548 17.52 15.78 19.69
C GLY B 548 16.18 15.56 19.03
N LEU B 549 15.74 16.50 18.20
CA LEU B 549 14.50 16.32 17.44
C LEU B 549 14.60 15.14 16.50
N ALA B 550 15.74 15.00 15.82
CA ALA B 550 15.93 13.85 14.93
C ALA B 550 15.93 12.55 15.72
N ILE B 551 16.57 12.54 16.89
CA ILE B 551 16.60 11.34 17.73
C ILE B 551 15.18 10.97 18.18
N SER B 552 14.40 11.97 18.59
CA SER B 552 13.03 11.71 19.00
C SER B 552 12.19 11.20 17.84
N PHE B 553 12.37 11.78 16.65
CA PHE B 553 11.62 11.35 15.49
C PHE B 553 11.95 9.91 15.11
N GLY B 554 13.23 9.53 15.19
CA GLY B 554 13.63 8.20 14.83
C GLY B 554 13.32 7.12 15.86
N SER B 555 12.90 7.50 17.06
CA SER B 555 12.63 6.56 18.13
C SER B 555 11.15 6.26 18.31
N GLN B 556 10.31 6.67 17.36
CA GLN B 556 8.88 6.39 17.47
C GLN B 556 8.62 4.88 17.49
N THR B 557 9.27 4.15 16.60
CA THR B 557 8.98 2.72 16.47
C THR B 557 9.33 1.95 17.73
N LEU B 558 10.45 2.31 18.38
CA LEU B 558 10.89 1.55 19.54
C LEU B 558 9.91 1.68 20.71
N VAL B 559 9.52 2.91 21.04
CA VAL B 559 8.54 3.10 22.10
C VAL B 559 7.20 2.50 21.69
N LYS B 560 6.90 2.50 20.38
CA LYS B 560 5.69 1.83 19.91
C LYS B 560 5.72 0.35 20.24
N ASP B 561 6.84 -0.33 19.96
CA ASP B 561 6.94 -1.75 20.30
C ASP B 561 6.82 -1.95 21.80
N ILE B 562 7.48 -1.09 22.59
CA ILE B 562 7.45 -1.26 24.04
C ILE B 562 6.02 -1.17 24.57
N ILE B 563 5.30 -0.13 24.16
CA ILE B 563 3.93 0.06 24.63
C ILE B 563 3.03 -1.08 24.14
N THR B 564 3.17 -1.47 22.87
CA THR B 564 2.32 -2.51 22.32
C THR B 564 2.55 -3.84 23.04
N GLY B 565 3.80 -4.19 23.31
CA GLY B 565 4.07 -5.42 24.04
C GLY B 565 3.56 -5.37 25.46
N VAL B 566 3.74 -4.23 26.13
CA VAL B 566 3.24 -4.08 27.49
C VAL B 566 1.72 -4.27 27.53
N PHE B 567 1.02 -3.69 26.56
CA PHE B 567 -0.44 -3.83 26.53
C PHE B 567 -0.85 -5.25 26.15
N ILE B 568 -0.10 -5.90 25.27
CA ILE B 568 -0.43 -7.27 24.86
C ILE B 568 -0.30 -8.22 26.04
N GLN B 569 0.78 -8.11 26.80
CA GLN B 569 0.92 -8.94 27.99
C GLN B 569 -0.11 -8.60 29.07
N PHE B 570 -0.63 -7.37 29.07
CA PHE B 570 -1.63 -6.98 30.07
C PHE B 570 -2.92 -7.77 29.90
N GLU B 571 -3.35 -7.97 28.66
CA GLU B 571 -4.61 -8.66 28.38
C GLU B 571 -4.44 -10.17 28.22
N ASN B 572 -3.28 -10.71 28.58
CA ASN B 572 -3.00 -12.14 28.45
C ASN B 572 -3.19 -12.61 27.01
N GLY B 573 -2.81 -11.76 26.06
CA GLY B 573 -2.99 -12.10 24.66
C GLY B 573 -2.09 -13.24 24.22
N MET B 574 -0.87 -13.30 24.73
CA MET B 574 0.11 -14.28 24.29
C MET B 574 0.87 -14.84 25.49
N ASN B 575 1.03 -16.15 25.52
CA ASN B 575 1.89 -16.81 26.49
C ASN B 575 3.00 -17.53 25.75
N THR B 576 3.85 -18.27 26.46
CA THR B 576 4.98 -18.97 25.86
C THR B 576 4.57 -20.41 25.56
N GLY B 577 4.80 -20.85 24.33
CA GLY B 577 4.52 -22.20 23.91
C GLY B 577 3.22 -22.39 23.15
N ASP B 578 2.35 -21.38 23.15
CA ASP B 578 1.07 -21.51 22.48
C ASP B 578 1.22 -21.26 20.97
N LEU B 579 0.26 -21.78 20.22
CA LEU B 579 0.24 -21.64 18.77
C LEU B 579 -0.50 -20.35 18.41
N VAL B 580 0.16 -19.48 17.65
CA VAL B 580 -0.38 -18.20 17.25
C VAL B 580 -0.29 -18.06 15.74
N THR B 581 -0.91 -16.99 15.23
CA THR B 581 -0.87 -16.66 13.81
C THR B 581 -0.75 -15.15 13.68
N ILE B 582 0.44 -14.67 13.34
CA ILE B 582 0.72 -13.25 13.17
C ILE B 582 0.94 -13.02 11.68
N GLY B 583 -0.08 -12.49 11.02
CA GLY B 583 -0.02 -12.28 9.59
C GLY B 583 0.08 -13.59 8.83
N PRO B 584 1.06 -13.69 7.95
CA PRO B 584 1.26 -14.92 7.18
C PRO B 584 2.08 -15.99 7.87
N LEU B 585 2.30 -15.87 9.18
CA LEU B 585 3.15 -16.80 9.92
C LEU B 585 2.32 -17.51 10.99
N THR B 586 2.49 -18.83 11.07
CA THR B 586 1.86 -19.64 12.11
C THR B 586 2.94 -20.44 12.82
N GLY B 587 2.98 -20.34 14.14
CA GLY B 587 4.00 -21.05 14.89
C GLY B 587 3.76 -20.93 16.38
N THR B 588 4.71 -21.47 17.14
CA THR B 588 4.63 -21.49 18.60
C THR B 588 5.55 -20.43 19.18
N VAL B 589 5.03 -19.65 20.13
CA VAL B 589 5.82 -18.61 20.77
C VAL B 589 6.94 -19.25 21.60
N GLU B 590 8.16 -18.77 21.42
CA GLU B 590 9.32 -19.30 22.13
C GLU B 590 9.78 -18.37 23.26
N ARG B 591 9.89 -17.07 22.99
CA ARG B 591 10.26 -16.11 24.02
C ARG B 591 9.84 -14.72 23.58
N MET B 592 9.53 -13.88 24.57
CA MET B 592 9.16 -12.49 24.32
C MET B 592 10.21 -11.58 24.93
N SER B 593 10.76 -10.68 24.13
CA SER B 593 11.66 -9.66 24.60
C SER B 593 10.87 -8.40 24.95
N ILE B 594 11.58 -7.29 25.18
CA ILE B 594 10.88 -6.04 25.45
C ILE B 594 10.42 -5.40 24.15
N ARG B 595 11.07 -5.72 23.03
CA ARG B 595 10.75 -5.11 21.75
C ARG B 595 10.19 -6.07 20.72
N SER B 596 10.39 -7.38 20.88
CA SER B 596 9.99 -8.33 19.86
C SER B 596 9.47 -9.60 20.53
N VAL B 597 9.04 -10.55 19.69
CA VAL B 597 8.62 -11.87 20.14
C VAL B 597 9.16 -12.90 19.16
N GLY B 598 9.71 -13.99 19.70
CA GLY B 598 10.26 -15.05 18.87
C GLY B 598 9.24 -16.15 18.66
N VAL B 599 9.08 -16.54 17.40
CA VAL B 599 8.12 -17.58 17.00
C VAL B 599 8.85 -18.64 16.21
N ARG B 600 8.60 -19.90 16.55
CA ARG B 600 9.24 -21.04 15.89
C ARG B 600 8.27 -21.60 14.85
N GLN B 601 8.68 -21.60 13.59
CA GLN B 601 7.85 -22.12 12.52
C GLN B 601 8.00 -23.64 12.42
N ASP B 602 7.09 -24.27 11.69
CA ASP B 602 7.14 -25.72 11.51
C ASP B 602 8.29 -26.18 10.63
N THR B 603 8.99 -25.26 9.96
CA THR B 603 10.19 -25.58 9.20
C THR B 603 11.46 -25.39 10.02
N GLY B 604 11.34 -25.04 11.29
CA GLY B 604 12.49 -24.82 12.14
C GLY B 604 13.03 -23.41 12.12
N ALA B 605 12.50 -22.54 11.25
CA ALA B 605 12.96 -21.16 11.20
C ALA B 605 12.50 -20.40 12.43
N TYR B 606 13.33 -19.47 12.90
CA TYR B 606 13.06 -18.68 14.08
C TYR B 606 12.79 -17.24 13.65
N HIS B 607 11.57 -16.78 13.87
CA HIS B 607 11.14 -15.46 13.42
C HIS B 607 11.15 -14.47 14.59
N ILE B 608 11.68 -13.29 14.34
CA ILE B 608 11.70 -12.20 15.31
C ILE B 608 10.74 -11.13 14.84
N ILE B 609 9.68 -10.91 15.61
CA ILE B 609 8.60 -10.01 15.22
C ILE B 609 8.45 -8.89 16.25
N PRO B 610 8.76 -7.65 15.91
CA PRO B 610 8.52 -6.54 16.85
C PRO B 610 7.05 -6.34 17.12
N TRP B 611 6.76 -5.74 18.28
CA TRP B 611 5.38 -5.60 18.71
C TRP B 611 4.61 -4.61 17.84
N SER B 612 5.26 -3.53 17.39
CA SER B 612 4.57 -2.57 16.55
C SER B 612 4.22 -3.17 15.20
N SER B 613 5.05 -4.08 14.69
CA SER B 613 4.71 -4.80 13.47
C SER B 613 3.47 -5.67 13.65
N ILE B 614 3.18 -6.08 14.88
CA ILE B 614 1.98 -6.85 15.17
C ILE B 614 0.80 -5.90 15.32
N THR B 615 -0.26 -6.14 14.54
CA THR B 615 -1.48 -5.35 14.63
C THR B 615 -2.71 -6.24 14.84
N THR B 616 -2.65 -7.50 14.44
CA THR B 616 -3.74 -8.43 14.66
C THR B 616 -3.18 -9.85 14.65
N PHE B 617 -3.53 -10.64 15.65
CA PHE B 617 -3.06 -12.00 15.76
C PHE B 617 -4.13 -12.88 16.38
N ALA B 618 -4.01 -14.19 16.13
CA ALA B 618 -4.95 -15.18 16.62
C ALA B 618 -4.23 -16.15 17.53
N ASN B 619 -4.94 -16.66 18.53
CA ASN B 619 -4.41 -17.62 19.48
C ASN B 619 -5.30 -18.86 19.49
N PHE B 620 -4.67 -20.03 19.35
CA PHE B 620 -5.39 -21.30 19.23
C PHE B 620 -5.57 -22.02 20.54
N VAL B 621 -4.93 -21.57 21.63
CA VAL B 621 -5.08 -22.25 22.91
C VAL B 621 -6.17 -21.63 23.78
N ARG B 622 -6.54 -20.38 23.53
CA ARG B 622 -7.63 -19.77 24.28
C ARG B 622 -8.96 -20.38 23.88
N GLY B 623 -9.74 -20.77 24.88
CA GLY B 623 -11.10 -21.24 24.62
C GLY B 623 -11.15 -22.67 24.12
N ILE B 624 -11.85 -22.86 23.01
CA ILE B 624 -12.19 -24.18 22.50
C ILE B 624 -11.67 -24.30 21.07
N GLY B 625 -11.81 -25.48 20.47
CA GLY B 625 -11.44 -25.66 19.08
C GLY B 625 -12.58 -26.30 18.32
N SER B 626 -12.58 -26.11 17.00
CA SER B 626 -13.66 -26.61 16.17
C SER B 626 -13.13 -26.93 14.78
N VAL B 627 -13.88 -27.75 14.06
CA VAL B 627 -13.60 -28.06 12.67
C VAL B 627 -14.86 -27.82 11.84
N VAL B 628 -14.69 -27.33 10.63
CA VAL B 628 -15.74 -27.22 9.64
C VAL B 628 -15.21 -27.89 8.37
N ALA B 629 -15.85 -28.98 7.96
CA ALA B 629 -15.36 -29.80 6.86
C ALA B 629 -16.34 -29.70 5.70
N ASN B 630 -15.84 -29.33 4.53
CA ASN B 630 -16.64 -29.26 3.30
C ASN B 630 -16.07 -30.24 2.30
N TYR B 631 -16.94 -31.06 1.72
CA TYR B 631 -16.54 -32.06 0.74
C TYR B 631 -17.38 -31.91 -0.52
N ASP B 632 -16.72 -31.88 -1.66
CA ASP B 632 -17.38 -31.66 -2.94
C ASP B 632 -17.79 -32.99 -3.56
N VAL B 633 -19.05 -33.08 -3.96
CA VAL B 633 -19.60 -34.26 -4.61
C VAL B 633 -20.12 -33.86 -5.98
N ASP B 634 -19.95 -34.75 -6.96
CA ASP B 634 -20.32 -34.45 -8.33
C ASP B 634 -21.83 -34.19 -8.39
N ARG B 635 -22.20 -33.23 -9.25
CA ARG B 635 -23.59 -32.81 -9.35
C ARG B 635 -24.49 -33.92 -9.88
N HIS B 636 -23.96 -34.79 -10.73
CA HIS B 636 -24.80 -35.77 -11.41
C HIS B 636 -25.43 -36.77 -10.45
N GLU B 637 -24.76 -37.07 -9.35
CA GLU B 637 -25.31 -38.01 -8.37
C GLU B 637 -26.39 -37.34 -7.54
N ASP B 638 -27.04 -38.14 -6.70
CA ASP B 638 -28.13 -37.70 -5.86
C ASP B 638 -27.62 -37.39 -4.45
N ALA B 639 -28.33 -36.45 -3.80
CA ALA B 639 -27.87 -35.95 -2.51
C ALA B 639 -28.08 -36.95 -1.38
N ASP B 640 -29.17 -37.73 -1.44
CA ASP B 640 -29.51 -38.62 -0.34
C ASP B 640 -28.43 -39.69 -0.13
N LYS B 641 -27.94 -40.26 -1.22
CA LYS B 641 -26.92 -41.31 -1.11
C LYS B 641 -25.60 -40.74 -0.58
N ALA B 642 -25.17 -39.60 -1.13
CA ALA B 642 -23.91 -39.01 -0.70
C ALA B 642 -23.98 -38.51 0.73
N ASN B 643 -25.10 -37.89 1.11
CA ASN B 643 -25.25 -37.43 2.49
C ASN B 643 -25.28 -38.60 3.45
N GLN B 644 -25.93 -39.70 3.06
CA GLN B 644 -25.93 -40.89 3.90
C GLN B 644 -24.53 -41.47 4.03
N ALA B 645 -23.76 -41.46 2.94
CA ALA B 645 -22.38 -41.94 3.01
C ALA B 645 -21.54 -41.09 3.94
N LEU B 646 -21.71 -39.77 3.88
CA LEU B 646 -20.99 -38.89 4.80
C LEU B 646 -21.42 -39.15 6.25
N LYS B 647 -22.72 -39.35 6.48
CA LYS B 647 -23.21 -39.65 7.82
C LYS B 647 -22.62 -40.95 8.35
N ASP B 648 -22.54 -41.97 7.50
CA ASP B 648 -21.94 -43.23 7.91
C ASP B 648 -20.45 -43.05 8.21
N ALA B 649 -19.76 -42.24 7.40
CA ALA B 649 -18.35 -41.98 7.66
C ALA B 649 -18.15 -41.31 9.01
N VAL B 650 -19.01 -40.35 9.35
CA VAL B 650 -18.92 -39.73 10.68
C VAL B 650 -19.26 -40.73 11.76
N ALA B 651 -20.20 -41.64 11.49
CA ALA B 651 -20.58 -42.63 12.49
C ALA B 651 -19.41 -43.55 12.86
N GLU B 652 -18.65 -43.99 11.85
CA GLU B 652 -17.48 -44.81 12.14
C GLU B 652 -16.46 -44.02 12.95
N LEU B 653 -16.30 -42.75 12.65
CA LEU B 653 -15.40 -41.90 13.44
C LEU B 653 -15.86 -41.79 14.89
N MET B 654 -17.18 -41.68 15.10
CA MET B 654 -17.70 -41.49 16.45
C MET B 654 -17.41 -42.69 17.34
N GLU B 655 -17.56 -43.91 16.79
CA GLU B 655 -17.40 -45.10 17.62
C GLU B 655 -15.94 -45.37 17.97
N ASN B 656 -15.00 -44.73 17.28
CA ASN B 656 -13.61 -44.74 17.72
C ASN B 656 -13.48 -44.02 19.06
N GLU B 657 -12.56 -44.51 19.90
CA GLU B 657 -12.60 -44.10 21.31
C GLU B 657 -11.79 -42.84 21.60
N GLU B 658 -10.51 -42.77 21.24
CA GLU B 658 -9.75 -41.57 21.57
C GLU B 658 -10.21 -40.39 20.72
N ILE B 659 -10.62 -40.64 19.48
CA ILE B 659 -11.16 -39.58 18.64
C ILE B 659 -12.42 -39.01 19.26
N ARG B 660 -13.32 -39.88 19.73
CA ARG B 660 -14.53 -39.41 20.39
C ARG B 660 -14.19 -38.69 21.69
N GLY B 661 -13.09 -39.09 22.34
CA GLY B 661 -12.63 -38.34 23.49
C GLY B 661 -12.19 -36.93 23.14
N LEU B 662 -11.59 -36.77 21.96
CA LEU B 662 -11.22 -35.44 21.51
C LEU B 662 -12.45 -34.57 21.23
N ILE B 663 -13.46 -35.15 20.59
CA ILE B 663 -14.66 -34.39 20.23
C ILE B 663 -15.47 -34.09 21.48
N ILE B 664 -16.14 -32.94 21.48
CA ILE B 664 -16.97 -32.52 22.60
C ILE B 664 -18.40 -32.29 22.12
N GLY B 665 -19.24 -33.32 22.22
CA GLY B 665 -20.63 -33.19 21.83
C GLY B 665 -21.02 -34.09 20.68
N GLU B 666 -21.79 -33.55 19.73
CA GLU B 666 -22.27 -34.32 18.59
C GLU B 666 -21.99 -33.57 17.29
N PRO B 667 -21.85 -34.27 16.17
CA PRO B 667 -21.65 -33.60 14.90
C PRO B 667 -22.87 -32.80 14.47
N ASN B 668 -22.61 -31.76 13.67
CA ASN B 668 -23.65 -30.88 13.14
C ASN B 668 -23.65 -31.03 11.62
N PHE B 669 -24.63 -31.77 11.11
CA PHE B 669 -24.75 -31.97 9.67
C PHE B 669 -25.57 -30.84 9.05
N ALA B 670 -25.03 -30.21 8.01
CA ALA B 670 -25.73 -29.11 7.36
C ALA B 670 -26.24 -29.47 5.98
N GLY B 671 -25.83 -30.61 5.41
CA GLY B 671 -26.29 -30.98 4.09
C GLY B 671 -25.62 -30.14 3.02
N ILE B 672 -26.34 -29.94 1.91
CA ILE B 672 -25.80 -29.14 0.82
C ILE B 672 -25.67 -27.70 1.27
N VAL B 673 -24.49 -27.11 1.04
CA VAL B 673 -24.23 -25.74 1.46
C VAL B 673 -23.79 -24.91 0.26
N GLY B 674 -23.77 -25.52 -0.92
CA GLY B 674 -23.43 -24.77 -2.12
C GLY B 674 -23.58 -25.62 -3.36
N LEU B 675 -23.79 -24.93 -4.48
CA LEU B 675 -23.91 -25.59 -5.78
C LEU B 675 -22.91 -24.94 -6.73
N SER B 676 -22.14 -25.76 -7.44
CA SER B 676 -21.21 -25.31 -8.45
C SER B 676 -21.70 -25.76 -9.83
N ASN B 677 -20.93 -25.42 -10.86
CA ASN B 677 -21.29 -25.82 -12.20
C ASN B 677 -21.10 -27.32 -12.42
N THR B 678 -20.27 -27.97 -11.61
CA THR B 678 -20.01 -29.40 -11.78
C THR B 678 -20.00 -30.16 -10.45
N ALA B 679 -20.40 -29.54 -9.35
CA ALA B 679 -20.32 -30.21 -8.06
C ALA B 679 -21.28 -29.54 -7.07
N PHE B 680 -21.54 -30.25 -5.98
CA PHE B 680 -22.20 -29.70 -4.81
C PHE B 680 -21.43 -30.12 -3.58
N THR B 681 -21.51 -29.31 -2.53
CA THR B 681 -20.68 -29.48 -1.35
C THR B 681 -21.53 -29.77 -0.12
N LEU B 682 -21.03 -30.67 0.73
CA LEU B 682 -21.68 -31.05 1.98
C LEU B 682 -20.81 -30.62 3.15
N ARG B 683 -21.46 -30.13 4.20
CA ARG B 683 -20.75 -29.58 5.36
C ARG B 683 -21.11 -30.34 6.62
N VAL B 684 -20.09 -30.66 7.42
CA VAL B 684 -20.27 -31.23 8.75
C VAL B 684 -19.27 -30.53 9.68
N SER B 685 -19.74 -30.11 10.84
CA SER B 685 -18.91 -29.33 11.76
C SER B 685 -18.91 -29.98 13.14
N PHE B 686 -17.78 -29.86 13.83
CA PHE B 686 -17.59 -30.40 15.17
C PHE B 686 -17.15 -29.29 16.12
N THR B 687 -16.88 -29.68 17.36
CA THR B 687 -16.19 -28.84 18.32
C THR B 687 -15.37 -29.75 19.23
N THR B 688 -14.06 -29.53 19.25
CA THR B 688 -13.13 -30.45 19.88
C THR B 688 -12.29 -29.71 20.91
N LEU B 689 -11.32 -30.42 21.46
CA LEU B 689 -10.39 -29.81 22.41
C LEU B 689 -9.46 -28.85 21.68
N PRO B 690 -8.90 -27.88 22.40
CA PRO B 690 -7.94 -26.97 21.77
C PRO B 690 -6.75 -27.72 21.20
N LEU B 691 -6.28 -27.25 20.04
CA LEU B 691 -5.13 -27.79 19.31
C LEU B 691 -5.34 -29.22 18.85
N LYS B 692 -6.56 -29.74 18.96
CA LYS B 692 -6.86 -31.10 18.53
C LYS B 692 -7.72 -31.15 17.27
N GLN B 693 -7.98 -29.99 16.65
CA GLN B 693 -8.86 -29.96 15.49
C GLN B 693 -8.24 -30.63 14.27
N TRP B 694 -6.91 -30.55 14.13
CA TRP B 694 -6.27 -31.04 12.92
C TRP B 694 -6.24 -32.56 12.86
N THR B 695 -5.98 -33.22 13.99
CA THR B 695 -6.01 -34.67 14.00
C THR B 695 -7.39 -35.21 13.69
N VAL B 696 -8.42 -34.59 14.28
CA VAL B 696 -9.80 -34.96 13.98
C VAL B 696 -10.11 -34.73 12.51
N ARG B 697 -9.62 -33.61 11.96
CA ARG B 697 -9.85 -33.32 10.55
C ARG B 697 -9.22 -34.37 9.66
N PHE B 698 -7.99 -34.77 9.96
CA PHE B 698 -7.31 -35.77 9.14
C PHE B 698 -8.01 -37.12 9.22
N ALA B 699 -8.41 -37.53 10.43
CA ALA B 699 -9.15 -38.78 10.58
C ALA B 699 -10.47 -38.73 9.83
N LEU B 700 -11.17 -37.60 9.91
CA LEU B 700 -12.43 -37.45 9.18
C LEU B 700 -12.22 -37.52 7.68
N ASP B 701 -11.14 -36.91 7.18
CA ASP B 701 -10.86 -36.98 5.74
C ASP B 701 -10.60 -38.42 5.31
N SER B 702 -9.82 -39.16 6.10
CA SER B 702 -9.53 -40.56 5.74
C SER B 702 -10.81 -41.38 5.73
N GLN B 703 -11.64 -41.25 6.77
CA GLN B 703 -12.88 -42.01 6.83
C GLN B 703 -13.84 -41.61 5.72
N VAL B 704 -13.88 -40.32 5.38
CA VAL B 704 -14.76 -39.85 4.32
C VAL B 704 -14.32 -40.43 2.98
N LYS B 705 -13.02 -40.44 2.71
CA LYS B 705 -12.53 -41.05 1.48
C LYS B 705 -12.89 -42.53 1.42
N LYS B 706 -12.67 -43.25 2.54
CA LYS B 706 -12.96 -44.68 2.55
C LYS B 706 -14.44 -44.95 2.30
N HIS B 707 -15.32 -44.20 2.98
CA HIS B 707 -16.75 -44.46 2.84
C HIS B 707 -17.29 -43.98 1.50
N PHE B 708 -16.71 -42.92 0.92
CA PHE B 708 -17.09 -42.49 -0.41
C PHE B 708 -16.71 -43.55 -1.44
N ASP B 709 -15.53 -44.16 -1.27
CA ASP B 709 -15.14 -45.26 -2.15
C ASP B 709 -16.08 -46.45 -1.97
N LEU B 710 -16.46 -46.75 -0.72
CA LEU B 710 -17.36 -47.88 -0.48
C LEU B 710 -18.73 -47.65 -1.12
N ALA B 711 -19.28 -46.44 -0.98
CA ALA B 711 -20.62 -46.16 -1.45
C ALA B 711 -20.69 -45.84 -2.94
N GLY B 712 -19.56 -45.77 -3.63
CA GLY B 712 -19.56 -45.45 -5.04
C GLY B 712 -19.79 -43.99 -5.36
N VAL B 713 -19.55 -43.09 -4.41
CA VAL B 713 -19.71 -41.66 -4.65
C VAL B 713 -18.56 -41.17 -5.52
N ARG B 714 -18.89 -40.42 -6.57
CA ARG B 714 -17.89 -39.94 -7.50
C ARG B 714 -17.42 -38.54 -7.14
N ALA B 715 -16.16 -38.26 -7.43
CA ALA B 715 -15.60 -36.92 -7.30
C ALA B 715 -16.07 -36.05 -8.46
N PRO B 716 -16.01 -34.72 -8.30
CA PRO B 716 -16.42 -33.84 -9.41
C PRO B 716 -15.59 -34.09 -10.66
N VAL B 717 -16.27 -34.05 -11.80
CA VAL B 717 -15.66 -34.36 -13.09
C VAL B 717 -16.00 -33.24 -14.06
N GLN B 718 -15.01 -32.81 -14.85
CA GLN B 718 -15.24 -31.84 -15.89
C GLN B 718 -16.13 -32.42 -16.99
N THR B 719 -16.88 -31.55 -17.65
CA THR B 719 -17.77 -31.96 -18.73
C THR B 719 -17.67 -30.99 -19.88
N TYR B 720 -17.66 -31.52 -21.10
CA TYR B 720 -17.68 -30.68 -22.29
C TYR B 720 -18.48 -31.38 -23.38
N GLN B 721 -18.77 -30.64 -24.44
CA GLN B 721 -19.44 -31.18 -25.61
C GLN B 721 -18.70 -30.73 -26.87
N VAL B 722 -18.78 -31.57 -27.90
CA VAL B 722 -18.01 -31.37 -29.13
C VAL B 722 -18.93 -30.74 -30.17
N LEU B 723 -18.43 -29.71 -30.85
CA LEU B 723 -19.17 -29.00 -31.89
C LEU B 723 -20.48 -28.44 -31.35
N ALA C 471 12.58 23.34 52.67
CA ALA C 471 13.38 23.82 51.55
C ALA C 471 13.58 22.72 50.51
N LEU C 472 14.78 22.69 49.91
CA LEU C 472 15.08 21.66 48.92
C LEU C 472 15.06 20.27 49.55
N ILE C 473 15.63 20.15 50.76
CA ILE C 473 15.62 18.86 51.45
C ILE C 473 14.20 18.43 51.79
N LEU C 474 13.36 19.36 52.24
CA LEU C 474 11.97 19.03 52.54
C LEU C 474 11.24 18.58 51.28
N PHE C 475 11.48 19.26 50.15
CA PHE C 475 10.89 18.83 48.89
C PHE C 475 11.44 17.48 48.46
N PHE C 476 12.73 17.23 48.69
CA PHE C 476 13.32 15.95 48.34
C PHE C 476 12.71 14.82 49.15
N SER C 477 12.43 15.06 50.43
CA SER C 477 11.77 14.04 51.24
C SER C 477 10.35 13.77 50.76
N ALA C 478 9.66 14.81 50.27
CA ALA C 478 8.33 14.61 49.72
C ALA C 478 8.37 13.71 48.49
N VAL C 479 9.39 13.87 47.65
CA VAL C 479 9.54 13.01 46.48
C VAL C 479 9.73 11.56 46.90
N GLY C 480 10.58 11.33 47.91
CA GLY C 480 10.78 9.98 48.40
C GLY C 480 9.52 9.38 48.99
N TRP C 481 8.75 10.20 49.71
CA TRP C 481 7.49 9.71 50.28
C TRP C 481 6.51 9.32 49.17
N THR C 482 6.43 10.14 48.12
CA THR C 482 5.54 9.82 47.00
C THR C 482 6.03 8.60 46.24
N VAL C 483 7.34 8.41 46.14
CA VAL C 483 7.88 7.25 45.44
C VAL C 483 7.47 5.97 46.14
N LEU C 484 7.54 5.95 47.47
CA LEU C 484 7.10 4.78 48.23
C LEU C 484 5.61 4.53 48.04
N ALA C 485 4.82 5.60 48.00
CA ALA C 485 3.39 5.45 47.77
C ALA C 485 3.11 4.85 46.40
N SER C 486 3.87 5.27 45.39
CA SER C 486 3.74 4.67 44.05
C SER C 486 4.13 3.20 44.07
N LEU C 487 5.19 2.84 44.79
CA LEU C 487 5.53 1.43 44.95
C LEU C 487 4.45 0.67 45.71
N ILE C 488 3.86 1.30 46.73
CA ILE C 488 2.72 0.70 47.40
C ILE C 488 1.54 0.59 46.45
N GLU C 489 1.34 1.59 45.60
CA GLU C 489 0.31 1.50 44.56
C GLU C 489 0.63 0.40 43.57
N ASN C 490 1.91 0.18 43.28
CA ASN C 490 2.31 -0.95 42.45
C ASN C 490 1.99 -2.27 43.12
N ARG C 491 2.15 -2.36 44.44
CA ARG C 491 1.73 -3.55 45.17
C ARG C 491 0.23 -3.76 45.07
N LEU C 492 -0.55 -2.68 45.11
CA LEU C 492 -1.98 -2.79 44.85
C LEU C 492 -2.24 -3.27 43.43
N ALA C 493 -1.48 -2.75 42.46
CA ALA C 493 -1.59 -3.24 41.09
C ALA C 493 -1.18 -4.70 40.99
N SER C 494 -0.25 -5.14 41.83
CA SER C 494 0.14 -6.54 41.85
C SER C 494 -1.02 -7.44 42.24
N ASP C 495 -1.82 -6.99 43.22
CA ASP C 495 -3.03 -7.70 43.61
C ASP C 495 -4.02 -7.74 42.46
N ILE C 496 -4.15 -6.61 41.75
CA ILE C 496 -5.02 -6.53 40.58
C ILE C 496 -4.47 -7.45 39.50
N HIS C 497 -3.16 -7.37 39.27
CA HIS C 497 -2.52 -8.28 38.32
C HIS C 497 -2.57 -9.72 38.80
N GLY C 498 -2.74 -9.91 40.11
CA GLY C 498 -2.80 -11.23 40.71
C GLY C 498 -4.04 -12.02 40.34
N ARG C 499 -4.98 -11.37 39.67
CA ARG C 499 -6.21 -12.04 39.25
C ARG C 499 -5.87 -13.20 38.31
N PRO C 500 -6.51 -14.36 38.46
CA PRO C 500 -6.18 -15.49 37.58
C PRO C 500 -6.42 -15.22 36.11
N LEU C 501 -7.38 -14.36 35.78
CA LEU C 501 -7.65 -14.06 34.37
C LEU C 501 -6.44 -13.48 33.66
N PRO C 502 -5.72 -12.50 34.22
CA PRO C 502 -4.54 -11.94 33.53
C PRO C 502 -3.25 -12.69 33.86
N SER C 503 -3.28 -14.01 33.67
CA SER C 503 -2.13 -14.88 33.86
C SER C 503 -1.60 -14.83 35.30
N ALA C 504 -0.43 -15.43 35.53
CA ALA C 504 0.18 -15.45 36.85
C ALA C 504 1.61 -14.92 36.84
N ARG C 505 2.20 -14.70 35.66
CA ARG C 505 3.56 -14.18 35.55
C ARG C 505 3.58 -12.65 35.55
N THR C 506 3.07 -12.03 36.60
CA THR C 506 3.01 -10.57 36.69
C THR C 506 4.31 -10.02 37.28
N ARG C 507 5.28 -10.89 37.54
CA ARG C 507 6.54 -10.46 38.11
C ARG C 507 7.27 -9.49 37.18
N THR C 508 7.26 -9.79 35.88
CA THR C 508 7.92 -8.92 34.92
C THR C 508 7.27 -7.54 34.88
N LEU C 509 5.93 -7.50 34.89
CA LEU C 509 5.24 -6.21 34.86
C LEU C 509 5.54 -5.38 36.11
N LEU C 510 5.58 -6.03 37.27
CA LEU C 510 5.89 -5.31 38.50
C LEU C 510 7.29 -4.72 38.48
N THR C 511 8.25 -5.47 37.93
CA THR C 511 9.62 -4.98 37.83
C THR C 511 9.69 -3.74 36.95
N LEU C 512 8.95 -3.74 35.84
CA LEU C 512 8.92 -2.57 34.97
C LEU C 512 8.34 -1.36 35.67
N PHE C 513 7.26 -1.56 36.44
CA PHE C 513 6.66 -0.46 37.18
C PHE C 513 7.62 0.09 38.23
N ARG C 514 8.33 -0.80 38.94
CA ARG C 514 9.30 -0.36 39.93
C ARG C 514 10.42 0.42 39.27
N ASN C 515 10.92 -0.05 38.12
CA ASN C 515 11.97 0.65 37.41
C ASN C 515 11.50 2.03 36.95
N ALA C 516 10.26 2.11 36.46
CA ALA C 516 9.72 3.40 36.03
C ALA C 516 9.59 4.36 37.21
N LEU C 517 9.12 3.87 38.35
CA LEU C 517 9.00 4.71 39.53
C LEU C 517 10.37 5.21 39.99
N ALA C 518 11.36 4.31 40.00
CA ALA C 518 12.71 4.72 40.37
C ALA C 518 13.27 5.75 39.41
N VAL C 519 13.03 5.57 38.11
CA VAL C 519 13.53 6.53 37.11
C VAL C 519 12.86 7.88 37.31
N ILE C 520 11.55 7.89 37.58
CA ILE C 520 10.84 9.15 37.81
C ILE C 520 11.38 9.85 39.05
N ILE C 521 11.61 9.10 40.13
CA ILE C 521 12.13 9.69 41.36
C ILE C 521 13.52 10.27 41.12
N SER C 522 14.37 9.53 40.41
CA SER C 522 15.72 10.02 40.13
C SER C 522 15.68 11.27 39.26
N THR C 523 14.78 11.29 38.27
CA THR C 523 14.65 12.46 37.41
C THR C 523 14.20 13.67 38.21
N ILE C 524 13.24 13.48 39.12
CA ILE C 524 12.76 14.60 39.94
C ILE C 524 13.87 15.11 40.85
N THR C 525 14.62 14.20 41.47
CA THR C 525 15.71 14.61 42.35
C THR C 525 16.79 15.36 41.57
N ILE C 526 17.14 14.86 40.39
CA ILE C 526 18.15 15.52 39.57
C ILE C 526 17.67 16.89 39.11
N MET C 527 16.38 17.00 38.78
CA MET C 527 15.82 18.29 38.38
C MET C 527 15.88 19.29 39.52
N ILE C 528 15.56 18.84 40.74
CA ILE C 528 15.63 19.73 41.90
C ILE C 528 17.07 20.17 42.14
N VAL C 529 18.02 19.24 42.05
CA VAL C 529 19.42 19.55 42.27
C VAL C 529 19.91 20.55 41.24
N LEU C 530 19.56 20.34 39.97
CA LEU C 530 19.95 21.26 38.91
C LEU C 530 19.31 22.63 39.07
N SER C 531 18.05 22.69 39.51
CA SER C 531 17.41 23.97 39.75
C SER C 531 18.09 24.73 40.88
N GLU C 532 18.56 23.99 41.90
CA GLU C 532 19.30 24.59 43.01
C GLU C 532 20.77 24.79 42.69
N ILE C 533 21.22 24.35 41.52
CA ILE C 533 22.63 24.49 41.13
C ILE C 533 22.92 25.88 40.58
N GLY C 534 22.10 26.37 39.65
CA GLY C 534 22.27 27.69 39.08
C GLY C 534 22.95 27.71 37.73
N VAL C 535 23.29 26.54 37.17
CA VAL C 535 23.95 26.45 35.88
C VAL C 535 22.98 26.10 34.76
N ASN C 536 21.68 26.25 35.00
CA ASN C 536 20.61 25.97 34.05
C ASN C 536 20.46 24.46 33.81
N ILE C 537 19.22 24.01 33.68
CA ILE C 537 18.94 22.59 33.48
C ILE C 537 18.91 22.30 31.99
N ALA C 538 19.28 23.30 31.19
CA ALA C 538 19.10 23.29 29.74
C ALA C 538 19.52 21.99 29.04
N PRO C 539 20.71 21.42 29.28
CA PRO C 539 21.03 20.14 28.63
C PRO C 539 20.11 19.02 29.08
N LEU C 540 20.00 18.83 30.40
CA LEU C 540 19.14 17.78 30.93
C LEU C 540 17.68 18.05 30.66
N LEU C 541 17.25 19.32 30.73
CA LEU C 541 15.87 19.66 30.41
C LEU C 541 15.56 19.36 28.95
N ALA C 542 16.50 19.67 28.05
CA ALA C 542 16.30 19.36 26.64
C ALA C 542 16.25 17.86 26.40
N GLY C 543 17.11 17.10 27.09
CA GLY C 543 17.04 15.65 26.97
C GLY C 543 15.72 15.09 27.45
N ALA C 544 15.22 15.59 28.58
CA ALA C 544 13.92 15.16 29.09
C ALA C 544 12.80 15.54 28.11
N GLY C 545 12.89 16.73 27.52
CA GLY C 545 11.90 17.13 26.53
C GLY C 545 11.91 16.24 25.31
N ALA C 546 13.11 15.87 24.84
CA ALA C 546 13.20 14.96 23.70
C ALA C 546 12.62 13.59 24.03
N LEU C 547 12.90 13.09 25.24
CA LEU C 547 12.33 11.81 25.66
C LEU C 547 10.81 11.89 25.72
N GLY C 548 10.28 12.98 26.27
CA GLY C 548 8.83 13.15 26.32
C GLY C 548 8.20 13.26 24.95
N LEU C 549 8.89 13.95 24.03
CA LEU C 549 8.40 14.04 22.66
C LEU C 549 8.36 12.66 22.01
N ALA C 550 9.40 11.86 22.22
CA ALA C 550 9.40 10.49 21.69
C ALA C 550 8.26 9.67 22.29
N ILE C 551 8.03 9.81 23.59
CA ILE C 551 6.95 9.07 24.24
C ILE C 551 5.60 9.49 23.66
N SER C 552 5.40 10.79 23.47
CA SER C 552 4.14 11.27 22.89
C SER C 552 3.97 10.78 21.46
N PHE C 553 5.05 10.77 20.68
CA PHE C 553 4.98 10.30 19.31
C PHE C 553 4.64 8.82 19.24
N GLY C 554 5.21 8.02 20.14
CA GLY C 554 4.95 6.60 20.14
C GLY C 554 3.61 6.17 20.70
N SER C 555 2.88 7.08 21.34
CA SER C 555 1.61 6.76 21.98
C SER C 555 0.41 7.17 21.15
N GLN C 556 0.61 7.52 19.88
CA GLN C 556 -0.51 7.91 19.02
C GLN C 556 -1.50 6.76 18.88
N THR C 557 -0.99 5.55 18.63
CA THR C 557 -1.86 4.42 18.34
C THR C 557 -2.73 4.07 19.52
N LEU C 558 -2.19 4.14 20.74
CA LEU C 558 -2.95 3.73 21.93
C LEU C 558 -4.15 4.64 22.16
N VAL C 559 -3.92 5.96 22.17
CA VAL C 559 -5.04 6.88 22.32
C VAL C 559 -5.98 6.78 21.14
N LYS C 560 -5.46 6.42 19.96
CA LYS C 560 -6.34 6.19 18.81
C LYS C 560 -7.29 5.03 19.07
N ASP C 561 -6.78 3.91 19.60
CA ASP C 561 -7.66 2.80 19.93
C ASP C 561 -8.67 3.20 20.98
N ILE C 562 -8.22 3.94 22.00
CA ILE C 562 -9.13 4.31 23.09
C ILE C 562 -10.29 5.14 22.56
N ILE C 563 -9.98 6.18 21.77
CA ILE C 563 -11.02 7.04 21.24
C ILE C 563 -11.93 6.28 20.29
N THR C 564 -11.34 5.45 19.42
CA THR C 564 -12.15 4.71 18.45
C THR C 564 -13.10 3.75 19.14
N GLY C 565 -12.63 3.04 20.17
CA GLY C 565 -13.51 2.14 20.90
C GLY C 565 -14.60 2.89 21.65
N VAL C 566 -14.24 4.01 22.28
CA VAL C 566 -15.25 4.81 22.98
C VAL C 566 -16.34 5.26 22.03
N PHE C 567 -15.96 5.73 20.84
CA PHE C 567 -16.95 6.16 19.87
C PHE C 567 -17.75 4.99 19.31
N ILE C 568 -17.12 3.83 19.14
CA ILE C 568 -17.84 2.67 18.61
C ILE C 568 -18.92 2.22 19.58
N GLN C 569 -18.59 2.13 20.87
CA GLN C 569 -19.63 1.80 21.85
C GLN C 569 -20.65 2.91 22.00
N PHE C 570 -20.30 4.14 21.65
CA PHE C 570 -21.25 5.25 21.76
C PHE C 570 -22.42 5.07 20.80
N GLU C 571 -22.15 4.61 19.58
CA GLU C 571 -23.18 4.43 18.57
C GLU C 571 -23.77 3.03 18.55
N ASN C 572 -23.52 2.23 19.58
CA ASN C 572 -24.03 0.85 19.67
C ASN C 572 -23.60 0.03 18.46
N GLY C 573 -22.36 0.24 18.01
CA GLY C 573 -21.87 -0.48 16.85
C GLY C 573 -21.67 -1.95 17.12
N MET C 574 -21.15 -2.30 18.29
CA MET C 574 -20.83 -3.68 18.62
C MET C 574 -21.37 -4.04 19.99
N ASN C 575 -21.97 -5.22 20.10
CA ASN C 575 -22.33 -5.79 21.39
C ASN C 575 -21.60 -7.11 21.56
N THR C 576 -21.84 -7.81 22.66
CA THR C 576 -21.15 -9.07 22.93
C THR C 576 -22.02 -10.23 22.46
N GLY C 577 -21.44 -11.11 21.64
CA GLY C 577 -22.12 -12.29 21.14
C GLY C 577 -22.63 -12.17 19.73
N ASP C 578 -22.65 -10.97 19.15
CA ASP C 578 -23.16 -10.80 17.80
C ASP C 578 -22.12 -11.18 16.77
N LEU C 579 -22.59 -11.45 15.56
CA LEU C 579 -21.73 -11.85 14.44
C LEU C 579 -21.32 -10.59 13.67
N VAL C 580 -20.00 -10.40 13.53
CA VAL C 580 -19.45 -9.23 12.87
C VAL C 580 -18.49 -9.67 11.78
N THR C 581 -18.03 -8.71 10.99
CA THR C 581 -17.05 -8.94 9.94
C THR C 581 -16.10 -7.75 9.91
N ILE C 582 -14.89 -7.95 10.43
CA ILE C 582 -13.87 -6.91 10.48
C ILE C 582 -12.78 -7.31 9.49
N GLY C 583 -12.79 -6.69 8.32
CA GLY C 583 -11.86 -7.03 7.28
C GLY C 583 -12.07 -8.44 6.77
N PRO C 584 -11.02 -9.24 6.75
CA PRO C 584 -11.12 -10.63 6.28
C PRO C 584 -11.54 -11.63 7.35
N LEU C 585 -12.05 -11.17 8.49
CA LEU C 585 -12.40 -12.04 9.61
C LEU C 585 -13.89 -11.94 9.88
N THR C 586 -14.54 -13.09 10.06
CA THR C 586 -15.94 -13.16 10.45
C THR C 586 -16.06 -14.03 11.69
N GLY C 587 -16.69 -13.50 12.72
CA GLY C 587 -16.83 -14.24 13.96
C GLY C 587 -17.76 -13.54 14.93
N THR C 588 -17.85 -14.10 16.13
CA THR C 588 -18.72 -13.58 17.18
C THR C 588 -17.88 -12.84 18.21
N VAL C 589 -18.33 -11.64 18.59
CA VAL C 589 -17.62 -10.85 19.58
C VAL C 589 -17.70 -11.55 20.93
N GLU C 590 -16.56 -11.72 21.58
CA GLU C 590 -16.48 -12.38 22.88
C GLU C 590 -16.31 -11.38 24.02
N ARG C 591 -15.39 -10.42 23.87
CA ARG C 591 -15.19 -9.41 24.89
C ARG C 591 -14.51 -8.21 24.27
N MET C 592 -14.74 -7.03 24.87
CA MET C 592 -14.11 -5.79 24.44
C MET C 592 -13.30 -5.22 25.59
N SER C 593 -12.02 -4.96 25.33
CA SER C 593 -11.17 -4.29 26.29
C SER C 593 -11.19 -2.79 26.03
N ILE C 594 -10.30 -2.05 26.68
CA ILE C 594 -10.23 -0.61 26.43
C ILE C 594 -9.48 -0.34 25.13
N ARG C 595 -8.63 -1.27 24.69
CA ARG C 595 -7.80 -1.08 23.53
C ARG C 595 -8.10 -2.02 22.37
N SER C 596 -8.75 -3.16 22.61
CA SER C 596 -8.96 -4.16 21.59
C SER C 596 -10.33 -4.80 21.76
N VAL C 597 -10.66 -5.71 20.85
CA VAL C 597 -11.89 -6.50 20.91
C VAL C 597 -11.55 -7.94 20.53
N GLY C 598 -12.08 -8.89 21.30
CA GLY C 598 -11.85 -10.30 21.05
C GLY C 598 -12.96 -10.88 20.21
N VAL C 599 -12.58 -11.60 19.16
CA VAL C 599 -13.52 -12.22 18.23
C VAL C 599 -13.18 -13.70 18.12
N ARG C 600 -14.20 -14.55 18.20
CA ARG C 600 -14.04 -16.00 18.11
C ARG C 600 -14.39 -16.44 16.70
N GLN C 601 -13.42 -17.04 16.01
CA GLN C 601 -13.64 -17.53 14.66
C GLN C 601 -14.30 -18.92 14.69
N ASP C 602 -14.82 -19.32 13.54
CA ASP C 602 -15.46 -20.63 13.44
C ASP C 602 -14.46 -21.79 13.49
N THR C 603 -13.16 -21.51 13.43
CA THR C 603 -12.14 -22.53 13.64
C THR C 603 -11.68 -22.61 15.10
N GLY C 604 -12.28 -21.81 15.98
CA GLY C 604 -11.89 -21.80 17.37
C GLY C 604 -10.79 -20.82 17.73
N ALA C 605 -10.17 -20.18 16.74
CA ALA C 605 -9.12 -19.21 17.01
C ALA C 605 -9.69 -17.95 17.63
N TYR C 606 -8.94 -17.35 18.54
CA TYR C 606 -9.34 -16.15 19.26
C TYR C 606 -8.51 -14.98 18.74
N HIS C 607 -9.16 -14.01 18.10
CA HIS C 607 -8.49 -12.89 17.49
C HIS C 607 -8.59 -11.65 18.37
N ILE C 608 -7.47 -10.96 18.52
CA ILE C 608 -7.40 -9.70 19.27
C ILE C 608 -7.20 -8.57 18.28
N ILE C 609 -8.20 -7.71 18.16
CA ILE C 609 -8.18 -6.63 17.17
C ILE C 609 -8.26 -5.28 17.85
N PRO C 610 -7.20 -4.47 17.81
CA PRO C 610 -7.28 -3.12 18.36
C PRO C 610 -8.26 -2.25 17.60
N TRP C 611 -8.80 -1.26 18.30
CA TRP C 611 -9.85 -0.41 17.73
C TRP C 611 -9.34 0.42 16.56
N SER C 612 -8.12 0.93 16.66
CA SER C 612 -7.58 1.75 15.56
C SER C 612 -7.36 0.91 14.31
N SER C 613 -7.04 -0.38 14.48
CA SER C 613 -6.96 -1.26 13.32
C SER C 613 -8.30 -1.42 12.64
N ILE C 614 -9.39 -1.25 13.39
CA ILE C 614 -10.73 -1.33 12.82
C ILE C 614 -11.06 0.00 12.16
N THR C 615 -11.44 -0.04 10.89
CA THR C 615 -11.85 1.14 10.16
C THR C 615 -13.22 0.97 9.52
N THR C 616 -13.64 -0.26 9.26
CA THR C 616 -14.96 -0.53 8.71
C THR C 616 -15.35 -1.95 9.06
N PHE C 617 -16.56 -2.13 9.60
CA PHE C 617 -17.04 -3.44 10.00
C PHE C 617 -18.54 -3.54 9.75
N ALA C 618 -19.02 -4.77 9.66
CA ALA C 618 -20.43 -5.06 9.42
C ALA C 618 -20.99 -5.84 10.60
N ASN C 619 -22.27 -5.65 10.87
CA ASN C 619 -22.97 -6.35 11.94
C ASN C 619 -24.21 -7.03 11.40
N PHE C 620 -24.33 -8.33 11.69
CA PHE C 620 -25.39 -9.15 11.13
C PHE C 620 -26.63 -9.24 12.01
N VAL C 621 -26.57 -8.73 13.24
CA VAL C 621 -27.74 -8.79 14.12
C VAL C 621 -28.60 -7.53 14.06
N ARG C 622 -28.04 -6.40 13.64
CA ARG C 622 -28.82 -5.19 13.50
C ARG C 622 -29.78 -5.32 12.32
N GLY C 623 -31.03 -4.91 12.54
CA GLY C 623 -31.99 -4.87 11.45
C GLY C 623 -32.51 -6.23 11.05
N ILE C 624 -32.51 -6.48 9.75
CA ILE C 624 -33.15 -7.65 9.17
C ILE C 624 -32.10 -8.45 8.40
N GLY C 625 -32.48 -9.61 7.88
CA GLY C 625 -31.58 -10.40 7.06
C GLY C 625 -32.24 -10.73 5.73
N SER C 626 -31.41 -11.03 4.73
CA SER C 626 -31.91 -11.31 3.40
C SER C 626 -30.97 -12.28 2.70
N VAL C 627 -31.48 -12.93 1.65
CA VAL C 627 -30.70 -13.79 0.80
C VAL C 627 -30.92 -13.37 -0.65
N VAL C 628 -29.86 -13.47 -1.45
CA VAL C 628 -29.93 -13.30 -2.89
C VAL C 628 -29.25 -14.51 -3.51
N ALA C 629 -30.01 -15.34 -4.22
CA ALA C 629 -29.52 -16.60 -4.76
C ALA C 629 -29.48 -16.52 -6.27
N ASN C 630 -28.32 -16.82 -6.84
CA ASN C 630 -28.13 -16.86 -8.28
C ASN C 630 -27.73 -18.27 -8.68
N TYR C 631 -28.40 -18.82 -9.68
CA TYR C 631 -28.15 -20.18 -10.16
C TYR C 631 -27.90 -20.15 -11.65
N ASP C 632 -26.82 -20.79 -12.09
CA ASP C 632 -26.43 -20.79 -13.49
C ASP C 632 -27.05 -21.96 -14.22
N VAL C 633 -27.67 -21.68 -15.35
CA VAL C 633 -28.31 -22.69 -16.19
C VAL C 633 -27.67 -22.63 -17.57
N ASP C 634 -27.51 -23.79 -18.19
CA ASP C 634 -26.86 -23.87 -19.49
C ASP C 634 -27.64 -23.07 -20.54
N ARG C 635 -26.89 -22.43 -21.43
CA ARG C 635 -27.50 -21.54 -22.42
C ARG C 635 -28.40 -22.30 -23.40
N HIS C 636 -28.02 -23.54 -23.76
CA HIS C 636 -28.73 -24.24 -24.82
C HIS C 636 -30.19 -24.52 -24.45
N GLU C 637 -30.50 -24.62 -23.16
CA GLU C 637 -31.88 -24.86 -22.75
C GLU C 637 -32.70 -23.58 -22.85
N ASP C 638 -33.99 -23.72 -22.60
CA ASP C 638 -34.94 -22.61 -22.67
C ASP C 638 -35.22 -22.05 -21.29
N ALA C 639 -35.54 -20.76 -21.25
CA ALA C 639 -35.69 -20.05 -19.99
C ALA C 639 -36.98 -20.42 -19.26
N ASP C 640 -38.06 -20.66 -20.02
CA ASP C 640 -39.35 -20.90 -19.40
C ASP C 640 -39.35 -22.15 -18.54
N LYS C 641 -38.74 -23.23 -19.04
CA LYS C 641 -38.71 -24.48 -18.28
C LYS C 641 -37.85 -24.35 -17.04
N ALA C 642 -36.67 -23.75 -17.17
CA ALA C 642 -35.78 -23.60 -16.02
C ALA C 642 -36.35 -22.65 -14.99
N ASN C 643 -36.95 -21.54 -15.43
CA ASN C 643 -37.56 -20.61 -14.50
C ASN C 643 -38.73 -21.25 -13.77
N GLN C 644 -39.53 -22.05 -14.48
CA GLN C 644 -40.62 -22.77 -13.85
C GLN C 644 -40.11 -23.78 -12.84
N ALA C 645 -39.00 -24.46 -13.16
CA ALA C 645 -38.41 -25.40 -12.21
C ALA C 645 -37.94 -24.68 -10.95
N LEU C 646 -37.30 -23.52 -11.11
CA LEU C 646 -36.88 -22.74 -9.94
C LEU C 646 -38.08 -22.29 -9.13
N LYS C 647 -39.16 -21.87 -9.81
CA LYS C 647 -40.36 -21.45 -9.11
C LYS C 647 -40.97 -22.60 -8.31
N ASP C 648 -41.01 -23.79 -8.91
CA ASP C 648 -41.51 -24.96 -8.20
C ASP C 648 -40.63 -25.30 -7.01
N ALA C 649 -39.31 -25.19 -7.17
CA ALA C 649 -38.40 -25.45 -6.05
C ALA C 649 -38.65 -24.48 -4.90
N VAL C 650 -38.88 -23.20 -5.22
CA VAL C 650 -39.20 -22.25 -4.17
C VAL C 650 -40.54 -22.57 -3.54
N ALA C 651 -41.50 -23.03 -4.35
CA ALA C 651 -42.83 -23.35 -3.81
C ALA C 651 -42.77 -24.47 -2.78
N GLU C 652 -41.99 -25.52 -3.06
CA GLU C 652 -41.83 -26.60 -2.10
C GLU C 652 -41.19 -26.08 -0.81
N LEU C 653 -40.24 -25.16 -0.95
CA LEU C 653 -39.63 -24.55 0.23
C LEU C 653 -40.66 -23.77 1.05
N MET C 654 -41.56 -23.05 0.36
CA MET C 654 -42.53 -22.21 1.06
C MET C 654 -43.49 -23.03 1.90
N GLU C 655 -43.95 -24.17 1.39
CA GLU C 655 -44.93 -24.97 2.12
C GLU C 655 -44.31 -25.66 3.33
N ASN C 656 -42.99 -25.74 3.41
CA ASN C 656 -42.34 -26.19 4.64
C ASN C 656 -42.59 -25.17 5.75
N GLU C 657 -42.77 -25.67 6.97
CA GLU C 657 -43.36 -24.83 8.02
C GLU C 657 -42.34 -23.95 8.77
N GLU C 658 -41.28 -24.53 9.33
CA GLU C 658 -40.33 -23.70 10.08
C GLU C 658 -39.53 -22.82 9.13
N ILE C 659 -39.23 -23.32 7.93
CA ILE C 659 -38.53 -22.50 6.93
C ILE C 659 -39.37 -21.28 6.57
N ARG C 660 -40.67 -21.49 6.34
CA ARG C 660 -41.56 -20.37 6.05
C ARG C 660 -41.66 -19.45 7.26
N GLY C 661 -41.55 -20.00 8.46
CA GLY C 661 -41.51 -19.16 9.64
C GLY C 661 -40.29 -18.27 9.67
N LEU C 662 -39.15 -18.78 9.17
CA LEU C 662 -37.95 -17.95 9.07
C LEU C 662 -38.13 -16.82 8.06
N ILE C 663 -38.72 -17.13 6.91
CA ILE C 663 -38.89 -16.13 5.86
C ILE C 663 -39.95 -15.11 6.27
N ILE C 664 -39.76 -13.88 5.82
CA ILE C 664 -40.68 -12.79 6.13
C ILE C 664 -41.23 -12.20 4.82
N GLY C 665 -42.37 -12.70 4.37
CA GLY C 665 -42.99 -12.17 3.17
C GLY C 665 -43.08 -13.17 2.04
N GLU C 666 -42.75 -12.72 0.82
CA GLU C 666 -42.84 -13.57 -0.36
C GLU C 666 -41.55 -13.51 -1.16
N PRO C 667 -41.21 -14.55 -1.91
CA PRO C 667 -40.01 -14.50 -2.75
C PRO C 667 -40.13 -13.48 -3.87
N ASN C 668 -38.98 -12.98 -4.31
CA ASN C 668 -38.88 -11.99 -5.39
C ASN C 668 -38.12 -12.65 -6.53
N PHE C 669 -38.86 -13.08 -7.55
CA PHE C 669 -38.26 -13.71 -8.72
C PHE C 669 -37.83 -12.63 -9.71
N ALA C 670 -36.58 -12.69 -10.15
CA ALA C 670 -36.06 -11.71 -11.09
C ALA C 670 -35.85 -12.27 -12.49
N GLY C 671 -35.87 -13.59 -12.66
CA GLY C 671 -35.64 -14.15 -13.97
C GLY C 671 -34.19 -14.09 -14.36
N ILE C 672 -33.92 -14.02 -15.66
CA ILE C 672 -32.55 -13.96 -16.14
C ILE C 672 -31.94 -12.64 -15.73
N VAL C 673 -30.75 -12.71 -15.13
CA VAL C 673 -30.07 -11.51 -14.65
C VAL C 673 -28.68 -11.41 -15.26
N GLY C 674 -28.35 -12.34 -16.16
CA GLY C 674 -27.08 -12.29 -16.83
C GLY C 674 -26.97 -13.34 -17.91
N LEU C 675 -26.07 -13.09 -18.86
CA LEU C 675 -25.79 -14.03 -19.95
C LEU C 675 -24.29 -14.21 -20.06
N SER C 676 -23.86 -15.46 -20.15
CA SER C 676 -22.46 -15.80 -20.35
C SER C 676 -22.30 -16.51 -21.69
N ASN C 677 -21.06 -16.89 -22.00
CA ASN C 677 -20.80 -17.63 -23.23
C ASN C 677 -21.36 -19.03 -23.19
N THR C 678 -21.55 -19.61 -22.00
CA THR C 678 -22.05 -20.97 -21.89
C THR C 678 -23.15 -21.12 -20.85
N ALA C 679 -23.71 -20.03 -20.33
CA ALA C 679 -24.70 -20.15 -19.26
C ALA C 679 -25.52 -18.87 -19.18
N PHE C 680 -26.66 -18.98 -18.51
CA PHE C 680 -27.45 -17.83 -18.07
C PHE C 680 -27.86 -18.07 -16.63
N THR C 681 -28.06 -16.99 -15.88
CA THR C 681 -28.26 -17.06 -14.45
C THR C 681 -29.65 -16.53 -14.07
N LEU C 682 -30.28 -17.21 -13.11
CA LEU C 682 -31.59 -16.83 -12.59
C LEU C 682 -31.43 -16.41 -11.13
N ARG C 683 -32.17 -15.36 -10.74
CA ARG C 683 -32.06 -14.79 -9.41
C ARG C 683 -33.40 -14.86 -8.69
N VAL C 684 -33.35 -15.27 -7.42
CA VAL C 684 -34.50 -15.21 -6.52
C VAL C 684 -34.00 -14.73 -5.17
N SER C 685 -34.68 -13.74 -4.60
CA SER C 685 -34.26 -13.11 -3.36
C SER C 685 -35.37 -13.15 -2.32
N PHE C 686 -34.97 -13.34 -1.07
CA PHE C 686 -35.87 -13.40 0.07
C PHE C 686 -35.51 -12.30 1.06
N THR C 687 -36.22 -12.31 2.19
CA THR C 687 -35.85 -11.52 3.36
C THR C 687 -36.29 -12.30 4.60
N THR C 688 -35.33 -12.64 5.45
CA THR C 688 -35.56 -13.58 6.54
C THR C 688 -35.22 -12.90 7.87
N LEU C 689 -35.29 -13.69 8.94
CA LEU C 689 -34.91 -13.21 10.25
C LEU C 689 -33.40 -13.03 10.32
N PRO C 690 -32.92 -12.18 11.23
CA PRO C 690 -31.47 -12.01 11.39
C PRO C 690 -30.79 -13.33 11.74
N LEU C 691 -29.61 -13.54 11.16
CA LEU C 691 -28.76 -14.72 11.37
C LEU C 691 -29.41 -16.00 10.90
N LYS C 692 -30.51 -15.92 10.15
CA LYS C 692 -31.20 -17.10 9.64
C LYS C 692 -31.08 -17.23 8.14
N GLN C 693 -30.29 -16.36 7.48
CA GLN C 693 -30.20 -16.38 6.03
C GLN C 693 -29.49 -17.61 5.51
N TRP C 694 -28.52 -18.14 6.27
CA TRP C 694 -27.69 -19.23 5.76
C TRP C 694 -28.45 -20.55 5.75
N THR C 695 -29.26 -20.81 6.78
CA THR C 695 -30.06 -22.04 6.78
C THR C 695 -31.06 -22.03 5.63
N VAL C 696 -31.71 -20.89 5.41
CA VAL C 696 -32.64 -20.76 4.28
C VAL C 696 -31.90 -20.95 2.97
N ARG C 697 -30.69 -20.39 2.86
CA ARG C 697 -29.90 -20.54 1.65
C ARG C 697 -29.56 -22.00 1.38
N PHE C 698 -29.15 -22.73 2.43
CA PHE C 698 -28.81 -24.14 2.25
C PHE C 698 -30.03 -24.97 1.85
N ALA C 699 -31.17 -24.72 2.51
CA ALA C 699 -32.38 -25.44 2.15
C ALA C 699 -32.79 -25.13 0.71
N LEU C 700 -32.70 -23.86 0.31
CA LEU C 700 -33.02 -23.47 -1.06
C LEU C 700 -32.09 -24.15 -2.05
N ASP C 701 -30.79 -24.23 -1.73
CA ASP C 701 -29.85 -24.90 -2.62
C ASP C 701 -30.21 -26.37 -2.79
N SER C 702 -30.54 -27.05 -1.70
CA SER C 702 -30.90 -28.47 -1.78
C SER C 702 -32.16 -28.65 -2.62
N GLN C 703 -33.19 -27.84 -2.36
CA GLN C 703 -34.43 -27.97 -3.13
C GLN C 703 -34.21 -27.63 -4.60
N VAL C 704 -33.38 -26.63 -4.88
CA VAL C 704 -33.10 -26.24 -6.26
C VAL C 704 -32.40 -27.37 -7.00
N LYS C 705 -31.41 -28.01 -6.34
CA LYS C 705 -30.75 -29.14 -6.96
C LYS C 705 -31.73 -30.28 -7.25
N LYS C 706 -32.59 -30.59 -6.26
CA LYS C 706 -33.54 -31.67 -6.43
C LYS C 706 -34.50 -31.39 -7.59
N HIS C 707 -35.04 -30.18 -7.65
CA HIS C 707 -36.02 -29.87 -8.68
C HIS C 707 -35.37 -29.70 -10.05
N PHE C 708 -34.13 -29.23 -10.11
CA PHE C 708 -33.41 -29.19 -11.38
C PHE C 708 -33.17 -30.59 -11.89
N ASP C 709 -32.81 -31.53 -11.01
CA ASP C 709 -32.68 -32.92 -11.41
C ASP C 709 -34.01 -33.48 -11.90
N LEU C 710 -35.10 -33.15 -11.20
CA LEU C 710 -36.42 -33.65 -11.59
C LEU C 710 -36.82 -33.13 -12.96
N ALA C 711 -36.60 -31.84 -13.21
CA ALA C 711 -37.06 -31.22 -14.45
C ALA C 711 -36.12 -31.46 -15.62
N GLY C 712 -34.97 -32.10 -15.42
CA GLY C 712 -34.04 -32.31 -16.49
C GLY C 712 -33.22 -31.10 -16.89
N VAL C 713 -33.11 -30.12 -16.02
CA VAL C 713 -32.31 -28.93 -16.31
C VAL C 713 -30.84 -29.27 -16.23
N ARG C 714 -30.08 -28.90 -17.24
CA ARG C 714 -28.66 -29.21 -17.31
C ARG C 714 -27.82 -28.08 -16.73
N ALA C 715 -26.69 -28.46 -16.13
CA ALA C 715 -25.70 -27.50 -15.68
C ALA C 715 -24.90 -26.98 -16.87
N PRO C 716 -24.26 -25.83 -16.73
CA PRO C 716 -23.44 -25.30 -17.83
C PRO C 716 -22.34 -26.27 -18.21
N VAL C 717 -22.11 -26.39 -19.52
CA VAL C 717 -21.15 -27.35 -20.08
C VAL C 717 -20.25 -26.61 -21.06
N GLN C 718 -18.95 -26.92 -21.00
CA GLN C 718 -18.01 -26.36 -21.95
C GLN C 718 -18.31 -26.85 -23.36
N THR C 719 -17.98 -26.03 -24.35
CA THR C 719 -18.20 -26.36 -25.75
C THR C 719 -16.96 -26.00 -26.56
N TYR C 720 -16.63 -26.86 -27.53
CA TYR C 720 -15.50 -26.59 -28.42
C TYR C 720 -15.76 -27.27 -29.76
N GLN C 721 -14.98 -26.89 -30.76
CA GLN C 721 -15.03 -27.50 -32.07
C GLN C 721 -13.62 -27.91 -32.49
N VAL C 722 -13.55 -28.92 -33.35
CA VAL C 722 -12.29 -29.51 -33.79
C VAL C 722 -11.95 -28.96 -35.17
N LEU C 723 -10.70 -28.53 -35.34
CA LEU C 723 -10.21 -27.98 -36.60
C LEU C 723 -11.04 -26.78 -37.04
N ALA D 471 -8.47 33.02 48.11
CA ALA D 471 -7.09 32.72 47.79
C ALA D 471 -6.97 31.36 47.13
N LEU D 472 -5.88 30.64 47.45
CA LEU D 472 -5.69 29.31 46.89
C LEU D 472 -6.79 28.35 47.36
N ILE D 473 -7.16 28.44 48.64
CA ILE D 473 -8.21 27.58 49.17
C ILE D 473 -9.55 27.91 48.50
N LEU D 474 -9.84 29.20 48.29
CA LEU D 474 -11.08 29.58 47.61
C LEU D 474 -11.09 29.05 46.19
N PHE D 475 -9.97 29.15 45.48
CA PHE D 475 -9.88 28.58 44.14
C PHE D 475 -10.00 27.06 44.18
N PHE D 476 -9.43 26.42 45.19
CA PHE D 476 -9.54 24.97 45.31
C PHE D 476 -10.98 24.54 45.53
N SER D 477 -11.74 25.31 46.33
CA SER D 477 -13.15 25.01 46.52
C SER D 477 -13.94 25.17 45.22
N ALA D 478 -13.58 26.16 44.40
CA ALA D 478 -14.24 26.33 43.12
C ALA D 478 -14.00 25.13 42.21
N VAL D 479 -12.80 24.57 42.25
CA VAL D 479 -12.51 23.37 41.46
C VAL D 479 -13.38 22.21 41.90
N GLY D 480 -13.52 22.03 43.22
CA GLY D 480 -14.37 20.96 43.72
C GLY D 480 -15.84 21.17 43.35
N TRP D 481 -16.30 22.42 43.39
CA TRP D 481 -17.68 22.72 43.00
C TRP D 481 -17.90 22.39 41.53
N THR D 482 -16.95 22.75 40.67
CA THR D 482 -17.07 22.45 39.25
C THR D 482 -17.00 20.95 38.99
N VAL D 483 -16.19 20.23 39.77
CA VAL D 483 -16.08 18.78 39.60
C VAL D 483 -17.42 18.11 39.86
N LEU D 484 -18.12 18.54 40.93
CA LEU D 484 -19.43 17.99 41.21
C LEU D 484 -20.43 18.32 40.09
N ALA D 485 -20.34 19.53 39.54
CA ALA D 485 -21.20 19.90 38.43
C ALA D 485 -20.95 19.02 37.22
N SER D 486 -19.68 18.71 36.94
CA SER D 486 -19.36 17.80 35.85
C SER D 486 -19.91 16.40 36.12
N LEU D 487 -19.81 15.92 37.36
CA LEU D 487 -20.44 14.65 37.70
C LEU D 487 -21.95 14.71 37.57
N ILE D 488 -22.56 15.83 37.96
CA ILE D 488 -23.99 16.02 37.72
C ILE D 488 -24.28 16.08 36.23
N GLU D 489 -23.39 16.71 35.46
CA GLU D 489 -23.52 16.69 34.00
C GLU D 489 -23.36 15.27 33.45
N ASN D 490 -22.48 14.48 34.06
CA ASN D 490 -22.37 13.07 33.69
C ASN D 490 -23.65 12.31 33.99
N ARG D 491 -24.31 12.63 35.11
CA ARG D 491 -25.62 12.04 35.39
C ARG D 491 -26.64 12.43 34.33
N LEU D 492 -26.59 13.68 33.85
CA LEU D 492 -27.44 14.07 32.73
C LEU D 492 -27.07 13.27 31.48
N ALA D 493 -25.78 13.07 31.24
CA ALA D 493 -25.36 12.21 30.13
C ALA D 493 -25.81 10.78 30.32
N SER D 494 -25.91 10.32 31.58
CA SER D 494 -26.41 8.98 31.85
C SER D 494 -27.86 8.85 31.39
N ASP D 495 -28.67 9.88 31.62
CA ASP D 495 -30.05 9.90 31.14
C ASP D 495 -30.06 9.87 29.62
N ILE D 496 -29.18 10.64 28.99
CA ILE D 496 -29.06 10.65 27.54
C ILE D 496 -28.60 9.27 27.07
N HIS D 497 -27.58 8.72 27.75
CA HIS D 497 -27.13 7.37 27.44
C HIS D 497 -28.20 6.34 27.78
N GLY D 498 -29.12 6.70 28.66
CA GLY D 498 -30.18 5.81 29.08
C GLY D 498 -31.20 5.51 28.00
N ARG D 499 -31.10 6.21 26.87
CA ARG D 499 -32.01 5.99 25.77
C ARG D 499 -31.90 4.54 25.28
N PRO D 500 -33.01 3.88 24.95
CA PRO D 500 -32.91 2.48 24.51
C PRO D 500 -32.10 2.30 23.24
N LEU D 501 -32.10 3.28 22.35
CA LEU D 501 -31.34 3.16 21.11
C LEU D 501 -29.85 2.93 21.36
N PRO D 502 -29.18 3.67 22.24
CA PRO D 502 -27.74 3.44 22.48
C PRO D 502 -27.49 2.40 23.57
N SER D 503 -28.11 1.22 23.42
CA SER D 503 -27.92 0.09 24.31
C SER D 503 -28.36 0.41 25.74
N ALA D 504 -28.05 -0.50 26.68
CA ALA D 504 -28.39 -0.31 28.08
C ALA D 504 -27.19 -0.44 29.01
N ARG D 505 -26.05 -0.89 28.50
CA ARG D 505 -24.82 -1.03 29.29
C ARG D 505 -24.01 0.25 29.30
N THR D 506 -24.59 1.35 29.78
CA THR D 506 -23.91 2.64 29.82
C THR D 506 -23.10 2.80 31.10
N ARG D 507 -23.09 1.75 31.93
CA ARG D 507 -22.36 1.81 33.20
C ARG D 507 -20.86 2.00 32.96
N THR D 508 -20.32 1.29 31.96
CA THR D 508 -18.90 1.43 31.65
C THR D 508 -18.56 2.84 31.20
N LEU D 509 -19.39 3.43 30.34
CA LEU D 509 -19.14 4.79 29.86
C LEU D 509 -19.18 5.79 31.00
N LEU D 510 -20.14 5.63 31.91
CA LEU D 510 -20.24 6.55 33.04
C LEU D 510 -19.01 6.47 33.93
N THR D 511 -18.49 5.26 34.14
CA THR D 511 -17.29 5.10 34.97
C THR D 511 -16.10 5.82 34.34
N LEU D 512 -15.97 5.73 33.02
CA LEU D 512 -14.87 6.41 32.33
C LEU D 512 -15.00 7.92 32.48
N PHE D 513 -16.21 8.45 32.35
CA PHE D 513 -16.42 9.89 32.53
C PHE D 513 -16.09 10.33 33.96
N ARG D 514 -16.51 9.54 34.95
CA ARG D 514 -16.19 9.86 36.33
C ARG D 514 -14.70 9.84 36.57
N ASN D 515 -14.00 8.84 36.02
CA ASN D 515 -12.56 8.77 36.18
C ASN D 515 -11.87 9.96 35.51
N ALA D 516 -12.34 10.36 34.34
CA ALA D 516 -11.77 11.52 33.66
C ALA D 516 -11.99 12.79 34.46
N LEU D 517 -13.19 12.97 35.01
CA LEU D 517 -13.46 14.14 35.82
C LEU D 517 -12.58 14.16 37.07
N ALA D 518 -12.41 13.01 37.72
CA ALA D 518 -11.54 12.94 38.89
C ALA D 518 -10.09 13.26 38.52
N VAL D 519 -9.63 12.75 37.38
CA VAL D 519 -8.26 13.00 36.95
C VAL D 519 -8.07 14.49 36.66
N ILE D 520 -9.06 15.11 36.02
CA ILE D 520 -8.96 16.55 35.72
C ILE D 520 -8.93 17.36 37.00
N ILE D 521 -9.78 17.00 37.97
CA ILE D 521 -9.81 17.73 39.24
C ILE D 521 -8.48 17.58 39.97
N SER D 522 -7.94 16.36 40.00
CA SER D 522 -6.66 16.13 40.65
C SER D 522 -5.54 16.89 39.97
N THR D 523 -5.55 16.93 38.64
CA THR D 523 -4.53 17.68 37.90
C THR D 523 -4.62 19.17 38.21
N ILE D 524 -5.83 19.71 38.27
CA ILE D 524 -6.00 21.12 38.57
C ILE D 524 -5.52 21.43 39.98
N THR D 525 -5.87 20.58 40.95
CA THR D 525 -5.43 20.80 42.33
C THR D 525 -3.91 20.73 42.44
N ILE D 526 -3.30 19.75 41.76
CA ILE D 526 -1.85 19.61 41.82
C ILE D 526 -1.18 20.80 41.15
N MET D 527 -1.76 21.30 40.06
CA MET D 527 -1.21 22.47 39.39
C MET D 527 -1.27 23.69 40.30
N ILE D 528 -2.39 23.87 41.00
CA ILE D 528 -2.51 24.99 41.93
C ILE D 528 -1.48 24.87 43.05
N VAL D 529 -1.33 23.67 43.60
CA VAL D 529 -0.38 23.46 44.69
C VAL D 529 1.04 23.75 44.22
N LEU D 530 1.39 23.25 43.04
CA LEU D 530 2.73 23.50 42.49
C LEU D 530 2.96 24.97 42.18
N SER D 531 1.95 25.69 41.69
CA SER D 531 2.09 27.12 41.45
C SER D 531 2.30 27.87 42.76
N GLU D 532 1.65 27.41 43.84
CA GLU D 532 1.83 28.00 45.16
C GLU D 532 3.06 27.46 45.88
N ILE D 533 3.76 26.51 45.27
CA ILE D 533 4.95 25.92 45.90
C ILE D 533 6.18 26.79 45.68
N GLY D 534 6.43 27.22 44.43
CA GLY D 534 7.55 28.06 44.12
C GLY D 534 8.76 27.34 43.54
N VAL D 535 8.66 26.02 43.33
CA VAL D 535 9.75 25.23 42.77
C VAL D 535 9.55 24.93 41.29
N ASN D 536 8.66 25.67 40.63
CA ASN D 536 8.34 25.53 39.21
C ASN D 536 7.58 24.23 38.93
N ILE D 537 6.61 24.30 38.03
CA ILE D 537 5.78 23.14 37.71
C ILE D 537 6.44 22.39 36.55
N ALA D 538 7.65 22.81 36.19
CA ALA D 538 8.33 22.37 34.96
C ALA D 538 8.28 20.87 34.71
N PRO D 539 8.62 19.98 35.68
CA PRO D 539 8.50 18.54 35.38
C PRO D 539 7.06 18.11 35.13
N LEU D 540 6.17 18.46 36.07
CA LEU D 540 4.77 18.10 35.91
C LEU D 540 4.12 18.82 34.74
N LEU D 541 4.47 20.10 34.52
CA LEU D 541 3.93 20.82 33.38
C LEU D 541 4.38 20.19 32.06
N ALA D 542 5.66 19.77 32.00
CA ALA D 542 6.15 19.11 30.79
C ALA D 542 5.46 17.76 30.57
N GLY D 543 5.23 17.01 31.65
CA GLY D 543 4.50 15.77 31.52
C GLY D 543 3.08 15.98 31.03
N ALA D 544 2.39 16.98 31.57
CA ALA D 544 1.04 17.30 31.11
C ALA D 544 1.05 17.74 29.66
N GLY D 545 2.06 18.53 29.26
CA GLY D 545 2.16 18.93 27.87
C GLY D 545 2.39 17.76 26.94
N ALA D 546 3.22 16.80 27.35
CA ALA D 546 3.44 15.61 26.55
C ALA D 546 2.17 14.79 26.42
N LEU D 547 1.43 14.63 27.53
CA LEU D 547 0.16 13.91 27.46
C LEU D 547 -0.84 14.61 26.54
N GLY D 548 -0.91 15.94 26.63
CA GLY D 548 -1.79 16.68 25.75
C GLY D 548 -1.38 16.57 24.28
N LEU D 549 -0.07 16.57 24.02
CA LEU D 549 0.40 16.37 22.66
C LEU D 549 0.02 15.00 22.13
N ALA D 550 0.14 13.97 22.98
CA ALA D 550 -0.29 12.63 22.56
C ALA D 550 -1.79 12.60 22.28
N ILE D 551 -2.58 13.26 23.13
CA ILE D 551 -4.03 13.30 22.92
C ILE D 551 -4.37 13.98 21.60
N SER D 552 -3.69 15.11 21.32
CA SER D 552 -3.94 15.83 20.07
C SER D 552 -3.52 14.99 18.87
N PHE D 553 -2.40 14.28 18.98
CA PHE D 553 -1.94 13.44 17.89
C PHE D 553 -2.92 12.30 17.61
N GLY D 554 -3.47 11.70 18.67
CA GLY D 554 -4.39 10.60 18.50
C GLY D 554 -5.78 10.98 18.05
N SER D 555 -6.12 12.26 18.07
CA SER D 555 -7.46 12.72 17.73
C SER D 555 -7.55 13.27 16.31
N GLN D 556 -6.54 13.04 15.48
CA GLN D 556 -6.58 13.52 14.09
C GLN D 556 -7.75 12.90 13.34
N THR D 557 -7.93 11.59 13.48
CA THR D 557 -8.92 10.88 12.70
C THR D 557 -10.34 11.35 13.02
N LEU D 558 -10.61 11.61 14.31
CA LEU D 558 -11.96 11.98 14.72
C LEU D 558 -12.38 13.32 14.11
N VAL D 559 -11.54 14.35 14.25
CA VAL D 559 -11.86 15.64 13.65
C VAL D 559 -11.87 15.51 12.13
N LYS D 560 -11.07 14.60 11.57
CA LYS D 560 -11.13 14.35 10.14
C LYS D 560 -12.50 13.85 9.72
N ASP D 561 -13.05 12.88 10.45
CA ASP D 561 -14.40 12.39 10.13
C ASP D 561 -15.42 13.51 10.27
N ILE D 562 -15.30 14.31 11.34
CA ILE D 562 -16.28 15.37 11.57
C ILE D 562 -16.29 16.36 10.41
N ILE D 563 -15.10 16.83 10.02
CA ILE D 563 -15.01 17.81 8.93
C ILE D 563 -15.48 17.19 7.62
N THR D 564 -15.07 15.95 7.34
CA THR D 564 -15.44 15.31 6.09
C THR D 564 -16.95 15.13 5.99
N GLY D 565 -17.60 14.69 7.06
CA GLY D 565 -19.03 14.54 7.05
C GLY D 565 -19.75 15.88 6.91
N VAL D 566 -19.26 16.90 7.61
CA VAL D 566 -19.87 18.22 7.49
C VAL D 566 -19.80 18.72 6.05
N PHE D 567 -18.65 18.54 5.40
CA PHE D 567 -18.52 18.98 4.02
C PHE D 567 -19.35 18.13 3.07
N ILE D 568 -19.47 16.83 3.34
CA ILE D 568 -20.26 15.96 2.48
C ILE D 568 -21.73 16.35 2.51
N GLN D 569 -22.26 16.61 3.72
CA GLN D 569 -23.65 17.07 3.81
C GLN D 569 -23.83 18.46 3.22
N PHE D 570 -22.77 19.27 3.16
CA PHE D 570 -22.87 20.61 2.60
C PHE D 570 -23.19 20.57 1.12
N GLU D 571 -22.56 19.66 0.38
CA GLU D 571 -22.74 19.57 -1.07
C GLU D 571 -23.86 18.63 -1.46
N ASN D 572 -24.70 18.21 -0.51
CA ASN D 572 -25.81 17.29 -0.78
C ASN D 572 -25.31 15.99 -1.42
N GLY D 573 -24.14 15.53 -0.97
CA GLY D 573 -23.57 14.33 -1.54
C GLY D 573 -24.37 13.08 -1.22
N MET D 574 -24.91 12.99 -0.01
CA MET D 574 -25.59 11.80 0.44
C MET D 574 -26.85 12.17 1.20
N ASN D 575 -27.94 11.47 0.91
CA ASN D 575 -29.17 11.58 1.68
C ASN D 575 -29.49 10.22 2.29
N THR D 576 -30.63 10.10 2.96
CA THR D 576 -31.02 8.86 3.62
C THR D 576 -31.93 8.06 2.69
N GLY D 577 -31.59 6.79 2.48
CA GLY D 577 -32.39 5.90 1.67
C GLY D 577 -31.88 5.70 0.27
N ASP D 578 -30.94 6.52 -0.19
CA ASP D 578 -30.45 6.41 -1.55
C ASP D 578 -29.41 5.30 -1.67
N LEU D 579 -29.22 4.82 -2.89
CA LEU D 579 -28.26 3.76 -3.18
C LEU D 579 -26.91 4.40 -3.50
N VAL D 580 -25.87 3.98 -2.77
CA VAL D 580 -24.53 4.53 -2.92
C VAL D 580 -23.55 3.38 -3.10
N THR D 581 -22.30 3.75 -3.40
CA THR D 581 -21.21 2.79 -3.55
C THR D 581 -19.96 3.41 -2.93
N ILE D 582 -19.57 2.92 -1.76
CA ILE D 582 -18.39 3.41 -1.06
C ILE D 582 -17.35 2.28 -1.10
N GLY D 583 -16.37 2.43 -1.98
CA GLY D 583 -15.38 1.40 -2.17
C GLY D 583 -15.98 0.12 -2.70
N PRO D 584 -15.70 -1.00 -2.02
CA PRO D 584 -16.25 -2.29 -2.45
C PRO D 584 -17.64 -2.60 -1.92
N LEU D 585 -18.36 -1.62 -1.39
CA LEU D 585 -19.66 -1.83 -0.77
C LEU D 585 -20.72 -1.04 -1.53
N THR D 586 -21.85 -1.70 -1.81
CA THR D 586 -23.00 -1.06 -2.43
C THR D 586 -24.23 -1.31 -1.57
N GLY D 587 -24.93 -0.24 -1.20
CA GLY D 587 -26.10 -0.39 -0.36
C GLY D 587 -26.85 0.91 -0.23
N THR D 588 -27.87 0.89 0.63
CA THR D 588 -28.74 2.04 0.86
C THR D 588 -28.37 2.68 2.19
N VAL D 589 -28.24 4.01 2.19
CA VAL D 589 -27.91 4.73 3.41
C VAL D 589 -29.07 4.65 4.38
N GLU D 590 -28.77 4.29 5.63
CA GLU D 590 -29.80 4.17 6.67
C GLU D 590 -29.78 5.34 7.64
N ARG D 591 -28.59 5.73 8.11
CA ARG D 591 -28.47 6.88 8.99
C ARG D 591 -27.03 7.38 8.97
N MET D 592 -26.86 8.67 9.25
CA MET D 592 -25.53 9.28 9.34
C MET D 592 -25.35 9.87 10.72
N SER D 593 -24.27 9.48 11.38
CA SER D 593 -23.91 10.05 12.67
C SER D 593 -22.96 11.24 12.44
N ILE D 594 -22.36 11.73 13.52
CA ILE D 594 -21.42 12.82 13.38
C ILE D 594 -20.06 12.30 12.90
N ARG D 595 -19.78 11.02 13.12
CA ARG D 595 -18.49 10.45 12.79
C ARG D 595 -18.54 9.38 11.70
N SER D 596 -19.69 8.78 11.43
CA SER D 596 -19.78 7.68 10.48
C SER D 596 -21.13 7.72 9.78
N VAL D 597 -21.33 6.76 8.88
CA VAL D 597 -22.59 6.60 8.16
C VAL D 597 -22.92 5.11 8.09
N GLY D 598 -24.18 4.77 8.34
CA GLY D 598 -24.63 3.39 8.29
C GLY D 598 -25.21 3.06 6.93
N VAL D 599 -24.78 1.93 6.39
CA VAL D 599 -25.21 1.47 5.07
C VAL D 599 -25.72 0.04 5.20
N ARG D 600 -26.88 -0.22 4.61
CA ARG D 600 -27.49 -1.55 4.63
C ARG D 600 -27.19 -2.28 3.33
N GLN D 601 -26.51 -3.41 3.44
CA GLN D 601 -26.17 -4.20 2.27
C GLN D 601 -27.34 -5.09 1.87
N ASP D 602 -27.26 -5.65 0.66
CA ASP D 602 -28.31 -6.53 0.17
C ASP D 602 -28.32 -7.90 0.86
N THR D 603 -27.31 -8.21 1.67
CA THR D 603 -27.31 -9.41 2.49
C THR D 603 -27.85 -9.16 3.89
N GLY D 604 -28.31 -7.94 4.18
CA GLY D 604 -28.80 -7.60 5.49
C GLY D 604 -27.77 -7.09 6.46
N ALA D 605 -26.49 -7.15 6.12
CA ALA D 605 -25.45 -6.65 7.02
C ALA D 605 -25.49 -5.14 7.10
N TYR D 606 -25.19 -4.61 8.29
CA TYR D 606 -25.20 -3.18 8.56
C TYR D 606 -23.76 -2.72 8.71
N HIS D 607 -23.32 -1.86 7.79
CA HIS D 607 -21.94 -1.39 7.76
C HIS D 607 -21.84 0.00 8.36
N ILE D 608 -20.84 0.21 9.20
CA ILE D 608 -20.55 1.51 9.80
C ILE D 608 -19.26 2.02 9.18
N ILE D 609 -19.37 3.13 8.44
CA ILE D 609 -18.23 3.67 7.69
C ILE D 609 -17.93 5.09 8.15
N PRO D 610 -16.79 5.32 8.81
CA PRO D 610 -16.44 6.70 9.19
C PRO D 610 -16.18 7.56 7.96
N TRP D 611 -16.37 8.87 8.16
CA TRP D 611 -16.28 9.81 7.04
C TRP D 611 -14.87 9.89 6.49
N SER D 612 -13.85 9.87 7.36
CA SER D 612 -12.48 9.96 6.88
C SER D 612 -12.09 8.72 6.08
N SER D 613 -12.66 7.57 6.41
CA SER D 613 -12.44 6.37 5.59
C SER D 613 -13.04 6.55 4.20
N ILE D 614 -14.04 7.40 4.07
CA ILE D 614 -14.64 7.68 2.76
C ILE D 614 -13.81 8.74 2.05
N THR D 615 -13.36 8.42 0.84
CA THR D 615 -12.68 9.38 -0.01
C THR D 615 -13.43 9.61 -1.32
N THR D 616 -13.86 8.54 -1.99
CA THR D 616 -14.60 8.67 -3.23
C THR D 616 -15.80 7.73 -3.18
N PHE D 617 -16.99 8.26 -3.53
CA PHE D 617 -18.21 7.47 -3.52
C PHE D 617 -19.11 7.92 -4.67
N ALA D 618 -20.02 7.03 -5.04
CA ALA D 618 -20.95 7.25 -6.13
C ALA D 618 -22.38 7.22 -5.60
N ASN D 619 -23.26 8.00 -6.24
CA ASN D 619 -24.66 8.05 -5.88
C ASN D 619 -25.52 7.77 -7.11
N PHE D 620 -26.48 6.86 -6.95
CA PHE D 620 -27.28 6.40 -8.08
C PHE D 620 -28.61 7.12 -8.22
N VAL D 621 -28.98 7.97 -7.26
CA VAL D 621 -30.25 8.68 -7.35
C VAL D 621 -30.12 10.07 -7.96
N ARG D 622 -28.92 10.66 -7.93
CA ARG D 622 -28.71 11.96 -8.54
C ARG D 622 -28.78 11.83 -10.06
N GLY D 623 -29.52 12.73 -10.69
CA GLY D 623 -29.56 12.78 -12.14
C GLY D 623 -30.38 11.65 -12.76
N ILE D 624 -29.76 10.92 -13.67
CA ILE D 624 -30.44 9.93 -14.48
C ILE D 624 -29.79 8.56 -14.34
N GLY D 625 -30.27 7.59 -15.09
CA GLY D 625 -29.66 6.28 -15.15
C GLY D 625 -29.55 5.82 -16.58
N SER D 626 -28.62 4.90 -16.82
CA SER D 626 -28.37 4.41 -18.17
C SER D 626 -27.89 2.97 -18.10
N VAL D 627 -28.03 2.27 -19.22
CA VAL D 627 -27.52 0.91 -19.38
C VAL D 627 -26.64 0.87 -20.62
N VAL D 628 -25.55 0.11 -20.54
CA VAL D 628 -24.71 -0.21 -21.69
C VAL D 628 -24.57 -1.72 -21.73
N ALA D 629 -25.11 -2.36 -22.76
CA ALA D 629 -25.19 -3.81 -22.83
C ALA D 629 -24.29 -4.30 -23.95
N ASN D 630 -23.37 -5.21 -23.62
CA ASN D 630 -22.49 -5.83 -24.59
C ASN D 630 -22.76 -7.32 -24.63
N TYR D 631 -22.95 -7.86 -25.83
CA TYR D 631 -23.26 -9.27 -26.01
C TYR D 631 -22.26 -9.88 -27.00
N ASP D 632 -21.68 -11.00 -26.62
CA ASP D 632 -20.64 -11.64 -27.41
C ASP D 632 -21.25 -12.65 -28.37
N VAL D 633 -20.92 -12.51 -29.65
CA VAL D 633 -21.34 -13.44 -30.70
C VAL D 633 -20.08 -14.02 -31.32
N ASP D 634 -20.11 -15.30 -31.63
CA ASP D 634 -18.91 -15.96 -32.14
C ASP D 634 -18.50 -15.40 -33.50
N ARG D 635 -17.20 -15.53 -33.79
CA ARG D 635 -16.63 -14.90 -34.97
C ARG D 635 -17.12 -15.53 -36.27
N HIS D 636 -17.49 -16.81 -36.23
CA HIS D 636 -17.74 -17.55 -37.47
C HIS D 636 -18.99 -17.03 -38.20
N GLU D 637 -20.00 -16.59 -37.46
CA GLU D 637 -21.20 -16.09 -38.12
C GLU D 637 -20.97 -14.70 -38.68
N ASP D 638 -22.00 -14.18 -39.35
CA ASP D 638 -21.96 -12.88 -39.98
C ASP D 638 -22.62 -11.82 -39.08
N ALA D 639 -22.17 -10.58 -39.25
CA ALA D 639 -22.60 -9.50 -38.38
C ALA D 639 -24.03 -9.06 -38.67
N ASP D 640 -24.43 -9.10 -39.94
CA ASP D 640 -25.74 -8.56 -40.33
C ASP D 640 -26.87 -9.33 -39.67
N LYS D 641 -26.77 -10.66 -39.64
CA LYS D 641 -27.83 -11.46 -39.05
C LYS D 641 -27.91 -11.27 -37.54
N ALA D 642 -26.74 -11.28 -36.87
CA ALA D 642 -26.72 -11.12 -35.42
C ALA D 642 -27.16 -9.72 -35.01
N ASN D 643 -26.71 -8.70 -35.74
CA ASN D 643 -27.12 -7.33 -35.43
C ASN D 643 -28.62 -7.16 -35.65
N GLN D 644 -29.16 -7.76 -36.71
CA GLN D 644 -30.60 -7.70 -36.93
C GLN D 644 -31.36 -8.42 -35.82
N ALA D 645 -30.83 -9.55 -35.35
CA ALA D 645 -31.47 -10.26 -34.25
C ALA D 645 -31.49 -9.40 -32.99
N LEU D 646 -30.37 -8.73 -32.69
CA LEU D 646 -30.33 -7.83 -31.54
C LEU D 646 -31.31 -6.68 -31.71
N LYS D 647 -31.39 -6.12 -32.92
CA LYS D 647 -32.33 -5.03 -33.17
C LYS D 647 -33.77 -5.48 -32.96
N ASP D 648 -34.10 -6.69 -33.44
CA ASP D 648 -35.44 -7.22 -33.22
C ASP D 648 -35.72 -7.46 -31.75
N ALA D 649 -34.72 -7.95 -31.01
CA ALA D 649 -34.88 -8.14 -29.57
C ALA D 649 -35.17 -6.84 -28.86
N VAL D 650 -34.46 -5.77 -29.24
CA VAL D 650 -34.74 -4.45 -28.67
C VAL D 650 -36.13 -3.97 -29.07
N ALA D 651 -36.55 -4.29 -30.30
CA ALA D 651 -37.86 -3.85 -30.77
C ALA D 651 -38.98 -4.46 -29.94
N GLU D 652 -38.88 -5.75 -29.62
CA GLU D 652 -39.88 -6.39 -28.77
C GLU D 652 -39.91 -5.75 -27.40
N LEU D 653 -38.73 -5.39 -26.88
CA LEU D 653 -38.66 -4.71 -25.60
C LEU D 653 -39.37 -3.35 -25.66
N MET D 654 -39.20 -2.62 -26.77
CA MET D 654 -39.76 -1.28 -26.87
C MET D 654 -41.29 -1.30 -26.85
N GLU D 655 -41.90 -2.27 -27.53
CA GLU D 655 -43.36 -2.30 -27.60
C GLU D 655 -43.99 -2.69 -26.27
N ASN D 656 -43.23 -3.27 -25.35
CA ASN D 656 -43.72 -3.45 -23.98
C ASN D 656 -43.94 -2.10 -23.33
N GLU D 657 -45.01 -2.00 -22.53
CA GLU D 657 -45.48 -0.67 -22.13
C GLU D 657 -44.79 -0.12 -20.88
N GLU D 658 -44.70 -0.88 -19.78
CA GLU D 658 -44.05 -0.32 -18.60
C GLU D 658 -42.55 -0.21 -18.80
N ILE D 659 -41.96 -1.16 -19.54
CA ILE D 659 -40.53 -1.07 -19.85
C ILE D 659 -40.25 0.19 -20.67
N ARG D 660 -41.08 0.46 -21.68
CA ARG D 660 -40.92 1.68 -22.46
C ARG D 660 -41.15 2.91 -21.60
N GLY D 661 -42.02 2.79 -20.59
CA GLY D 661 -42.20 3.89 -19.67
C GLY D 661 -40.95 4.16 -18.85
N LEU D 662 -40.21 3.10 -18.52
CA LEU D 662 -38.95 3.29 -17.80
C LEU D 662 -37.90 3.95 -18.69
N ILE D 663 -37.81 3.53 -19.96
CA ILE D 663 -36.81 4.07 -20.86
C ILE D 663 -37.17 5.51 -21.24
N ILE D 664 -36.14 6.32 -21.44
CA ILE D 664 -36.32 7.72 -21.82
C ILE D 664 -35.63 8.00 -23.15
N GLY D 665 -36.38 7.89 -24.25
CA GLY D 665 -35.81 8.16 -25.56
C GLY D 665 -35.80 6.96 -26.48
N GLU D 666 -34.69 6.78 -27.20
CA GLU D 666 -34.55 5.69 -28.15
C GLU D 666 -33.25 4.95 -27.92
N PRO D 667 -33.17 3.66 -28.27
CA PRO D 667 -31.90 2.94 -28.13
C PRO D 667 -30.83 3.45 -29.06
N ASN D 668 -29.58 3.26 -28.65
CA ASN D 668 -28.40 3.69 -29.40
C ASN D 668 -27.63 2.43 -29.79
N PHE D 669 -27.79 1.99 -31.03
CA PHE D 669 -27.09 0.81 -31.53
C PHE D 669 -25.70 1.21 -32.01
N ALA D 670 -24.67 0.50 -31.53
CA ALA D 670 -23.30 0.79 -31.92
C ALA D 670 -22.69 -0.27 -32.82
N GLY D 671 -23.33 -1.43 -32.95
CA GLY D 671 -22.77 -2.47 -33.78
C GLY D 671 -21.59 -3.15 -33.12
N ILE D 672 -20.66 -3.64 -33.95
CA ILE D 672 -19.47 -4.29 -33.42
C ILE D 672 -18.60 -3.26 -32.71
N VAL D 673 -18.20 -3.58 -31.48
CA VAL D 673 -17.40 -2.66 -30.68
C VAL D 673 -16.11 -3.34 -30.25
N GLY D 674 -15.91 -4.58 -30.68
CA GLY D 674 -14.68 -5.29 -30.37
C GLY D 674 -14.60 -6.61 -31.09
N LEU D 675 -13.37 -7.08 -31.27
CA LEU D 675 -13.10 -8.38 -31.89
C LEU D 675 -12.20 -9.18 -30.97
N SER D 676 -12.58 -10.42 -30.70
CA SER D 676 -11.78 -11.34 -29.91
C SER D 676 -11.25 -12.45 -30.79
N ASN D 677 -10.49 -13.36 -30.19
CA ASN D 677 -9.96 -14.48 -30.96
C ASN D 677 -11.03 -15.47 -31.35
N THR D 678 -12.17 -15.47 -30.66
CA THR D 678 -13.24 -16.42 -30.97
C THR D 678 -14.62 -15.78 -30.93
N ALA D 679 -14.73 -14.45 -30.85
CA ALA D 679 -16.02 -13.81 -30.73
C ALA D 679 -15.92 -12.36 -31.16
N PHE D 680 -17.08 -11.75 -31.39
CA PHE D 680 -17.21 -10.32 -31.55
C PHE D 680 -18.39 -9.85 -30.71
N THR D 681 -18.34 -8.59 -30.29
CA THR D 681 -19.31 -8.06 -29.33
C THR D 681 -20.11 -6.93 -29.94
N LEU D 682 -21.41 -6.92 -29.63
CA LEU D 682 -22.34 -5.89 -30.08
C LEU D 682 -22.82 -5.08 -28.89
N ARG D 683 -22.95 -3.76 -29.07
CA ARG D 683 -23.30 -2.86 -27.99
C ARG D 683 -24.59 -2.12 -28.31
N VAL D 684 -25.46 -2.04 -27.31
CA VAL D 684 -26.67 -1.22 -27.38
C VAL D 684 -26.83 -0.53 -26.03
N SER D 685 -27.10 0.77 -26.04
CA SER D 685 -27.17 1.57 -24.82
C SER D 685 -28.48 2.33 -24.75
N PHE D 686 -28.97 2.50 -23.53
CA PHE D 686 -30.20 3.22 -23.25
C PHE D 686 -29.94 4.35 -22.26
N THR D 687 -31.01 5.03 -21.89
CA THR D 687 -31.01 5.98 -20.79
C THR D 687 -32.39 5.95 -20.15
N THR D 688 -32.44 5.61 -18.86
CA THR D 688 -33.70 5.30 -18.19
C THR D 688 -33.86 6.19 -16.96
N LEU D 689 -34.89 5.89 -16.18
CA LEU D 689 -35.11 6.57 -14.92
C LEU D 689 -34.07 6.13 -13.89
N PRO D 690 -33.83 6.95 -12.87
CA PRO D 690 -32.89 6.54 -11.82
C PRO D 690 -33.34 5.26 -11.14
N LEU D 691 -32.37 4.40 -10.81
CA LEU D 691 -32.56 3.14 -10.12
C LEU D 691 -33.40 2.14 -10.90
N LYS D 692 -33.66 2.40 -12.18
CA LYS D 692 -34.44 1.50 -13.01
C LYS D 692 -33.60 0.82 -14.08
N GLN D 693 -32.28 0.98 -14.04
CA GLN D 693 -31.42 0.43 -15.07
C GLN D 693 -31.35 -1.09 -14.99
N TRP D 694 -31.42 -1.65 -13.79
CA TRP D 694 -31.20 -3.09 -13.63
C TRP D 694 -32.39 -3.91 -14.13
N THR D 695 -33.61 -3.44 -13.88
CA THR D 695 -34.78 -4.15 -14.41
C THR D 695 -34.79 -4.15 -15.92
N VAL D 696 -34.48 -2.99 -16.52
CA VAL D 696 -34.38 -2.91 -17.98
C VAL D 696 -33.29 -3.82 -18.49
N ARG D 697 -32.15 -3.87 -17.78
CA ARG D 697 -31.05 -4.74 -18.20
C ARG D 697 -31.46 -6.20 -18.17
N PHE D 698 -32.16 -6.62 -17.12
CA PHE D 698 -32.60 -8.01 -17.03
C PHE D 698 -33.61 -8.36 -18.12
N ALA D 699 -34.57 -7.47 -18.36
CA ALA D 699 -35.53 -7.71 -19.42
C ALA D 699 -34.84 -7.79 -20.78
N LEU D 700 -33.88 -6.89 -21.02
CA LEU D 700 -33.14 -6.90 -22.27
C LEU D 700 -32.34 -8.20 -22.42
N ASP D 701 -31.73 -8.68 -21.34
CA ASP D 701 -31.01 -9.93 -21.40
C ASP D 701 -31.92 -11.09 -21.76
N SER D 702 -33.10 -11.15 -21.14
CA SER D 702 -34.04 -12.23 -21.44
C SER D 702 -34.49 -12.18 -22.89
N GLN D 703 -34.85 -10.99 -23.38
CA GLN D 703 -35.29 -10.87 -24.76
C GLN D 703 -34.17 -11.17 -25.74
N VAL D 704 -32.94 -10.76 -25.41
CA VAL D 704 -31.80 -11.04 -26.28
C VAL D 704 -31.55 -12.54 -26.37
N LYS D 705 -31.61 -13.23 -25.23
CA LYS D 705 -31.45 -14.68 -25.27
C LYS D 705 -32.54 -15.33 -26.12
N LYS D 706 -33.79 -14.90 -25.93
CA LYS D 706 -34.89 -15.50 -26.68
C LYS D 706 -34.72 -15.28 -28.19
N HIS D 707 -34.39 -14.06 -28.58
CA HIS D 707 -34.28 -13.76 -30.00
C HIS D 707 -33.03 -14.36 -30.63
N PHE D 708 -31.94 -14.48 -29.86
CA PHE D 708 -30.76 -15.18 -30.35
C PHE D 708 -31.07 -16.65 -30.59
N ASP D 709 -31.83 -17.26 -29.68
CA ASP D 709 -32.26 -18.65 -29.90
C ASP D 709 -33.16 -18.75 -31.13
N LEU D 710 -34.06 -17.79 -31.31
CA LEU D 710 -34.95 -17.81 -32.47
C LEU D 710 -34.18 -17.68 -33.77
N ALA D 711 -33.21 -16.78 -33.83
CA ALA D 711 -32.48 -16.50 -35.06
C ALA D 711 -31.36 -17.49 -35.34
N GLY D 712 -31.08 -18.40 -34.42
CA GLY D 712 -30.01 -19.35 -34.62
C GLY D 712 -28.61 -18.80 -34.40
N VAL D 713 -28.49 -17.70 -33.65
CA VAL D 713 -27.19 -17.12 -33.36
C VAL D 713 -26.49 -17.98 -32.33
N ARG D 714 -25.22 -18.30 -32.59
CA ARG D 714 -24.44 -19.16 -31.71
C ARG D 714 -23.62 -18.34 -30.73
N ALA D 715 -23.43 -18.91 -29.54
CA ALA D 715 -22.54 -18.35 -28.54
C ALA D 715 -21.09 -18.63 -28.90
N PRO D 716 -20.15 -17.87 -28.35
CA PRO D 716 -18.73 -18.13 -28.64
C PRO D 716 -18.33 -19.54 -28.25
N VAL D 717 -17.52 -20.17 -29.10
CA VAL D 717 -17.11 -21.56 -28.95
C VAL D 717 -15.60 -21.65 -29.09
N GLN D 718 -14.96 -22.42 -28.21
CA GLN D 718 -13.53 -22.66 -28.32
C GLN D 718 -13.23 -23.47 -29.56
N THR D 719 -12.03 -23.28 -30.11
CA THR D 719 -11.59 -23.97 -31.31
C THR D 719 -10.16 -24.46 -31.12
N TYR D 720 -9.86 -25.65 -31.63
CA TYR D 720 -8.51 -26.18 -31.60
C TYR D 720 -8.29 -27.06 -32.81
N GLN D 721 -7.03 -27.44 -33.03
CA GLN D 721 -6.65 -28.37 -34.08
C GLN D 721 -5.73 -29.44 -33.51
N VAL D 722 -5.70 -30.59 -34.16
CA VAL D 722 -4.96 -31.76 -33.68
C VAL D 722 -3.68 -31.90 -34.49
N LEU D 723 -2.57 -32.10 -33.79
CA LEU D 723 -1.26 -32.28 -34.41
C LEU D 723 -0.89 -31.08 -35.28
N ALA E 471 -14.30 48.12 30.91
CA ALA E 471 -13.41 47.19 31.59
C ALA E 471 -13.69 45.75 31.17
N LEU E 472 -13.56 44.83 32.11
CA LEU E 472 -13.86 43.43 31.83
C LEU E 472 -15.32 43.23 31.47
N ILE E 473 -16.21 43.90 32.19
CA ILE E 473 -17.65 43.80 31.89
C ILE E 473 -17.96 44.37 30.52
N LEU E 474 -17.34 45.50 30.17
CA LEU E 474 -17.55 46.08 28.85
C LEU E 474 -17.05 45.16 27.75
N PHE E 475 -15.89 44.52 27.96
CA PHE E 475 -15.41 43.54 27.01
C PHE E 475 -16.32 42.32 26.94
N PHE E 476 -16.86 41.90 28.09
CA PHE E 476 -17.77 40.76 28.11
C PHE E 476 -19.05 41.07 27.33
N SER E 477 -19.56 42.30 27.45
CA SER E 477 -20.73 42.69 26.67
C SER E 477 -20.43 42.70 25.17
N ALA E 478 -19.22 43.10 24.79
CA ALA E 478 -18.84 43.07 23.39
C ALA E 478 -18.84 41.64 22.85
N VAL E 479 -18.39 40.68 23.66
CA VAL E 479 -18.40 39.29 23.24
C VAL E 479 -19.83 38.81 23.01
N GLY E 480 -20.74 39.17 23.92
CA GLY E 480 -22.13 38.80 23.74
C GLY E 480 -22.75 39.43 22.51
N TRP E 481 -22.41 40.69 22.23
CA TRP E 481 -22.91 41.35 21.04
C TRP E 481 -22.42 40.66 19.77
N THR E 482 -21.14 40.28 19.75
CA THR E 482 -20.60 39.58 18.59
C THR E 482 -21.20 38.18 18.45
N VAL E 483 -21.50 37.52 19.56
CA VAL E 483 -22.10 36.19 19.52
C VAL E 483 -23.47 36.24 18.85
N LEU E 484 -24.26 37.25 19.20
CA LEU E 484 -25.57 37.43 18.56
C LEU E 484 -25.42 37.71 17.08
N ALA E 485 -24.42 38.52 16.71
CA ALA E 485 -24.17 38.79 15.30
C ALA E 485 -23.81 37.52 14.54
N SER E 486 -23.00 36.65 15.16
CA SER E 486 -22.69 35.37 14.54
C SER E 486 -23.93 34.49 14.39
N LEU E 487 -24.80 34.49 15.40
CA LEU E 487 -26.07 33.77 15.27
C LEU E 487 -26.94 34.39 14.18
N ILE E 488 -26.95 35.72 14.08
CA ILE E 488 -27.64 36.37 12.97
C ILE E 488 -26.98 36.01 11.64
N GLU E 489 -25.64 35.93 11.62
CA GLU E 489 -24.95 35.45 10.44
C GLU E 489 -25.28 34.00 10.14
N ASN E 490 -25.49 33.20 11.18
CA ASN E 490 -25.96 31.83 10.98
C ASN E 490 -27.35 31.80 10.36
N ARG E 491 -28.22 32.74 10.77
CA ARG E 491 -29.53 32.86 10.13
C ARG E 491 -29.39 33.25 8.66
N LEU E 492 -28.41 34.10 8.34
CA LEU E 492 -28.12 34.39 6.94
C LEU E 492 -27.63 33.14 6.22
N ALA E 493 -26.80 32.34 6.88
CA ALA E 493 -26.37 31.06 6.31
C ALA E 493 -27.55 30.10 6.17
N SER E 494 -28.54 30.21 7.05
CA SER E 494 -29.74 29.38 6.93
C SER E 494 -30.48 29.68 5.64
N ASP E 495 -30.57 30.96 5.27
CA ASP E 495 -31.16 31.36 4.01
C ASP E 495 -30.35 30.80 2.85
N ILE E 496 -29.03 30.87 2.95
CA ILE E 496 -28.13 30.32 1.94
C ILE E 496 -28.32 28.80 1.89
N HIS E 497 -28.34 28.17 3.06
CA HIS E 497 -28.61 26.73 3.13
C HIS E 497 -30.03 26.41 2.69
N GLY E 498 -30.91 27.41 2.76
CA GLY E 498 -32.30 27.22 2.38
C GLY E 498 -32.51 27.01 0.90
N ARG E 499 -31.45 27.18 0.10
CA ARG E 499 -31.56 26.97 -1.33
C ARG E 499 -31.98 25.53 -1.62
N PRO E 500 -32.89 25.30 -2.58
CA PRO E 500 -33.32 23.92 -2.85
C PRO E 500 -32.21 23.00 -3.30
N LEU E 501 -31.18 23.54 -3.96
CA LEU E 501 -30.07 22.70 -4.42
C LEU E 501 -29.37 21.98 -3.26
N PRO E 502 -29.05 22.63 -2.15
CA PRO E 502 -28.37 21.93 -1.04
C PRO E 502 -29.37 21.34 -0.05
N SER E 503 -30.31 20.54 -0.57
CA SER E 503 -31.30 19.82 0.24
C SER E 503 -32.17 20.77 1.05
N ALA E 504 -32.98 20.22 1.96
CA ALA E 504 -33.87 21.01 2.79
C ALA E 504 -33.69 20.73 4.28
N ARG E 505 -32.91 19.71 4.64
CA ARG E 505 -32.65 19.36 6.04
C ARG E 505 -31.44 20.12 6.59
N THR E 506 -31.49 21.45 6.56
CA THR E 506 -30.38 22.27 7.04
C THR E 506 -30.48 22.52 8.53
N ARG E 507 -31.48 21.92 9.18
CA ARG E 507 -31.68 22.11 10.61
C ARG E 507 -30.48 21.59 11.40
N THR E 508 -29.95 20.43 11.00
CA THR E 508 -28.80 19.86 11.70
C THR E 508 -27.57 20.77 11.57
N LEU E 509 -27.34 21.31 10.37
CA LEU E 509 -26.18 22.18 10.17
C LEU E 509 -26.30 23.45 11.00
N LEU E 510 -27.51 24.02 11.07
CA LEU E 510 -27.71 25.23 11.86
C LEU E 510 -27.44 24.98 13.34
N THR E 511 -27.88 23.82 13.84
CA THR E 511 -27.64 23.49 15.25
C THR E 511 -26.16 23.39 15.55
N LEU E 512 -25.39 22.79 14.63
CA LEU E 512 -23.95 22.70 14.82
C LEU E 512 -23.30 24.08 14.85
N PHE E 513 -23.73 24.97 13.96
CA PHE E 513 -23.19 26.33 13.96
C PHE E 513 -23.53 27.07 15.26
N ARG E 514 -24.76 26.91 15.74
CA ARG E 514 -25.15 27.54 16.99
C ARG E 514 -24.33 27.00 18.15
N ASN E 515 -24.11 25.68 18.19
CA ASN E 515 -23.31 25.09 19.25
C ASN E 515 -21.88 25.59 19.19
N ALA E 516 -21.32 25.71 17.98
CA ALA E 516 -19.95 26.21 17.84
C ALA E 516 -19.86 27.67 18.31
N LEU E 517 -20.84 28.49 17.95
CA LEU E 517 -20.84 29.89 18.38
C LEU E 517 -20.94 29.98 19.90
N ALA E 518 -21.81 29.16 20.50
CA ALA E 518 -21.93 29.16 21.96
C ALA E 518 -20.63 28.72 22.63
N VAL E 519 -19.97 27.70 22.05
CA VAL E 519 -18.72 27.21 22.62
C VAL E 519 -17.64 28.29 22.53
N ILE E 520 -17.59 28.99 21.39
CA ILE E 520 -16.61 30.06 21.23
C ILE E 520 -16.86 31.19 22.22
N ILE E 521 -18.12 31.56 22.41
CA ILE E 521 -18.45 32.63 23.35
C ILE E 521 -18.08 32.23 24.76
N SER E 522 -18.41 30.99 25.14
CA SER E 522 -18.07 30.49 26.48
C SER E 522 -16.55 30.46 26.68
N THR E 523 -15.81 30.03 25.66
CA THR E 523 -14.36 30.00 25.77
C THR E 523 -13.78 31.40 25.94
N ILE E 524 -14.31 32.36 25.19
CA ILE E 524 -13.84 33.74 25.31
C ILE E 524 -14.13 34.29 26.70
N THR E 525 -15.34 34.04 27.20
CA THR E 525 -15.71 34.53 28.53
C THR E 525 -14.83 33.90 29.61
N ILE E 526 -14.60 32.59 29.51
CA ILE E 526 -13.76 31.91 30.48
C ILE E 526 -12.33 32.42 30.41
N MET E 527 -11.83 32.70 29.20
CA MET E 527 -10.49 33.23 29.05
C MET E 527 -10.37 34.61 29.70
N ILE E 528 -11.38 35.45 29.51
CA ILE E 528 -11.37 36.77 30.12
C ILE E 528 -11.39 36.64 31.65
N VAL E 529 -12.24 35.76 32.17
CA VAL E 529 -12.35 35.57 33.61
C VAL E 529 -11.02 35.08 34.19
N LEU E 530 -10.40 34.11 33.52
CA LEU E 530 -9.11 33.59 33.96
C LEU E 530 -8.01 34.65 33.89
N SER E 531 -8.01 35.48 32.85
CA SER E 531 -7.02 36.56 32.75
C SER E 531 -7.21 37.56 33.89
N GLU E 532 -8.46 37.81 34.27
CA GLU E 532 -8.76 38.70 35.39
C GLU E 532 -8.65 37.99 36.75
N ILE E 533 -8.38 36.69 36.74
CA ILE E 533 -8.27 35.94 37.99
C ILE E 533 -6.89 36.10 38.63
N GLY E 534 -5.82 35.92 37.86
CA GLY E 534 -4.47 36.07 38.35
C GLY E 534 -3.77 34.77 38.71
N VAL E 535 -4.40 33.62 38.44
CA VAL E 535 -3.82 32.32 38.75
C VAL E 535 -3.30 31.63 37.50
N ASN E 536 -3.11 32.38 36.40
CA ASN E 536 -2.61 31.88 35.13
C ASN E 536 -3.65 31.01 34.43
N ILE E 537 -3.73 31.13 33.11
CA ILE E 537 -4.70 30.37 32.33
C ILE E 537 -4.06 29.08 31.87
N ALA E 538 -2.85 28.81 32.40
CA ALA E 538 -1.98 27.74 31.90
C ALA E 538 -2.67 26.40 31.70
N PRO E 539 -3.46 25.84 32.63
CA PRO E 539 -4.16 24.58 32.34
C PRO E 539 -5.16 24.73 31.21
N LEU E 540 -6.06 25.70 31.33
CA LEU E 540 -7.07 25.92 30.30
C LEU E 540 -6.45 26.39 28.99
N LEU E 541 -5.42 27.23 29.06
CA LEU E 541 -4.73 27.66 27.84
C LEU E 541 -4.07 26.48 27.15
N ALA E 542 -3.45 25.58 27.92
CA ALA E 542 -2.84 24.40 27.33
C ALA E 542 -3.89 23.48 26.71
N GLY E 543 -5.04 23.32 27.38
CA GLY E 543 -6.11 22.54 26.79
C GLY E 543 -6.62 23.12 25.49
N ALA E 544 -6.81 24.45 25.46
CA ALA E 544 -7.23 25.11 24.23
C ALA E 544 -6.18 24.96 23.13
N GLY E 545 -4.90 25.06 23.50
CA GLY E 545 -3.84 24.85 22.52
C GLY E 545 -3.83 23.44 21.95
N ALA E 546 -4.05 22.44 22.81
CA ALA E 546 -4.13 21.06 22.34
C ALA E 546 -5.32 20.87 21.41
N LEU E 547 -6.47 21.45 21.76
CA LEU E 547 -7.64 21.36 20.89
C LEU E 547 -7.37 22.01 19.54
N GLY E 548 -6.73 23.19 19.55
CA GLY E 548 -6.40 23.84 18.29
C GLY E 548 -5.41 23.06 17.47
N LEU E 549 -4.43 22.43 18.13
CA LEU E 549 -3.48 21.57 17.42
C LEU E 549 -4.19 20.40 16.77
N ALA E 550 -5.13 19.78 17.48
CA ALA E 550 -5.89 18.68 16.90
C ALA E 550 -6.71 19.15 15.71
N ILE E 551 -7.33 20.33 15.83
CA ILE E 551 -8.13 20.88 14.72
C ILE E 551 -7.24 21.13 13.51
N SER E 552 -6.06 21.70 13.73
CA SER E 552 -5.13 21.96 12.62
C SER E 552 -4.66 20.66 11.99
N PHE E 553 -4.38 19.65 12.81
CA PHE E 553 -3.93 18.36 12.29
C PHE E 553 -5.01 17.70 11.44
N GLY E 554 -6.26 17.79 11.88
CA GLY E 554 -7.35 17.16 11.16
C GLY E 554 -7.81 17.90 9.91
N SER E 555 -7.34 19.13 9.70
CA SER E 555 -7.77 19.93 8.57
C SER E 555 -6.75 19.96 7.43
N GLN E 556 -5.77 19.06 7.46
CA GLN E 556 -4.77 19.00 6.39
C GLN E 556 -5.45 18.68 5.06
N THR E 557 -6.34 17.69 5.06
CA THR E 557 -6.93 17.23 3.81
C THR E 557 -7.75 18.30 3.14
N LEU E 558 -8.50 19.09 3.93
CA LEU E 558 -9.40 20.09 3.35
C LEU E 558 -8.62 21.17 2.61
N VAL E 559 -7.62 21.75 3.26
CA VAL E 559 -6.80 22.76 2.60
C VAL E 559 -6.04 22.13 1.44
N LYS E 560 -5.71 20.84 1.55
CA LYS E 560 -5.08 20.16 0.42
C LYS E 560 -6.01 20.14 -0.80
N ASP E 561 -7.28 19.80 -0.60
CA ASP E 561 -8.22 19.83 -1.73
C ASP E 561 -8.35 21.23 -2.28
N ILE E 562 -8.44 22.23 -1.39
CA ILE E 562 -8.63 23.60 -1.85
C ILE E 562 -7.47 24.04 -2.74
N ILE E 563 -6.25 23.83 -2.27
CA ILE E 563 -5.07 24.23 -3.04
C ILE E 563 -4.97 23.44 -4.33
N THR E 564 -5.21 22.13 -4.27
CA THR E 564 -5.09 21.31 -5.47
C THR E 564 -6.11 21.72 -6.54
N GLY E 565 -7.35 21.98 -6.13
CA GLY E 565 -8.35 22.43 -7.08
C GLY E 565 -8.03 23.80 -7.65
N VAL E 566 -7.56 24.72 -6.80
CA VAL E 566 -7.18 26.04 -7.29
C VAL E 566 -6.09 25.93 -8.34
N PHE E 567 -5.08 25.09 -8.09
CA PHE E 567 -4.00 24.92 -9.05
C PHE E 567 -4.47 24.21 -10.31
N ILE E 568 -5.40 23.26 -10.18
CA ILE E 568 -5.89 22.54 -11.35
C ILE E 568 -6.65 23.48 -12.27
N GLN E 569 -7.52 24.33 -11.72
CA GLN E 569 -8.19 25.31 -12.55
C GLN E 569 -7.25 26.38 -13.09
N PHE E 570 -6.10 26.58 -12.43
CA PHE E 570 -5.14 27.57 -12.91
C PHE E 570 -4.53 27.16 -14.24
N GLU E 571 -4.25 25.88 -14.42
CA GLU E 571 -3.63 25.38 -15.64
C GLU E 571 -4.63 24.89 -16.67
N ASN E 572 -5.92 25.20 -16.50
CA ASN E 572 -6.97 24.78 -17.42
C ASN E 572 -6.98 23.26 -17.58
N GLY E 573 -6.73 22.55 -16.48
CA GLY E 573 -6.70 21.10 -16.55
C GLY E 573 -8.06 20.50 -16.82
N MET E 574 -9.11 21.03 -16.22
CA MET E 574 -10.45 20.48 -16.33
C MET E 574 -11.45 21.58 -16.60
N ASN E 575 -12.35 21.33 -17.56
CA ASN E 575 -13.51 22.18 -17.77
C ASN E 575 -14.77 21.38 -17.52
N THR E 576 -15.94 21.96 -17.73
CA THR E 576 -17.20 21.28 -17.47
C THR E 576 -17.71 20.67 -18.78
N GLY E 577 -18.03 19.38 -18.72
CA GLY E 577 -18.56 18.66 -19.86
C GLY E 577 -17.57 17.79 -20.60
N ASP E 578 -16.27 17.94 -20.31
CA ASP E 578 -15.27 17.17 -21.03
C ASP E 578 -15.13 15.77 -20.42
N LEU E 579 -14.60 14.86 -21.23
CA LEU E 579 -14.39 13.49 -20.82
C LEU E 579 -13.02 13.36 -20.17
N VAL E 580 -12.99 12.85 -18.95
CA VAL E 580 -11.76 12.73 -18.18
C VAL E 580 -11.62 11.29 -17.68
N THR E 581 -10.46 10.99 -17.10
CA THR E 581 -10.19 9.68 -16.51
C THR E 581 -9.39 9.90 -15.24
N ILE E 582 -10.03 9.74 -14.09
CA ILE E 582 -9.40 9.93 -12.79
C ILE E 582 -9.30 8.53 -12.16
N GLY E 583 -8.12 7.95 -12.20
CA GLY E 583 -7.92 6.61 -11.70
C GLY E 583 -8.71 5.58 -12.47
N PRO E 584 -9.51 4.78 -11.77
CA PRO E 584 -10.32 3.75 -12.44
C PRO E 584 -11.67 4.23 -12.93
N LEU E 585 -11.88 5.55 -13.02
CA LEU E 585 -13.18 6.11 -13.40
C LEU E 585 -13.02 6.94 -14.67
N THR E 586 -13.95 6.75 -15.60
CA THR E 586 -14.01 7.55 -16.83
C THR E 586 -15.40 8.13 -16.97
N GLY E 587 -15.48 9.44 -17.15
CA GLY E 587 -16.77 10.09 -17.27
C GLY E 587 -16.62 11.53 -17.67
N THR E 588 -17.76 12.23 -17.69
CA THR E 588 -17.82 13.63 -18.07
C THR E 588 -17.99 14.50 -16.83
N VAL E 589 -17.18 15.57 -16.74
CA VAL E 589 -17.26 16.48 -15.61
C VAL E 589 -18.59 17.21 -15.63
N GLU E 590 -19.28 17.23 -14.50
CA GLU E 590 -20.58 17.89 -14.38
C GLU E 590 -20.48 19.21 -13.62
N ARG E 591 -19.77 19.23 -12.50
CA ARG E 591 -19.58 20.47 -11.75
C ARG E 591 -18.38 20.31 -10.84
N MET E 592 -17.75 21.44 -10.51
CA MET E 592 -16.61 21.46 -9.59
C MET E 592 -16.96 22.34 -8.40
N SER E 593 -16.81 21.79 -7.20
CA SER E 593 -16.98 22.55 -5.98
C SER E 593 -15.63 23.12 -5.54
N ILE E 594 -15.57 23.64 -4.32
CA ILE E 594 -14.30 24.14 -3.80
C ILE E 594 -13.44 22.99 -3.30
N ARG E 595 -14.06 21.86 -2.95
CA ARG E 595 -13.35 20.74 -2.36
C ARG E 595 -13.35 19.49 -3.22
N SER E 596 -14.26 19.35 -4.17
CA SER E 596 -14.38 18.13 -4.95
C SER E 596 -14.86 18.46 -6.36
N VAL E 597 -15.00 17.42 -7.18
CA VAL E 597 -15.50 17.53 -8.54
C VAL E 597 -16.46 16.39 -8.80
N GLY E 598 -17.59 16.69 -9.44
CA GLY E 598 -18.59 15.69 -9.76
C GLY E 598 -18.38 15.17 -11.18
N VAL E 599 -18.41 13.85 -11.31
CA VAL E 599 -18.20 13.18 -12.59
C VAL E 599 -19.37 12.23 -12.82
N ARG E 600 -19.93 12.26 -14.03
CA ARG E 600 -21.05 11.41 -14.40
C ARG E 600 -20.52 10.22 -15.19
N GLN E 601 -20.76 9.01 -14.67
CA GLN E 601 -20.32 7.80 -15.33
C GLN E 601 -21.32 7.38 -16.40
N ASP E 602 -20.90 6.45 -17.26
CA ASP E 602 -21.77 5.96 -18.32
C ASP E 602 -22.89 5.06 -17.80
N THR E 603 -22.85 4.66 -16.53
CA THR E 603 -23.96 3.94 -15.90
C THR E 603 -24.93 4.86 -15.19
N GLY E 604 -24.72 6.16 -15.26
CA GLY E 604 -25.58 7.12 -14.59
C GLY E 604 -25.19 7.46 -13.17
N ALA E 605 -24.19 6.77 -12.62
CA ALA E 605 -23.76 7.07 -11.26
C ALA E 605 -23.02 8.41 -11.21
N TYR E 606 -23.20 9.13 -10.12
CA TYR E 606 -22.60 10.44 -9.92
C TYR E 606 -21.50 10.31 -8.87
N HIS E 607 -20.25 10.52 -9.28
CA HIS E 607 -19.10 10.36 -8.40
C HIS E 607 -18.64 11.71 -7.89
N ILE E 608 -18.32 11.77 -6.60
CA ILE E 608 -17.78 12.96 -5.96
C ILE E 608 -16.34 12.68 -5.58
N ILE E 609 -15.41 13.38 -6.24
CA ILE E 609 -13.99 13.13 -6.06
C ILE E 609 -13.30 14.37 -5.51
N PRO E 610 -12.78 14.34 -4.29
CA PRO E 610 -12.04 15.48 -3.76
C PRO E 610 -10.76 15.70 -4.52
N TRP E 611 -10.30 16.96 -4.51
CA TRP E 611 -9.13 17.33 -5.29
C TRP E 611 -7.87 16.65 -4.79
N SER E 612 -7.71 16.53 -3.47
CA SER E 612 -6.53 15.87 -2.94
C SER E 612 -6.48 14.40 -3.29
N SER E 613 -7.64 13.75 -3.42
CA SER E 613 -7.67 12.37 -3.89
C SER E 613 -7.19 12.27 -5.33
N ILE E 614 -7.30 13.35 -6.10
CA ILE E 614 -6.81 13.36 -7.47
C ILE E 614 -5.31 13.64 -7.46
N THR E 615 -4.54 12.76 -8.09
CA THR E 615 -3.10 12.94 -8.22
C THR E 615 -2.65 12.86 -9.68
N THR E 616 -3.43 12.21 -10.54
CA THR E 616 -3.11 12.13 -11.96
C THR E 616 -4.39 11.83 -12.72
N PHE E 617 -4.65 12.61 -13.78
CA PHE E 617 -5.85 12.45 -14.57
C PHE E 617 -5.53 12.77 -16.03
N ALA E 618 -6.38 12.26 -16.92
CA ALA E 618 -6.25 12.45 -18.35
C ALA E 618 -7.47 13.17 -18.90
N ASN E 619 -7.26 13.99 -19.93
CA ASN E 619 -8.32 14.73 -20.57
C ASN E 619 -8.34 14.42 -22.06
N PHE E 620 -9.53 14.05 -22.56
CA PHE E 620 -9.67 13.60 -23.93
C PHE E 620 -10.06 14.71 -24.91
N VAL E 621 -10.37 15.90 -24.42
CA VAL E 621 -10.75 16.99 -25.31
C VAL E 621 -9.58 17.90 -25.68
N ARG E 622 -8.53 17.92 -24.87
CA ARG E 622 -7.35 18.71 -25.21
C ARG E 622 -6.63 18.10 -26.40
N GLY E 623 -6.28 18.94 -27.38
CA GLY E 623 -5.49 18.47 -28.49
C GLY E 623 -6.29 17.65 -29.50
N ILE E 624 -5.78 16.45 -29.76
CA ILE E 624 -6.32 15.61 -30.83
C ILE E 624 -6.72 14.25 -30.28
N GLY E 625 -7.15 13.35 -31.17
CA GLY E 625 -7.41 11.98 -30.80
C GLY E 625 -6.80 11.05 -31.82
N SER E 626 -6.53 9.81 -31.39
CA SER E 626 -5.89 8.85 -32.26
C SER E 626 -6.37 7.45 -31.90
N VAL E 627 -6.21 6.53 -32.84
CA VAL E 627 -6.51 5.12 -32.62
C VAL E 627 -5.29 4.30 -33.00
N VAL E 628 -5.05 3.23 -32.24
CA VAL E 628 -4.03 2.24 -32.56
C VAL E 628 -4.73 0.89 -32.49
N ALA E 629 -4.88 0.23 -33.62
CA ALA E 629 -5.65 -1.00 -33.72
C ALA E 629 -4.73 -2.17 -34.00
N ASN E 630 -4.79 -3.19 -33.15
CA ASN E 630 -4.01 -4.40 -33.31
C ASN E 630 -4.97 -5.57 -33.50
N TYR E 631 -4.71 -6.37 -34.55
CA TYR E 631 -5.55 -7.51 -34.87
C TYR E 631 -4.70 -8.75 -34.96
N ASP E 632 -5.12 -9.82 -34.31
CA ASP E 632 -4.35 -11.05 -34.23
C ASP E 632 -4.75 -12.01 -35.34
N VAL E 633 -3.77 -12.48 -36.10
CA VAL E 633 -3.96 -13.49 -37.13
C VAL E 633 -3.10 -14.69 -36.77
N ASP E 634 -3.64 -15.90 -36.98
CA ASP E 634 -2.92 -17.09 -36.56
C ASP E 634 -1.64 -17.27 -37.38
N ARG E 635 -0.69 -17.98 -36.78
CA ARG E 635 0.66 -18.07 -37.33
C ARG E 635 0.69 -18.83 -38.65
N HIS E 636 -0.24 -19.76 -38.84
CA HIS E 636 -0.12 -20.70 -39.95
C HIS E 636 -0.26 -20.03 -41.31
N GLU E 637 -1.11 -19.02 -41.44
CA GLU E 637 -1.27 -18.36 -42.72
C GLU E 637 -0.09 -17.43 -42.99
N ASP E 638 -0.08 -16.87 -44.20
CA ASP E 638 1.00 -15.99 -44.65
C ASP E 638 0.65 -14.54 -44.38
N ALA E 639 1.69 -13.73 -44.22
CA ALA E 639 1.50 -12.33 -43.83
C ALA E 639 1.00 -11.47 -44.98
N ASP E 640 1.43 -11.77 -46.21
CA ASP E 640 1.09 -10.91 -47.34
C ASP E 640 -0.41 -10.88 -47.60
N LYS E 641 -1.07 -12.02 -47.50
CA LYS E 641 -2.51 -12.08 -47.74
C LYS E 641 -3.28 -11.36 -46.64
N ALA E 642 -2.92 -11.60 -45.38
CA ALA E 642 -3.62 -10.97 -44.26
C ALA E 642 -3.37 -9.47 -44.24
N ASN E 643 -2.13 -9.04 -44.50
CA ASN E 643 -1.84 -7.62 -44.53
C ASN E 643 -2.59 -6.93 -45.67
N GLN E 644 -2.68 -7.60 -46.83
CA GLN E 644 -3.45 -7.04 -47.94
C GLN E 644 -4.93 -6.95 -47.59
N ALA E 645 -5.45 -7.96 -46.90
CA ALA E 645 -6.85 -7.90 -46.47
C ALA E 645 -7.10 -6.74 -45.53
N LEU E 646 -6.18 -6.53 -44.58
CA LEU E 646 -6.31 -5.38 -43.68
C LEU E 646 -6.23 -4.07 -44.45
N LYS E 647 -5.31 -3.98 -45.41
CA LYS E 647 -5.19 -2.77 -46.22
C LYS E 647 -6.48 -2.50 -47.00
N ASP E 648 -7.08 -3.54 -47.57
CA ASP E 648 -8.34 -3.38 -48.28
C ASP E 648 -9.45 -2.95 -47.34
N ALA E 649 -9.47 -3.50 -46.13
CA ALA E 649 -10.48 -3.10 -45.15
C ALA E 649 -10.34 -1.63 -44.79
N VAL E 650 -9.11 -1.14 -44.61
CA VAL E 650 -8.91 0.28 -44.38
C VAL E 650 -9.32 1.10 -45.59
N ALA E 651 -9.08 0.57 -46.81
CA ALA E 651 -9.43 1.30 -48.01
C ALA E 651 -10.94 1.53 -48.10
N GLU E 652 -11.74 0.51 -47.78
CA GLU E 652 -13.19 0.67 -47.79
C GLU E 652 -13.62 1.70 -46.75
N LEU E 653 -12.95 1.70 -45.60
CA LEU E 653 -13.23 2.71 -44.58
C LEU E 653 -12.91 4.10 -45.09
N MET E 654 -11.80 4.26 -45.82
CA MET E 654 -11.38 5.58 -46.29
C MET E 654 -12.40 6.16 -47.28
N GLU E 655 -12.91 5.33 -48.18
CA GLU E 655 -13.82 5.84 -49.21
C GLU E 655 -15.15 6.30 -48.63
N ASN E 656 -15.48 5.90 -47.41
CA ASN E 656 -16.65 6.46 -46.74
C ASN E 656 -16.46 7.95 -46.50
N GLU E 657 -17.56 8.69 -46.46
CA GLU E 657 -17.47 10.15 -46.45
C GLU E 657 -17.37 10.72 -45.03
N GLU E 658 -18.32 10.43 -44.15
CA GLU E 658 -18.27 11.01 -42.81
C GLU E 658 -17.10 10.44 -42.02
N ILE E 659 -16.80 9.15 -42.20
CA ILE E 659 -15.68 8.55 -41.49
C ILE E 659 -14.37 9.21 -41.91
N ARG E 660 -14.18 9.40 -43.22
CA ARG E 660 -12.98 10.10 -43.69
C ARG E 660 -12.97 11.54 -43.21
N GLY E 661 -14.15 12.13 -43.03
CA GLY E 661 -14.20 13.46 -42.43
C GLY E 661 -13.70 13.47 -41.00
N LEU E 662 -13.99 12.40 -40.26
CA LEU E 662 -13.48 12.29 -38.90
C LEU E 662 -11.97 12.11 -38.87
N ILE E 663 -11.44 11.30 -39.78
CA ILE E 663 -10.00 11.04 -39.82
C ILE E 663 -9.25 12.27 -40.33
N ILE E 664 -8.04 12.47 -39.82
CA ILE E 664 -7.21 13.59 -40.22
C ILE E 664 -5.89 13.08 -40.78
N GLY E 665 -5.82 12.90 -42.10
CA GLY E 665 -4.61 12.45 -42.74
C GLY E 665 -4.73 11.10 -43.42
N GLU E 666 -3.72 10.25 -43.24
CA GLU E 666 -3.68 8.95 -43.88
C GLU E 666 -3.36 7.87 -42.85
N PRO E 667 -3.81 6.63 -43.07
CA PRO E 667 -3.47 5.56 -42.13
C PRO E 667 -1.99 5.23 -42.15
N ASN E 668 -1.52 4.70 -41.01
CA ASN E 668 -0.13 4.31 -40.83
C ASN E 668 -0.10 2.80 -40.61
N PHE E 669 0.33 2.06 -41.63
CA PHE E 669 0.42 0.61 -41.55
C PHE E 669 1.79 0.21 -41.01
N ALA E 670 1.80 -0.62 -39.97
CA ALA E 670 3.05 -1.06 -39.37
C ALA E 670 3.38 -2.52 -39.65
N GLY E 671 2.43 -3.28 -40.19
CA GLY E 671 2.70 -4.68 -40.46
C GLY E 671 2.72 -5.50 -39.19
N ILE E 672 3.50 -6.58 -39.21
CA ILE E 672 3.61 -7.44 -38.03
C ILE E 672 4.32 -6.69 -36.93
N VAL E 673 3.72 -6.68 -35.73
CA VAL E 673 4.29 -5.95 -34.61
C VAL E 673 4.50 -6.90 -33.43
N GLY E 674 4.25 -8.20 -33.65
CA GLY E 674 4.48 -9.17 -32.60
C GLY E 674 4.23 -10.58 -33.09
N LEU E 675 4.84 -11.53 -32.39
CA LEU E 675 4.68 -12.95 -32.69
C LEU E 675 4.35 -13.69 -31.41
N SER E 676 3.31 -14.52 -31.46
CA SER E 676 2.93 -15.37 -30.35
C SER E 676 3.14 -16.83 -30.74
N ASN E 677 2.83 -17.73 -29.80
CA ASN E 677 2.95 -19.15 -30.08
C ASN E 677 1.92 -19.63 -31.08
N THR E 678 0.77 -18.94 -31.17
CA THR E 678 -0.28 -19.37 -32.09
C THR E 678 -0.83 -18.23 -32.94
N ALA E 679 -0.20 -17.07 -32.95
CA ALA E 679 -0.74 -15.94 -33.70
C ALA E 679 0.35 -14.91 -33.96
N PHE E 680 0.05 -14.01 -34.89
CA PHE E 680 0.83 -12.80 -35.10
C PHE E 680 -0.15 -11.63 -35.25
N THR E 681 0.32 -10.44 -34.91
CA THR E 681 -0.54 -9.27 -34.80
C THR E 681 -0.12 -8.20 -35.81
N LEU E 682 -1.12 -7.55 -36.41
CA LEU E 682 -0.92 -6.47 -37.36
C LEU E 682 -1.46 -5.18 -36.77
N ARG E 683 -0.75 -4.08 -37.00
CA ARG E 683 -1.08 -2.79 -36.40
C ARG E 683 -1.36 -1.76 -37.49
N VAL E 684 -2.41 -0.98 -37.29
CA VAL E 684 -2.72 0.19 -38.11
C VAL E 684 -3.18 1.30 -37.19
N SER E 685 -2.71 2.52 -37.43
CA SER E 685 -2.98 3.65 -36.55
C SER E 685 -3.46 4.85 -37.35
N PHE E 686 -4.32 5.64 -36.73
CA PHE E 686 -4.89 6.84 -37.32
C PHE E 686 -4.66 8.03 -36.40
N THR E 687 -5.18 9.18 -36.82
CA THR E 687 -5.28 10.36 -35.97
C THR E 687 -6.54 11.12 -36.37
N THR E 688 -7.47 11.26 -35.44
CA THR E 688 -8.82 11.73 -35.74
C THR E 688 -9.13 12.98 -34.92
N LEU E 689 -10.37 13.42 -35.01
CA LEU E 689 -10.84 14.52 -34.19
C LEU E 689 -10.98 14.09 -32.74
N PRO E 690 -10.95 15.03 -31.80
CA PRO E 690 -11.15 14.66 -30.40
C PRO E 690 -12.50 14.00 -30.18
N LEU E 691 -12.51 13.00 -29.28
CA LEU E 691 -13.69 12.25 -28.88
C LEU E 691 -14.33 11.47 -30.02
N LYS E 692 -13.67 11.37 -31.17
CA LYS E 692 -14.19 10.63 -32.31
C LYS E 692 -13.42 9.35 -32.56
N GLN E 693 -12.49 8.98 -31.69
CA GLN E 693 -11.67 7.80 -31.92
C GLN E 693 -12.47 6.51 -31.80
N TRP E 694 -13.48 6.48 -30.94
CA TRP E 694 -14.19 5.24 -30.67
C TRP E 694 -15.11 4.85 -31.82
N THR E 695 -15.80 5.81 -32.43
CA THR E 695 -16.63 5.50 -33.59
C THR E 695 -15.79 4.99 -34.75
N VAL E 696 -14.64 5.63 -35.00
CA VAL E 696 -13.74 5.16 -36.03
C VAL E 696 -13.24 3.75 -35.70
N ARG E 697 -12.92 3.50 -34.43
CA ARG E 697 -12.46 2.18 -34.03
C ARG E 697 -13.52 1.12 -34.27
N PHE E 698 -14.77 1.41 -33.93
CA PHE E 698 -15.84 0.44 -34.14
C PHE E 698 -16.07 0.18 -35.62
N ALA E 699 -16.09 1.24 -36.43
CA ALA E 699 -16.24 1.05 -37.87
C ALA E 699 -15.10 0.24 -38.46
N LEU E 700 -13.87 0.52 -38.01
CA LEU E 700 -12.71 -0.22 -38.47
C LEU E 700 -12.80 -1.69 -38.08
N ASP E 701 -13.27 -1.97 -36.85
CA ASP E 701 -13.43 -3.35 -36.42
C ASP E 701 -14.43 -4.08 -37.29
N SER E 702 -15.57 -3.44 -37.58
CA SER E 702 -16.58 -4.08 -38.42
C SER E 702 -16.04 -4.36 -39.81
N GLN E 703 -15.38 -3.37 -40.42
CA GLN E 703 -14.84 -3.57 -41.77
C GLN E 703 -13.74 -4.62 -41.77
N VAL E 704 -12.92 -4.65 -40.73
CA VAL E 704 -11.85 -5.64 -40.65
C VAL E 704 -12.42 -7.04 -40.55
N LYS E 705 -13.47 -7.22 -39.73
CA LYS E 705 -14.11 -8.52 -39.64
C LYS E 705 -14.70 -8.94 -40.99
N LYS E 706 -15.38 -8.01 -41.66
CA LYS E 706 -15.99 -8.32 -42.95
C LYS E 706 -14.94 -8.73 -43.97
N HIS E 707 -13.84 -7.97 -44.06
CA HIS E 707 -12.84 -8.25 -45.07
C HIS E 707 -12.01 -9.49 -44.73
N PHE E 708 -11.81 -9.76 -43.44
CA PHE E 708 -11.14 -11.00 -43.05
C PHE E 708 -12.00 -12.20 -43.41
N ASP E 709 -13.32 -12.10 -43.23
CA ASP E 709 -14.21 -13.16 -43.67
C ASP E 709 -14.16 -13.32 -45.18
N LEU E 710 -14.12 -12.20 -45.92
CA LEU E 710 -14.08 -12.27 -47.38
C LEU E 710 -12.80 -12.93 -47.86
N ALA E 711 -11.66 -12.57 -47.28
CA ALA E 711 -10.37 -13.06 -47.75
C ALA E 711 -10.02 -14.44 -47.22
N GLY E 712 -10.84 -15.01 -46.34
CA GLY E 712 -10.54 -16.32 -45.79
C GLY E 712 -9.47 -16.32 -44.72
N VAL E 713 -9.21 -15.18 -44.09
CA VAL E 713 -8.21 -15.10 -43.03
C VAL E 713 -8.77 -15.77 -41.78
N ARG E 714 -7.97 -16.63 -41.16
CA ARG E 714 -8.41 -17.38 -39.99
C ARG E 714 -8.00 -16.68 -38.70
N ALA E 715 -8.83 -16.85 -37.67
CA ALA E 715 -8.53 -16.38 -36.33
C ALA E 715 -7.57 -17.34 -35.64
N PRO E 716 -6.87 -16.89 -34.60
CA PRO E 716 -5.96 -17.78 -33.89
C PRO E 716 -6.69 -19.00 -33.33
N VAL E 717 -6.04 -20.16 -33.45
CA VAL E 717 -6.61 -21.44 -33.06
C VAL E 717 -5.60 -22.18 -32.19
N GLN E 718 -6.06 -22.76 -31.10
CA GLN E 718 -5.20 -23.57 -30.25
C GLN E 718 -4.75 -24.82 -30.98
N THR E 719 -3.56 -25.31 -30.64
CA THR E 719 -3.00 -26.49 -31.27
C THR E 719 -2.38 -27.39 -30.21
N TYR E 720 -2.56 -28.70 -30.37
CA TYR E 720 -1.92 -29.66 -29.49
C TYR E 720 -1.60 -30.93 -30.26
N GLN E 721 -0.93 -31.85 -29.60
CA GLN E 721 -0.65 -33.19 -30.13
C GLN E 721 -0.94 -34.23 -29.07
N VAL E 722 -1.24 -35.44 -29.52
CA VAL E 722 -1.63 -36.53 -28.64
C VAL E 722 -0.46 -37.50 -28.48
N LEU E 723 -0.19 -37.90 -27.24
CA LEU E 723 0.91 -38.80 -26.90
C LEU E 723 2.25 -38.22 -27.35
N ALA F 471 -0.54 57.27 14.03
CA ALA F 471 -0.83 56.35 15.14
C ALA F 471 -1.55 55.11 14.63
N LEU F 472 -2.48 54.60 15.44
CA LEU F 472 -3.25 53.42 15.03
C LEU F 472 -4.11 53.73 13.81
N ILE F 473 -4.72 54.91 13.77
CA ILE F 473 -5.54 55.29 12.62
C ILE F 473 -4.68 55.42 11.37
N LEU F 474 -3.49 56.01 11.50
CA LEU F 474 -2.59 56.12 10.36
C LEU F 474 -2.16 54.76 9.85
N PHE F 475 -1.86 53.82 10.77
CA PHE F 475 -1.56 52.46 10.37
C PHE F 475 -2.75 51.78 9.73
N PHE F 476 -3.96 52.03 10.25
CA PHE F 476 -5.15 51.44 9.67
C PHE F 476 -5.38 51.95 8.25
N SER F 477 -5.13 53.23 8.01
CA SER F 477 -5.25 53.77 6.66
C SER F 477 -4.24 53.14 5.71
N ALA F 478 -3.02 52.85 6.21
CA ALA F 478 -2.03 52.18 5.38
C ALA F 478 -2.49 50.78 4.98
N VAL F 479 -3.16 50.08 5.89
CA VAL F 479 -3.69 48.76 5.57
C VAL F 479 -4.72 48.85 4.47
N GLY F 480 -5.62 49.84 4.56
CA GLY F 480 -6.62 50.04 3.52
C GLY F 480 -6.01 50.39 2.18
N TRP F 481 -4.95 51.21 2.19
CA TRP F 481 -4.27 51.56 0.95
C TRP F 481 -3.62 50.33 0.32
N THR F 482 -2.99 49.49 1.15
CA THR F 482 -2.38 48.26 0.62
C THR F 482 -3.43 47.29 0.12
N VAL F 483 -4.60 47.24 0.78
CA VAL F 483 -5.67 46.34 0.34
C VAL F 483 -6.14 46.70 -1.06
N LEU F 484 -6.30 48.00 -1.32
CA LEU F 484 -6.69 48.45 -2.65
C LEU F 484 -5.63 48.11 -3.68
N ALA F 485 -4.35 48.25 -3.30
CA ALA F 485 -3.27 47.89 -4.21
C ALA F 485 -3.30 46.41 -4.55
N SER F 486 -3.59 45.57 -3.55
CA SER F 486 -3.72 44.14 -3.81
C SER F 486 -4.90 43.85 -4.73
N LEU F 487 -6.03 44.55 -4.55
CA LEU F 487 -7.14 44.41 -5.47
C LEU F 487 -6.78 44.91 -6.86
N ILE F 488 -6.01 46.00 -6.95
CA ILE F 488 -5.50 46.44 -8.24
C ILE F 488 -4.53 45.41 -8.81
N GLU F 489 -3.71 44.79 -7.96
CA GLU F 489 -2.87 43.70 -8.41
C GLU F 489 -3.70 42.50 -8.85
N ASN F 490 -4.83 42.26 -8.20
CA ASN F 490 -5.75 41.22 -8.66
C ASN F 490 -6.32 41.55 -10.03
N ARG F 491 -6.61 42.84 -10.28
CA ARG F 491 -7.02 43.26 -11.61
C ARG F 491 -5.93 43.01 -12.64
N LEU F 492 -4.66 43.24 -12.27
CA LEU F 492 -3.56 42.86 -13.14
C LEU F 492 -3.52 41.35 -13.37
N ALA F 493 -3.76 40.57 -12.31
CA ALA F 493 -3.85 39.13 -12.46
C ALA F 493 -5.04 38.73 -13.32
N SER F 494 -6.11 39.53 -13.31
CA SER F 494 -7.25 39.26 -14.16
C SER F 494 -6.87 39.37 -15.63
N ASP F 495 -6.04 40.36 -15.98
CA ASP F 495 -5.52 40.50 -17.33
C ASP F 495 -4.65 39.30 -17.68
N ILE F 496 -3.81 38.87 -16.73
CA ILE F 496 -2.98 37.69 -16.91
C ILE F 496 -3.88 36.47 -17.08
N HIS F 497 -4.88 36.34 -16.21
CA HIS F 497 -5.84 35.26 -16.33
C HIS F 497 -6.68 35.41 -17.60
N GLY F 498 -6.75 36.64 -18.11
CA GLY F 498 -7.53 36.92 -19.31
C GLY F 498 -6.96 36.30 -20.57
N ARG F 499 -5.77 35.73 -20.49
CA ARG F 499 -5.16 35.10 -21.64
C ARG F 499 -6.04 33.94 -22.13
N PRO F 500 -6.22 33.79 -23.45
CA PRO F 500 -7.09 32.70 -23.94
C PRO F 500 -6.62 31.32 -23.54
N LEU F 501 -5.31 31.13 -23.37
CA LEU F 501 -4.79 29.81 -22.99
C LEU F 501 -5.36 29.32 -21.66
N PRO F 502 -5.41 30.13 -20.61
CA PRO F 502 -5.98 29.66 -19.33
C PRO F 502 -7.48 29.90 -19.21
N SER F 503 -8.22 29.42 -20.23
CA SER F 503 -9.68 29.49 -20.25
C SER F 503 -10.19 30.93 -20.21
N ALA F 504 -11.50 31.10 -20.04
CA ALA F 504 -12.11 32.41 -19.98
C ALA F 504 -12.95 32.62 -18.73
N ARG F 505 -13.19 31.56 -17.96
CA ARG F 505 -13.97 31.66 -16.72
C ARG F 505 -13.08 32.00 -15.52
N THR F 506 -12.40 33.14 -15.57
CA THR F 506 -11.51 33.56 -14.51
C THR F 506 -12.27 34.33 -13.42
N ARG F 507 -13.59 34.46 -13.59
CA ARG F 507 -14.40 35.19 -12.63
C ARG F 507 -14.34 34.54 -11.25
N THR F 508 -14.40 33.21 -11.21
CA THR F 508 -14.35 32.50 -9.94
C THR F 508 -13.01 32.73 -9.24
N LEU F 509 -11.91 32.67 -10.00
CA LEU F 509 -10.59 32.88 -9.40
C LEU F 509 -10.44 34.29 -8.85
N LEU F 510 -10.95 35.29 -9.57
CA LEU F 510 -10.87 36.67 -9.11
C LEU F 510 -11.65 36.86 -7.81
N THR F 511 -12.83 36.23 -7.70
CA THR F 511 -13.63 36.33 -6.49
C THR F 511 -12.89 35.76 -5.30
N LEU F 512 -12.20 34.63 -5.49
CA LEU F 512 -11.43 34.04 -4.40
C LEU F 512 -10.31 34.96 -3.96
N PHE F 513 -9.61 35.58 -4.91
CA PHE F 513 -8.53 36.51 -4.58
C PHE F 513 -9.08 37.71 -3.81
N ARG F 514 -10.22 38.24 -4.26
CA ARG F 514 -10.83 39.38 -3.55
C ARG F 514 -11.22 38.99 -2.13
N ASN F 515 -11.81 37.80 -1.96
CA ASN F 515 -12.19 37.34 -0.64
C ASN F 515 -10.97 37.17 0.26
N ALA F 516 -9.89 36.62 -0.30
CA ALA F 516 -8.66 36.46 0.48
C ALA F 516 -8.08 37.80 0.89
N LEU F 517 -8.08 38.78 -0.02
CA LEU F 517 -7.58 40.10 0.32
C LEU F 517 -8.42 40.75 1.40
N ALA F 518 -9.75 40.62 1.30
CA ALA F 518 -10.63 41.17 2.31
C ALA F 518 -10.40 40.50 3.67
N VAL F 519 -10.21 39.18 3.66
CA VAL F 519 -9.97 38.46 4.92
C VAL F 519 -8.66 38.91 5.54
N ILE F 520 -7.63 39.09 4.71
CA ILE F 520 -6.33 39.53 5.23
C ILE F 520 -6.44 40.93 5.82
N ILE F 521 -7.15 41.83 5.13
CA ILE F 521 -7.32 43.19 5.62
C ILE F 521 -8.08 43.20 6.95
N SER F 522 -9.15 42.40 7.02
CA SER F 522 -9.92 42.32 8.26
C SER F 522 -9.09 41.76 9.39
N THR F 523 -8.28 40.72 9.11
CA THR F 523 -7.43 40.15 10.13
C THR F 523 -6.41 41.16 10.64
N ILE F 524 -5.81 41.93 9.73
CA ILE F 524 -4.84 42.94 10.13
C ILE F 524 -5.50 44.01 10.98
N THR F 525 -6.68 44.48 10.58
CA THR F 525 -7.38 45.50 11.35
C THR F 525 -7.75 44.98 12.73
N ILE F 526 -8.25 43.75 12.82
CA ILE F 526 -8.61 43.17 14.10
C ILE F 526 -7.38 42.99 14.98
N MET F 527 -6.25 42.60 14.39
CA MET F 527 -5.01 42.46 15.14
C MET F 527 -4.56 43.80 15.71
N ILE F 528 -4.65 44.86 14.90
CA ILE F 528 -4.29 46.18 15.39
C ILE F 528 -5.20 46.62 16.52
N VAL F 529 -6.50 46.39 16.37
CA VAL F 529 -7.47 46.78 17.39
C VAL F 529 -7.19 46.03 18.69
N LEU F 530 -6.95 44.72 18.59
CA LEU F 530 -6.64 43.92 19.77
C LEU F 530 -5.33 44.34 20.42
N SER F 531 -4.31 44.69 19.63
CA SER F 531 -3.06 45.16 20.21
C SER F 531 -3.26 46.49 20.94
N GLU F 532 -4.14 47.34 20.43
CA GLU F 532 -4.46 48.60 21.08
C GLU F 532 -5.52 48.43 22.17
N ILE F 533 -6.04 47.23 22.35
CA ILE F 533 -7.05 46.98 23.37
C ILE F 533 -6.43 46.77 24.75
N GLY F 534 -5.41 45.92 24.84
CA GLY F 534 -4.73 45.66 26.09
C GLY F 534 -5.16 44.40 26.81
N VAL F 535 -6.08 43.62 26.23
CA VAL F 535 -6.57 42.40 26.84
C VAL F 535 -5.91 41.17 26.24
N ASN F 536 -4.78 41.35 25.53
CA ASN F 536 -4.02 40.28 24.89
C ASN F 536 -4.76 39.71 23.69
N ILE F 537 -4.04 39.39 22.63
CA ILE F 537 -4.63 38.88 21.40
C ILE F 537 -4.65 37.36 21.49
N ALA F 538 -4.30 36.83 22.67
CA ALA F 538 -4.03 35.40 22.86
C ALA F 538 -5.08 34.46 22.25
N PRO F 539 -6.40 34.64 22.46
CA PRO F 539 -7.37 33.76 21.79
C PRO F 539 -7.31 33.88 20.27
N LEU F 540 -7.45 35.11 19.78
CA LEU F 540 -7.41 35.34 18.33
C LEU F 540 -6.04 35.03 17.75
N LEU F 541 -4.96 35.35 18.47
CA LEU F 541 -3.63 35.02 17.99
C LEU F 541 -3.44 33.51 17.89
N ALA F 542 -3.95 32.77 18.89
CA ALA F 542 -3.87 31.32 18.84
C ALA F 542 -4.69 30.74 17.69
N GLY F 543 -5.87 31.32 17.45
CA GLY F 543 -6.67 30.87 16.31
C GLY F 543 -5.97 31.11 14.99
N ALA F 544 -5.35 32.30 14.85
CA ALA F 544 -4.60 32.59 13.63
C ALA F 544 -3.41 31.66 13.49
N GLY F 545 -2.73 31.35 14.59
CA GLY F 545 -1.62 30.41 14.54
C GLY F 545 -2.05 29.02 14.12
N ALA F 546 -3.20 28.57 14.64
CA ALA F 546 -3.72 27.27 14.23
C ALA F 546 -4.08 27.26 12.76
N LEU F 547 -4.70 28.34 12.27
CA LEU F 547 -5.02 28.42 10.85
C LEU F 547 -3.76 28.40 10.00
N GLY F 548 -2.73 29.13 10.41
CA GLY F 548 -1.47 29.12 9.68
C GLY F 548 -0.79 27.77 9.70
N LEU F 549 -0.87 27.06 10.84
CA LEU F 549 -0.33 25.72 10.93
C LEU F 549 -1.05 24.77 9.97
N ALA F 550 -2.38 24.88 9.91
CA ALA F 550 -3.13 24.06 8.96
C ALA F 550 -2.75 24.38 7.52
N ILE F 551 -2.58 25.67 7.21
CA ILE F 551 -2.18 26.06 5.85
C ILE F 551 -0.82 25.49 5.51
N SER F 552 0.13 25.58 6.44
CA SER F 552 1.47 25.04 6.20
C SER F 552 1.44 23.53 6.04
N PHE F 553 0.62 22.85 6.84
CA PHE F 553 0.50 21.40 6.74
C PHE F 553 -0.09 20.98 5.40
N GLY F 554 -1.09 21.73 4.91
CA GLY F 554 -1.71 21.38 3.65
C GLY F 554 -0.93 21.75 2.41
N SER F 555 0.14 22.53 2.55
CA SER F 555 0.92 22.99 1.41
C SER F 555 2.21 22.20 1.21
N GLN F 556 2.35 21.05 1.87
CA GLN F 556 3.54 20.22 1.70
C GLN F 556 3.68 19.76 0.26
N THR F 557 2.58 19.29 -0.32
CA THR F 557 2.63 18.68 -1.65
C THR F 557 3.05 19.71 -2.71
N LEU F 558 2.55 20.94 -2.60
CA LEU F 558 2.83 21.95 -3.62
C LEU F 558 4.31 22.30 -3.68
N VAL F 559 4.91 22.61 -2.52
CA VAL F 559 6.34 22.90 -2.49
C VAL F 559 7.13 21.66 -2.87
N LYS F 560 6.60 20.47 -2.57
CA LYS F 560 7.25 19.25 -3.02
C LYS F 560 7.33 19.18 -4.54
N ASP F 561 6.21 19.47 -5.22
CA ASP F 561 6.25 19.47 -6.69
C ASP F 561 7.22 20.54 -7.19
N ILE F 562 7.20 21.72 -6.59
CA ILE F 562 8.07 22.80 -7.06
C ILE F 562 9.53 22.39 -6.98
N ILE F 563 9.95 21.88 -5.82
CA ILE F 563 11.34 21.48 -5.64
C ILE F 563 11.69 20.33 -6.56
N THR F 564 10.80 19.33 -6.67
CA THR F 564 11.10 18.17 -7.50
C THR F 564 11.26 18.56 -8.96
N GLY F 565 10.37 19.42 -9.47
CA GLY F 565 10.51 19.87 -10.85
C GLY F 565 11.76 20.69 -11.06
N VAL F 566 12.07 21.59 -10.12
CA VAL F 566 13.28 22.40 -10.25
C VAL F 566 14.51 21.50 -10.32
N PHE F 567 14.57 20.47 -9.47
CA PHE F 567 15.71 19.57 -9.51
C PHE F 567 15.72 18.72 -10.78
N ILE F 568 14.54 18.33 -11.27
CA ILE F 568 14.48 17.51 -12.48
C ILE F 568 15.02 18.28 -13.68
N GLN F 569 14.60 19.54 -13.84
CA GLN F 569 15.17 20.34 -14.92
C GLN F 569 16.65 20.66 -14.70
N PHE F 570 17.11 20.61 -13.46
CA PHE F 570 18.52 20.89 -13.19
C PHE F 570 19.42 19.83 -13.80
N GLU F 571 19.02 18.56 -13.74
CA GLU F 571 19.83 17.46 -14.26
C GLU F 571 19.49 17.11 -15.70
N ASN F 572 18.72 17.94 -16.39
CA ASN F 572 18.33 17.69 -17.77
C ASN F 572 17.61 16.34 -17.91
N GLY F 573 16.80 16.01 -16.91
CA GLY F 573 16.10 14.74 -16.93
C GLY F 573 15.04 14.67 -18.02
N MET F 574 14.35 15.78 -18.26
CA MET F 574 13.23 15.80 -19.18
C MET F 574 13.28 17.06 -20.04
N ASN F 575 13.06 16.89 -21.34
CA ASN F 575 12.89 18.01 -22.25
C ASN F 575 11.51 17.93 -22.89
N THR F 576 11.20 18.83 -23.82
CA THR F 576 9.91 18.86 -24.47
C THR F 576 9.99 18.09 -25.79
N GLY F 577 9.06 17.16 -25.98
CA GLY F 577 8.97 16.38 -27.20
C GLY F 577 9.55 14.99 -27.10
N ASP F 578 10.28 14.68 -26.04
CA ASP F 578 10.92 13.38 -25.92
C ASP F 578 9.93 12.35 -25.37
N LEU F 579 10.24 11.08 -25.62
CA LEU F 579 9.42 9.97 -25.19
C LEU F 579 9.87 9.53 -23.79
N VAL F 580 8.94 9.50 -22.84
CA VAL F 580 9.24 9.16 -21.46
C VAL F 580 8.29 8.07 -21.00
N THR F 581 8.55 7.55 -19.80
CA THR F 581 7.71 6.54 -19.18
C THR F 581 7.64 6.85 -17.68
N ILE F 582 6.51 7.39 -17.24
CA ILE F 582 6.29 7.74 -15.85
C ILE F 582 5.26 6.76 -15.30
N GLY F 583 5.72 5.76 -14.55
CA GLY F 583 4.86 4.73 -14.04
C GLY F 583 4.24 3.91 -15.14
N PRO F 584 2.92 3.77 -15.12
CA PRO F 584 2.22 3.00 -16.16
C PRO F 584 1.89 3.78 -17.43
N LEU F 585 2.48 4.96 -17.62
CA LEU F 585 2.17 5.83 -18.75
C LEU F 585 3.41 6.01 -19.62
N THR F 586 3.24 5.90 -20.93
CA THR F 586 4.29 6.17 -21.90
C THR F 586 3.78 7.17 -22.93
N GLY F 587 4.52 8.25 -23.11
CA GLY F 587 4.10 9.27 -24.04
C GLY F 587 5.19 10.31 -24.26
N THR F 588 4.83 11.35 -25.01
CA THR F 588 5.75 12.42 -25.35
C THR F 588 5.43 13.65 -24.52
N VAL F 589 6.46 14.26 -23.92
CA VAL F 589 6.27 15.45 -23.12
C VAL F 589 5.82 16.60 -24.01
N GLU F 590 4.76 17.29 -23.60
CA GLU F 590 4.22 18.42 -24.35
C GLU F 590 4.56 19.75 -23.73
N ARG F 591 4.39 19.89 -22.41
CA ARG F 591 4.75 21.12 -21.73
C ARG F 591 4.97 20.83 -20.25
N MET F 592 5.78 21.67 -19.61
CA MET F 592 6.05 21.56 -18.19
C MET F 592 5.64 22.84 -17.49
N SER F 593 4.80 22.72 -16.48
CA SER F 593 4.43 23.86 -15.65
C SER F 593 5.36 23.95 -14.45
N ILE F 594 5.01 24.79 -13.48
CA ILE F 594 5.81 24.87 -12.26
C ILE F 594 5.46 23.73 -11.32
N ARG F 595 4.26 23.14 -11.47
CA ARG F 595 3.80 22.10 -10.57
C ARG F 595 3.58 20.75 -11.23
N SER F 596 3.41 20.71 -12.55
CA SER F 596 3.07 19.47 -13.24
C SER F 596 3.79 19.40 -14.58
N VAL F 597 3.59 18.29 -15.28
CA VAL F 597 4.11 18.09 -16.63
C VAL F 597 3.03 17.43 -17.46
N GLY F 598 2.82 17.92 -18.68
CA GLY F 598 1.83 17.37 -19.58
C GLY F 598 2.45 16.35 -20.52
N VAL F 599 1.81 15.19 -20.62
CA VAL F 599 2.28 14.09 -21.44
C VAL F 599 1.14 13.67 -22.37
N ARG F 600 1.46 13.50 -23.65
CA ARG F 600 0.49 13.10 -24.66
C ARG F 600 0.62 11.60 -24.91
N GLN F 601 -0.46 10.86 -24.66
CA GLN F 601 -0.45 9.42 -24.89
C GLN F 601 -0.76 9.12 -26.35
N ASP F 602 -0.50 7.87 -26.74
CA ASP F 602 -0.76 7.44 -28.12
C ASP F 602 -2.25 7.32 -28.43
N THR F 603 -3.12 7.40 -27.44
CA THR F 603 -4.57 7.46 -27.66
C THR F 603 -5.09 8.89 -27.74
N GLY F 604 -4.21 9.88 -27.69
CA GLY F 604 -4.62 11.26 -27.75
C GLY F 604 -4.94 11.89 -26.41
N ALA F 605 -4.98 11.11 -25.34
CA ALA F 605 -5.28 11.66 -24.03
C ALA F 605 -4.12 12.51 -23.52
N TYR F 606 -4.46 13.58 -22.79
CA TYR F 606 -3.48 14.50 -22.25
C TYR F 606 -3.42 14.32 -20.74
N HIS F 607 -2.28 13.87 -20.24
CA HIS F 607 -2.11 13.55 -18.84
C HIS F 607 -1.37 14.69 -18.13
N ILE F 608 -1.88 15.07 -16.96
CA ILE F 608 -1.25 16.09 -16.12
C ILE F 608 -0.67 15.39 -14.90
N ILE F 609 0.65 15.39 -14.78
CA ILE F 609 1.34 14.66 -13.73
C ILE F 609 2.15 15.62 -12.87
N PRO F 610 1.77 15.83 -11.61
CA PRO F 610 2.58 16.67 -10.72
C PRO F 610 3.95 16.06 -10.46
N TRP F 611 4.91 16.94 -10.16
CA TRP F 611 6.29 16.50 -10.00
C TRP F 611 6.46 15.59 -8.79
N SER F 612 5.77 15.88 -7.69
CA SER F 612 5.89 15.03 -6.51
C SER F 612 5.33 13.64 -6.75
N SER F 613 4.31 13.52 -7.61
CA SER F 613 3.81 12.21 -7.98
C SER F 613 4.86 11.42 -8.75
N ILE F 614 5.78 12.11 -9.41
CA ILE F 614 6.86 11.45 -10.14
C ILE F 614 7.97 11.09 -9.16
N THR F 615 8.34 9.80 -9.13
CA THR F 615 9.43 9.33 -8.30
C THR F 615 10.48 8.58 -9.10
N THR F 616 10.11 8.02 -10.25
CA THR F 616 11.06 7.33 -11.12
C THR F 616 10.51 7.33 -12.53
N PHE F 617 11.31 7.77 -13.49
CA PHE F 617 10.91 7.83 -14.87
C PHE F 617 12.08 7.47 -15.78
N ALA F 618 11.76 7.06 -17.00
CA ALA F 618 12.74 6.66 -18.00
C ALA F 618 12.63 7.57 -19.20
N ASN F 619 13.76 7.82 -19.86
CA ASN F 619 13.82 8.65 -21.05
C ASN F 619 14.45 7.87 -22.19
N PHE F 620 13.78 7.88 -23.34
CA PHE F 620 14.20 7.08 -24.48
C PHE F 620 15.07 7.84 -25.48
N VAL F 621 15.23 9.15 -25.32
CA VAL F 621 16.06 9.91 -26.24
C VAL F 621 17.49 10.08 -25.74
N ARG F 622 17.73 9.94 -24.45
CA ARG F 622 19.09 10.01 -23.94
C ARG F 622 19.89 8.79 -24.35
N GLY F 623 21.09 9.02 -24.88
CA GLY F 623 22.00 7.94 -25.17
C GLY F 623 21.65 7.18 -26.45
N ILE F 624 21.54 5.86 -26.32
CA ILE F 624 21.45 4.97 -27.47
C ILE F 624 20.18 4.14 -27.32
N GLY F 625 19.86 3.31 -28.31
CA GLY F 625 18.74 2.40 -28.21
C GLY F 625 19.15 1.00 -28.59
N SER F 626 18.39 0.02 -28.11
CA SER F 626 18.73 -1.37 -28.34
C SER F 626 17.46 -2.21 -28.39
N VAL F 627 17.59 -3.40 -28.97
CA VAL F 627 16.51 -4.39 -28.98
C VAL F 627 17.07 -5.71 -28.47
N VAL F 628 16.25 -6.45 -27.74
CA VAL F 628 16.53 -7.81 -27.33
C VAL F 628 15.32 -8.65 -27.72
N ALA F 629 15.51 -9.56 -28.68
CA ALA F 629 14.40 -10.32 -29.26
C ALA F 629 14.53 -11.77 -28.84
N ASN F 630 13.48 -12.32 -28.25
CA ASN F 630 13.40 -13.71 -27.85
C ASN F 630 12.28 -14.39 -28.62
N TYR F 631 12.58 -15.53 -29.23
CA TYR F 631 11.62 -16.28 -30.04
C TYR F 631 11.54 -17.71 -29.54
N ASP F 632 10.32 -18.18 -29.33
CA ASP F 632 10.10 -19.51 -28.78
C ASP F 632 9.99 -20.53 -29.90
N VAL F 633 10.75 -21.61 -29.79
CA VAL F 633 10.76 -22.69 -30.77
C VAL F 633 10.39 -23.99 -30.05
N ASP F 634 9.64 -24.85 -30.74
CA ASP F 634 9.17 -26.08 -30.13
C ASP F 634 10.36 -26.95 -29.71
N ARG F 635 10.19 -27.63 -28.58
CA ARG F 635 11.26 -28.44 -28.03
C ARG F 635 11.60 -29.63 -28.92
N HIS F 636 10.61 -30.18 -29.61
CA HIS F 636 10.83 -31.42 -30.36
C HIS F 636 11.81 -31.25 -31.50
N GLU F 637 11.93 -30.03 -32.04
CA GLU F 637 12.86 -29.79 -33.13
C GLU F 637 14.29 -29.68 -32.59
N ASP F 638 15.24 -29.56 -33.51
CA ASP F 638 16.65 -29.45 -33.19
C ASP F 638 17.10 -27.99 -33.23
N ALA F 639 18.10 -27.69 -32.40
CA ALA F 639 18.53 -26.31 -32.21
C ALA F 639 19.31 -25.79 -33.42
N ASP F 640 20.08 -26.65 -34.07
CA ASP F 640 20.95 -26.19 -35.16
C ASP F 640 20.15 -25.63 -36.33
N LYS F 641 19.07 -26.32 -36.70
CA LYS F 641 18.25 -25.85 -37.82
C LYS F 641 17.53 -24.55 -37.48
N ALA F 642 16.93 -24.46 -36.29
CA ALA F 642 16.21 -23.26 -35.90
C ALA F 642 17.15 -22.08 -35.73
N ASN F 643 18.32 -22.30 -35.13
CA ASN F 643 19.28 -21.22 -34.96
C ASN F 643 19.80 -20.74 -36.32
N GLN F 644 20.01 -21.67 -37.25
CA GLN F 644 20.43 -21.28 -38.59
C GLN F 644 19.34 -20.49 -39.30
N ALA F 645 18.08 -20.89 -39.10
CA ALA F 645 16.97 -20.13 -39.69
C ALA F 645 16.91 -18.71 -39.14
N LEU F 646 17.10 -18.57 -37.83
CA LEU F 646 17.12 -17.23 -37.23
C LEU F 646 18.29 -16.42 -37.76
N LYS F 647 19.46 -17.06 -37.91
CA LYS F 647 20.63 -16.36 -38.45
C LYS F 647 20.37 -15.88 -39.87
N ASP F 648 19.74 -16.73 -40.69
CA ASP F 648 19.41 -16.34 -42.05
C ASP F 648 18.40 -15.19 -42.06
N ALA F 649 17.42 -15.23 -41.14
CA ALA F 649 16.46 -14.14 -41.05
C ALA F 649 17.14 -12.82 -40.71
N VAL F 650 18.10 -12.85 -39.79
CA VAL F 650 18.86 -11.63 -39.49
C VAL F 650 19.70 -11.21 -40.68
N ALA F 651 20.23 -12.18 -41.43
CA ALA F 651 21.07 -11.86 -42.58
C ALA F 651 20.29 -11.07 -43.63
N GLU F 652 19.05 -11.49 -43.92
CA GLU F 652 18.23 -10.77 -44.88
C GLU F 652 17.94 -9.37 -44.39
N LEU F 653 17.72 -9.22 -43.08
CA LEU F 653 17.51 -7.89 -42.51
C LEU F 653 18.74 -7.02 -42.68
N MET F 654 19.92 -7.58 -42.51
CA MET F 654 21.15 -6.79 -42.57
C MET F 654 21.37 -6.21 -43.96
N GLU F 655 21.12 -7.00 -45.00
CA GLU F 655 21.39 -6.52 -46.36
C GLU F 655 20.40 -5.46 -46.81
N ASN F 656 19.27 -5.30 -46.11
CA ASN F 656 18.41 -4.16 -46.33
C ASN F 656 19.14 -2.87 -45.93
N GLU F 657 18.89 -1.79 -46.68
CA GLU F 657 19.75 -0.62 -46.57
C GLU F 657 19.35 0.35 -45.47
N GLU F 658 18.09 0.79 -45.40
CA GLU F 658 17.73 1.76 -44.37
C GLU F 658 17.69 1.11 -43.00
N ILE F 659 17.27 -0.17 -42.92
CA ILE F 659 17.31 -0.88 -41.66
C ILE F 659 18.75 -1.00 -41.15
N ARG F 660 19.68 -1.35 -42.05
CA ARG F 660 21.08 -1.41 -41.66
C ARG F 660 21.60 -0.04 -41.27
N GLY F 661 21.06 1.02 -41.88
CA GLY F 661 21.40 2.36 -41.45
C GLY F 661 20.95 2.65 -40.03
N LEU F 662 19.78 2.11 -39.66
CA LEU F 662 19.30 2.27 -38.29
C LEU F 662 20.19 1.52 -37.30
N ILE F 663 20.60 0.30 -37.63
CA ILE F 663 21.40 -0.51 -36.73
C ILE F 663 22.81 0.06 -36.64
N ILE F 664 23.43 -0.08 -35.47
CA ILE F 664 24.78 0.39 -35.23
C ILE F 664 25.66 -0.77 -34.80
N GLY F 665 26.32 -1.41 -35.76
CA GLY F 665 27.22 -2.51 -35.44
C GLY F 665 26.80 -3.84 -36.03
N GLU F 666 26.90 -4.90 -35.24
CA GLU F 666 26.57 -6.24 -35.70
C GLU F 666 25.64 -6.93 -34.70
N PRO F 667 24.81 -7.87 -35.15
CA PRO F 667 23.94 -8.59 -34.22
C PRO F 667 24.73 -9.48 -33.27
N ASN F 668 24.13 -9.70 -32.10
CA ASN F 668 24.72 -10.53 -31.04
C ASN F 668 23.82 -11.75 -30.85
N PHE F 669 24.23 -12.88 -31.40
CA PHE F 669 23.47 -14.11 -31.27
C PHE F 669 23.84 -14.81 -29.97
N ALA F 670 22.83 -15.16 -29.17
CA ALA F 670 23.07 -15.83 -27.90
C ALA F 670 22.67 -17.30 -27.90
N GLY F 671 21.94 -17.75 -28.91
CA GLY F 671 21.52 -19.14 -28.93
C GLY F 671 20.40 -19.40 -27.95
N ILE F 672 20.33 -20.64 -27.45
CA ILE F 672 19.30 -20.99 -26.49
C ILE F 672 19.54 -20.25 -25.19
N VAL F 673 18.51 -19.61 -24.66
CA VAL F 673 18.63 -18.84 -23.44
C VAL F 673 17.61 -19.32 -22.41
N GLY F 674 16.87 -20.38 -22.75
CA GLY F 674 15.92 -20.93 -21.81
C GLY F 674 15.30 -22.20 -22.34
N LEU F 675 14.80 -23.02 -21.41
CA LEU F 675 14.11 -24.26 -21.73
C LEU F 675 12.80 -24.30 -20.97
N SER F 676 11.71 -24.62 -21.67
CA SER F 676 10.40 -24.79 -21.07
C SER F 676 9.96 -26.23 -21.20
N ASN F 677 8.76 -26.52 -20.70
CA ASN F 677 8.20 -27.86 -20.83
C ASN F 677 7.81 -28.19 -22.26
N THR F 678 7.59 -27.19 -23.10
CA THR F 678 7.18 -27.44 -24.48
C THR F 678 7.90 -26.55 -25.49
N ALA F 679 8.93 -25.82 -25.09
CA ALA F 679 9.59 -24.89 -26.02
C ALA F 679 10.99 -24.56 -25.52
N PHE F 680 11.79 -24.01 -26.42
CA PHE F 680 13.05 -23.38 -26.09
C PHE F 680 13.13 -22.05 -26.83
N THR F 681 13.88 -21.11 -26.27
CA THR F 681 13.89 -19.74 -26.76
C THR F 681 15.28 -19.34 -27.24
N LEU F 682 15.32 -18.61 -28.35
CA LEU F 682 16.55 -18.10 -28.94
C LEU F 682 16.57 -16.58 -28.85
N ARG F 683 17.74 -16.03 -28.55
CA ARG F 683 17.88 -14.60 -28.32
C ARG F 683 18.86 -13.99 -29.32
N VAL F 684 18.48 -12.84 -29.87
CA VAL F 684 19.36 -12.02 -30.70
C VAL F 684 19.15 -10.57 -30.31
N SER F 685 20.24 -9.83 -30.12
CA SER F 685 20.17 -8.47 -29.63
C SER F 685 20.94 -7.53 -30.56
N PHE F 686 20.44 -6.30 -30.68
CA PHE F 686 21.04 -5.27 -31.51
C PHE F 686 21.32 -4.03 -30.66
N THR F 687 21.80 -2.99 -31.33
CA THR F 687 21.88 -1.65 -30.77
C THR F 687 21.70 -0.66 -31.91
N THR F 688 20.66 0.17 -31.81
CA THR F 688 20.22 1.00 -32.92
C THR F 688 20.20 2.46 -32.48
N LEU F 689 19.69 3.31 -33.37
CA LEU F 689 19.54 4.71 -33.06
C LEU F 689 18.42 4.91 -32.04
N PRO F 690 18.46 6.02 -31.30
CA PRO F 690 17.37 6.29 -30.35
C PRO F 690 16.02 6.38 -31.05
N LEU F 691 14.99 5.86 -30.39
CA LEU F 691 13.61 5.85 -30.86
C LEU F 691 13.42 5.06 -32.14
N LYS F 692 14.41 4.27 -32.56
CA LYS F 692 14.33 3.46 -33.76
C LYS F 692 14.28 1.98 -33.45
N GLN F 693 14.20 1.59 -32.18
CA GLN F 693 14.23 0.18 -31.82
C GLN F 693 12.97 -0.55 -32.25
N TRP F 694 11.82 0.14 -32.25
CA TRP F 694 10.56 -0.54 -32.50
C TRP F 694 10.40 -0.90 -33.97
N THR F 695 10.81 -0.01 -34.88
CA THR F 695 10.75 -0.33 -36.30
C THR F 695 11.65 -1.52 -36.64
N VAL F 696 12.86 -1.53 -36.09
CA VAL F 696 13.77 -2.65 -36.29
C VAL F 696 13.16 -3.93 -35.71
N ARG F 697 12.53 -3.82 -34.54
CA ARG F 697 11.91 -4.99 -33.94
C ARG F 697 10.79 -5.54 -34.81
N PHE F 698 9.95 -4.67 -35.37
CA PHE F 698 8.86 -5.13 -36.22
C PHE F 698 9.39 -5.78 -37.50
N ALA F 699 10.40 -5.16 -38.12
CA ALA F 699 10.99 -5.75 -39.32
C ALA F 699 11.60 -7.11 -39.01
N LEU F 700 12.31 -7.21 -37.88
CA LEU F 700 12.90 -8.47 -37.48
C LEU F 700 11.83 -9.52 -37.23
N ASP F 701 10.71 -9.14 -36.61
CA ASP F 701 9.63 -10.08 -36.38
C ASP F 701 9.07 -10.61 -37.69
N SER F 702 8.85 -9.72 -38.66
CA SER F 702 8.32 -10.15 -39.94
C SER F 702 9.29 -11.10 -40.65
N GLN F 703 10.57 -10.74 -40.68
CA GLN F 703 11.56 -11.59 -41.34
C GLN F 703 11.71 -12.93 -40.63
N VAL F 704 11.65 -12.92 -39.29
CA VAL F 704 11.75 -14.16 -38.53
C VAL F 704 10.58 -15.08 -38.83
N LYS F 705 9.37 -14.51 -38.89
CA LYS F 705 8.21 -15.33 -39.24
C LYS F 705 8.37 -15.91 -40.64
N LYS F 706 8.78 -15.09 -41.60
CA LYS F 706 8.93 -15.56 -42.97
C LYS F 706 9.95 -16.68 -43.07
N HIS F 707 11.11 -16.52 -42.43
CA HIS F 707 12.16 -17.52 -42.54
C HIS F 707 11.84 -18.77 -41.73
N PHE F 708 11.13 -18.64 -40.61
CA PHE F 708 10.67 -19.81 -39.89
C PHE F 708 9.68 -20.61 -40.72
N ASP F 709 8.79 -19.93 -41.44
CA ASP F 709 7.89 -20.62 -42.35
C ASP F 709 8.67 -21.30 -43.47
N LEU F 710 9.68 -20.63 -44.01
CA LEU F 710 10.48 -21.21 -45.08
C LEU F 710 11.22 -22.46 -44.62
N ALA F 711 11.82 -22.41 -43.43
CA ALA F 711 12.66 -23.50 -42.94
C ALA F 711 11.86 -24.64 -42.32
N GLY F 712 10.53 -24.48 -42.19
CA GLY F 712 9.73 -25.52 -41.56
C GLY F 712 9.83 -25.59 -40.06
N VAL F 713 10.24 -24.51 -39.41
CA VAL F 713 10.34 -24.47 -37.95
C VAL F 713 8.94 -24.36 -37.37
N ARG F 714 8.63 -25.22 -36.40
CA ARG F 714 7.31 -25.25 -35.79
C ARG F 714 7.26 -24.38 -34.55
N ALA F 715 6.10 -23.78 -34.32
CA ALA F 715 5.82 -23.05 -33.10
C ALA F 715 5.57 -24.03 -31.95
N PRO F 716 5.71 -23.59 -30.71
CA PRO F 716 5.45 -24.48 -29.57
C PRO F 716 4.03 -25.02 -29.60
N VAL F 717 3.89 -26.30 -29.26
CA VAL F 717 2.62 -27.02 -29.35
C VAL F 717 2.38 -27.73 -28.02
N GLN F 718 1.14 -27.65 -27.53
CA GLN F 718 0.77 -28.38 -26.33
C GLN F 718 0.81 -29.88 -26.57
N THR F 719 1.09 -30.63 -25.51
CA THR F 719 1.17 -32.08 -25.60
C THR F 719 0.49 -32.71 -24.39
N TYR F 720 -0.18 -33.85 -24.60
CA TYR F 720 -0.75 -34.61 -23.51
C TYR F 720 -0.81 -36.08 -23.91
N GLN F 721 -1.22 -36.91 -22.95
CA GLN F 721 -1.48 -38.32 -23.19
C GLN F 721 -2.82 -38.69 -22.59
N VAL F 722 -3.42 -39.75 -23.15
CA VAL F 722 -4.75 -40.20 -22.76
C VAL F 722 -4.61 -41.43 -21.88
N LEU F 723 -5.33 -41.42 -20.75
CA LEU F 723 -5.30 -42.51 -19.77
C LEU F 723 -3.89 -42.75 -19.25
N ALA G 471 22.45 53.57 10.19
CA ALA G 471 21.18 53.28 10.84
C ALA G 471 20.33 52.34 9.99
N LEU G 472 19.02 52.57 9.99
CA LEU G 472 18.12 51.75 9.19
C LEU G 472 18.41 51.92 7.70
N ILE G 473 18.66 53.16 7.26
CA ILE G 473 18.97 53.41 5.86
C ILE G 473 20.29 52.74 5.48
N LEU G 474 21.29 52.80 6.36
CA LEU G 474 22.57 52.13 6.08
C LEU G 474 22.39 50.62 5.97
N PHE G 475 21.58 50.04 6.86
CA PHE G 475 21.27 48.61 6.74
C PHE G 475 20.49 48.31 5.47
N PHE G 476 19.58 49.19 5.08
CA PHE G 476 18.81 48.98 3.85
C PHE G 476 19.72 49.00 2.63
N SER G 477 20.71 49.90 2.62
CA SER G 477 21.67 49.92 1.52
C SER G 477 22.50 48.65 1.47
N ALA G 478 22.85 48.09 2.64
CA ALA G 478 23.59 46.83 2.66
C ALA G 478 22.76 45.70 2.06
N VAL G 479 21.45 45.69 2.32
CA VAL G 479 20.58 44.68 1.75
C VAL G 479 20.55 44.79 0.23
N GLY G 480 20.46 46.02 -0.28
CA GLY G 480 20.48 46.22 -1.72
C GLY G 480 21.80 45.81 -2.34
N TRP G 481 22.91 46.08 -1.66
CA TRP G 481 24.22 45.67 -2.15
C TRP G 481 24.33 44.15 -2.21
N THR G 482 23.83 43.47 -1.17
CA THR G 482 23.86 42.01 -1.17
C THR G 482 22.94 41.43 -2.24
N VAL G 483 21.81 42.09 -2.49
CA VAL G 483 20.88 41.60 -3.51
C VAL G 483 21.54 41.62 -4.89
N LEU G 484 22.26 42.70 -5.20
CA LEU G 484 22.98 42.77 -6.46
C LEU G 484 24.05 41.69 -6.54
N ALA G 485 24.75 41.43 -5.44
CA ALA G 485 25.76 40.37 -5.41
C ALA G 485 25.13 39.01 -5.68
N SER G 486 23.94 38.77 -5.11
CA SER G 486 23.24 37.51 -5.39
C SER G 486 22.83 37.42 -6.86
N LEU G 487 22.38 38.53 -7.44
CA LEU G 487 22.10 38.55 -8.88
C LEU G 487 23.36 38.33 -9.69
N ILE G 488 24.48 38.92 -9.26
CA ILE G 488 25.76 38.64 -9.91
C ILE G 488 26.14 37.18 -9.70
N GLU G 489 25.87 36.62 -8.53
CA GLU G 489 26.08 35.20 -8.32
C GLU G 489 25.16 34.36 -9.20
N ASN G 490 23.95 34.84 -9.45
CA ASN G 490 23.06 34.17 -10.40
C ASN G 490 23.63 34.21 -11.81
N ARG G 491 24.27 35.32 -12.19
CA ARG G 491 24.96 35.38 -13.47
C ARG G 491 26.10 34.37 -13.54
N LEU G 492 26.82 34.18 -12.43
CA LEU G 492 27.81 33.11 -12.37
C LEU G 492 27.16 31.75 -12.51
N ALA G 493 26.00 31.56 -11.86
CA ALA G 493 25.26 30.32 -12.03
C ALA G 493 24.75 30.16 -13.45
N SER G 494 24.49 31.27 -14.14
CA SER G 494 24.09 31.21 -15.54
C SER G 494 25.20 30.62 -16.40
N ASP G 495 26.44 31.01 -16.12
CA ASP G 495 27.60 30.45 -16.80
C ASP G 495 27.72 28.96 -16.50
N ILE G 496 27.49 28.58 -15.25
CA ILE G 496 27.50 27.18 -14.85
C ILE G 496 26.37 26.45 -15.55
N HIS G 497 25.17 27.05 -15.52
CA HIS G 497 24.03 26.49 -16.24
C HIS G 497 24.26 26.52 -17.75
N GLY G 498 25.16 27.40 -18.20
CA GLY G 498 25.46 27.54 -19.61
C GLY G 498 26.20 26.36 -20.21
N ARG G 499 26.61 25.42 -19.35
CA ARG G 499 27.31 24.23 -19.82
C ARG G 499 26.40 23.44 -20.78
N PRO G 500 26.94 22.92 -21.89
CA PRO G 500 26.08 22.18 -22.83
C PRO G 500 25.41 20.96 -22.21
N LEU G 501 26.05 20.31 -21.24
CA LEU G 501 25.47 19.13 -20.62
C LEU G 501 24.12 19.41 -19.98
N PRO G 502 23.94 20.48 -19.20
CA PRO G 502 22.63 20.77 -18.60
C PRO G 502 21.74 21.62 -19.50
N SER G 503 21.55 21.16 -20.74
CA SER G 503 20.67 21.79 -21.71
C SER G 503 21.09 23.23 -22.02
N ALA G 504 20.24 23.96 -22.75
CA ALA G 504 20.53 25.35 -23.11
C ALA G 504 19.40 26.29 -22.71
N ARG G 505 18.26 25.77 -22.28
CA ARG G 505 17.12 26.59 -21.86
C ARG G 505 17.21 26.95 -20.37
N THR G 506 18.28 27.62 -19.96
CA THR G 506 18.46 27.98 -18.56
C THR G 506 17.81 29.32 -18.24
N ARG G 507 17.12 29.88 -19.23
CA ARG G 507 16.46 31.18 -19.03
C ARG G 507 15.39 31.09 -17.94
N THR G 508 14.62 30.00 -17.94
CA THR G 508 13.58 29.82 -16.93
C THR G 508 14.18 29.72 -15.54
N LEU G 509 15.27 28.98 -15.39
CA LEU G 509 15.91 28.82 -14.09
C LEU G 509 16.44 30.15 -13.58
N LEU G 510 17.04 30.94 -14.47
CA LEU G 510 17.57 32.24 -14.06
C LEU G 510 16.46 33.17 -13.59
N THR G 511 15.31 33.14 -14.28
CA THR G 511 14.20 33.99 -13.87
C THR G 511 13.69 33.62 -12.48
N LEU G 512 13.64 32.31 -12.19
CA LEU G 512 13.22 31.88 -10.86
C LEU G 512 14.20 32.36 -9.78
N PHE G 513 15.50 32.27 -10.06
CA PHE G 513 16.50 32.75 -9.11
C PHE G 513 16.37 34.25 -8.88
N ARG G 514 16.16 35.01 -9.96
CA ARG G 514 15.99 36.45 -9.83
C ARG G 514 14.75 36.78 -9.01
N ASN G 515 13.65 36.06 -9.26
CA ASN G 515 12.43 36.29 -8.49
C ASN G 515 12.63 35.96 -7.03
N ALA G 516 13.34 34.88 -6.74
CA ALA G 516 13.62 34.51 -5.35
C ALA G 516 14.48 35.56 -4.66
N LEU G 517 15.50 36.06 -5.35
CA LEU G 517 16.35 37.11 -4.78
C LEU G 517 15.55 38.37 -4.50
N ALA G 518 14.68 38.75 -5.45
CA ALA G 518 13.85 39.93 -5.25
C ALA G 518 12.91 39.74 -4.07
N VAL G 519 12.32 38.55 -3.94
CA VAL G 519 11.40 38.27 -2.84
C VAL G 519 12.14 38.33 -1.51
N ILE G 520 13.36 37.79 -1.46
CA ILE G 520 14.15 37.82 -0.23
C ILE G 520 14.49 39.25 0.14
N ILE G 521 14.89 40.06 -0.85
CA ILE G 521 15.24 41.45 -0.58
C ILE G 521 14.03 42.22 -0.07
N SER G 522 12.86 42.01 -0.70
CA SER G 522 11.65 42.68 -0.28
C SER G 522 11.25 42.26 1.13
N THR G 523 11.39 40.97 1.45
CA THR G 523 11.06 40.50 2.78
C THR G 523 11.99 41.12 3.82
N ILE G 524 13.28 41.20 3.51
CA ILE G 524 14.23 41.81 4.45
C ILE G 524 13.90 43.28 4.67
N THR G 525 13.61 44.01 3.59
CA THR G 525 13.28 45.43 3.71
C THR G 525 12.00 45.62 4.53
N ILE G 526 10.99 44.80 4.28
CA ILE G 526 9.74 44.91 5.01
C ILE G 526 9.95 44.57 6.48
N MET G 527 10.79 43.58 6.76
CA MET G 527 11.10 43.22 8.15
C MET G 527 11.78 44.38 8.86
N ILE G 528 12.73 45.03 8.19
CA ILE G 528 13.41 46.17 8.79
C ILE G 528 12.43 47.30 9.06
N VAL G 529 11.56 47.58 8.08
CA VAL G 529 10.58 48.66 8.24
C VAL G 529 9.64 48.37 9.40
N LEU G 530 9.17 47.12 9.49
CA LEU G 530 8.28 46.74 10.58
C LEU G 530 8.98 46.79 11.94
N SER G 531 10.25 46.39 12.01
CA SER G 531 11.00 46.49 13.26
C SER G 531 11.17 47.95 13.67
N GLU G 532 11.34 48.84 12.70
CA GLU G 532 11.44 50.27 12.98
C GLU G 532 10.08 50.93 13.13
N ILE G 533 8.99 50.19 12.93
CA ILE G 533 7.64 50.75 13.03
C ILE G 533 7.18 50.81 14.49
N GLY G 534 7.33 49.71 15.22
CA GLY G 534 6.93 49.66 16.62
C GLY G 534 5.59 49.02 16.89
N VAL G 535 4.91 48.51 15.86
CA VAL G 535 3.61 47.88 16.00
C VAL G 535 3.71 46.36 15.98
N ASN G 536 4.92 45.81 16.16
CA ASN G 536 5.20 44.37 16.19
C ASN G 536 5.07 43.78 14.79
N ILE G 537 5.95 42.84 14.47
CA ILE G 537 5.98 42.21 13.14
C ILE G 537 5.10 40.96 13.20
N ALA G 538 4.39 40.79 14.32
CA ALA G 538 3.68 39.55 14.65
C ALA G 538 2.86 38.96 13.51
N PRO G 539 1.99 39.72 12.80
CA PRO G 539 1.26 39.11 11.67
C PRO G 539 2.20 38.67 10.55
N LEU G 540 3.05 39.60 10.10
CA LEU G 540 3.99 39.28 9.02
C LEU G 540 5.02 38.26 9.46
N LEU G 541 5.49 38.35 10.72
CA LEU G 541 6.44 37.36 11.21
C LEU G 541 5.81 35.97 11.28
N ALA G 542 4.54 35.90 11.70
CA ALA G 542 3.84 34.61 11.72
C ALA G 542 3.64 34.07 10.31
N GLY G 543 3.31 34.93 9.36
CA GLY G 543 3.20 34.48 7.98
C GLY G 543 4.51 33.95 7.43
N ALA G 544 5.61 34.65 7.72
CA ALA G 544 6.92 34.18 7.29
C ALA G 544 7.28 32.85 7.96
N GLY G 545 6.94 32.71 9.24
CA GLY G 545 7.17 31.45 9.92
C GLY G 545 6.38 30.30 9.33
N ALA G 546 5.12 30.56 8.97
CA ALA G 546 4.32 29.53 8.32
C ALA G 546 4.89 29.15 6.97
N LEU G 547 5.34 30.15 6.20
CA LEU G 547 5.96 29.85 4.91
C LEU G 547 7.23 29.02 5.09
N GLY G 548 8.05 29.37 6.07
CA GLY G 548 9.26 28.60 6.33
C GLY G 548 8.96 27.19 6.80
N LEU G 549 7.91 27.03 7.61
CA LEU G 549 7.50 25.70 8.03
C LEU G 549 7.04 24.85 6.84
N ALA G 550 6.29 25.46 5.92
CA ALA G 550 5.89 24.74 4.72
C ALA G 550 7.10 24.35 3.87
N ILE G 551 8.07 25.27 3.74
CA ILE G 551 9.28 24.97 2.97
C ILE G 551 10.05 23.82 3.60
N SER G 552 10.18 23.83 4.93
CA SER G 552 10.88 22.75 5.62
C SER G 552 10.15 21.43 5.47
N PHE G 553 8.82 21.46 5.56
CA PHE G 553 8.03 20.25 5.41
C PHE G 553 8.16 19.67 4.00
N GLY G 554 8.17 20.52 2.98
CA GLY G 554 8.29 20.05 1.62
C GLY G 554 9.67 19.61 1.19
N SER G 555 10.69 19.88 1.99
CA SER G 555 12.07 19.56 1.64
C SER G 555 12.58 18.30 2.31
N GLN G 556 11.70 17.50 2.92
CA GLN G 556 12.13 16.27 3.56
C GLN G 556 12.76 15.32 2.56
N THR G 557 12.12 15.16 1.39
CA THR G 557 12.57 14.17 0.42
C THR G 557 13.96 14.51 -0.11
N LEU G 558 14.24 15.79 -0.34
CA LEU G 558 15.51 16.18 -0.93
C LEU G 558 16.67 15.85 -0.01
N VAL G 559 16.59 16.28 1.26
CA VAL G 559 17.65 15.96 2.21
C VAL G 559 17.70 14.46 2.43
N LYS G 560 16.57 13.77 2.32
CA LYS G 560 16.59 12.31 2.40
C LYS G 560 17.43 11.70 1.29
N ASP G 561 17.24 12.15 0.05
CA ASP G 561 18.08 11.64 -1.04
C ASP G 561 19.54 11.97 -0.80
N ILE G 562 19.83 13.19 -0.34
CA ILE G 562 21.23 13.58 -0.15
C ILE G 562 21.91 12.67 0.87
N ILE G 563 21.26 12.48 2.02
CA ILE G 563 21.85 11.64 3.07
C ILE G 563 21.96 10.19 2.60
N THR G 564 20.92 9.67 1.94
CA THR G 564 20.95 8.29 1.51
C THR G 564 22.07 8.05 0.50
N GLY G 565 22.24 8.96 -0.46
CA GLY G 565 23.32 8.81 -1.42
C GLY G 565 24.68 8.92 -0.77
N VAL G 566 24.85 9.87 0.15
CA VAL G 566 26.13 10.03 0.84
C VAL G 566 26.47 8.74 1.58
N PHE G 567 25.49 8.15 2.27
CA PHE G 567 25.75 6.90 2.99
C PHE G 567 26.00 5.74 2.03
N ILE G 568 25.32 5.72 0.90
CA ILE G 568 25.50 4.63 -0.06
C ILE G 568 26.92 4.64 -0.62
N GLN G 569 27.42 5.81 -1.01
CA GLN G 569 28.81 5.88 -1.47
C GLN G 569 29.80 5.64 -0.34
N PHE G 570 29.40 5.84 0.92
CA PHE G 570 30.30 5.60 2.03
C PHE G 570 30.65 4.12 2.16
N GLU G 571 29.68 3.24 1.95
CA GLU G 571 29.88 1.80 2.09
C GLU G 571 30.27 1.13 0.78
N ASN G 572 30.61 1.91 -0.26
CA ASN G 572 30.98 1.37 -1.56
C ASN G 572 29.88 0.47 -2.12
N GLY G 573 28.63 0.87 -1.89
CA GLY G 573 27.51 0.07 -2.37
C GLY G 573 27.40 0.06 -3.88
N MET G 574 27.67 1.19 -4.52
CA MET G 574 27.49 1.33 -5.95
C MET G 574 28.66 2.07 -6.57
N ASN G 575 29.15 1.56 -7.70
CA ASN G 575 30.14 2.26 -8.51
C ASN G 575 29.56 2.52 -9.89
N THR G 576 30.35 3.09 -10.79
CA THR G 576 29.89 3.42 -12.13
C THR G 576 30.24 2.28 -13.08
N GLY G 577 29.26 1.81 -13.83
CA GLY G 577 29.43 0.76 -14.81
C GLY G 577 29.02 -0.62 -14.36
N ASP G 578 28.76 -0.81 -13.08
CA ASP G 578 28.40 -2.13 -12.58
C ASP G 578 26.91 -2.40 -12.79
N LEU G 579 26.58 -3.69 -12.80
CA LEU G 579 25.20 -4.15 -12.99
C LEU G 579 24.51 -4.22 -11.64
N VAL G 580 23.37 -3.51 -11.52
CA VAL G 580 22.63 -3.45 -10.27
C VAL G 580 21.18 -3.83 -10.54
N THR G 581 20.42 -3.96 -9.45
CA THR G 581 18.99 -4.26 -9.52
C THR G 581 18.29 -3.45 -8.45
N ILE G 582 17.60 -2.38 -8.85
CA ILE G 582 16.88 -1.51 -7.93
C ILE G 582 15.40 -1.74 -8.19
N GLY G 583 14.75 -2.51 -7.32
CA GLY G 583 13.37 -2.86 -7.50
C GLY G 583 13.15 -3.70 -8.74
N PRO G 584 12.21 -3.27 -9.59
CA PRO G 584 11.93 -3.99 -10.83
C PRO G 584 12.84 -3.63 -12.00
N LEU G 585 13.95 -2.94 -11.77
CA LEU G 585 14.83 -2.47 -12.83
C LEU G 585 16.20 -3.13 -12.67
N THR G 586 16.75 -3.62 -13.78
CA THR G 586 18.10 -4.15 -13.83
C THR G 586 18.87 -3.44 -14.93
N GLY G 587 20.03 -2.90 -14.60
CA GLY G 587 20.81 -2.18 -15.57
C GLY G 587 22.17 -1.82 -15.03
N THR G 588 22.91 -1.06 -15.84
CA THR G 588 24.27 -0.64 -15.50
C THR G 588 24.26 0.82 -15.09
N VAL G 589 24.93 1.12 -13.97
CA VAL G 589 25.00 2.49 -13.48
C VAL G 589 25.81 3.33 -14.45
N GLU G 590 25.26 4.49 -14.84
CA GLU G 590 25.92 5.39 -15.76
C GLU G 590 26.51 6.61 -15.06
N ARG G 591 25.77 7.24 -14.17
CA ARG G 591 26.28 8.37 -13.41
C ARG G 591 25.44 8.55 -12.15
N MET G 592 26.05 9.15 -11.14
CA MET G 592 25.38 9.45 -9.88
C MET G 592 25.42 10.95 -9.64
N SER G 593 24.26 11.54 -9.42
CA SER G 593 24.17 12.94 -9.04
C SER G 593 24.15 13.06 -7.52
N ILE G 594 23.84 14.25 -7.01
CA ILE G 594 23.72 14.43 -5.57
C ILE G 594 22.38 13.91 -5.08
N ARG G 595 21.36 13.90 -5.95
CA ARG G 595 20.01 13.52 -5.56
C ARG G 595 19.53 12.22 -6.17
N SER G 596 20.12 11.74 -7.26
CA SER G 596 19.62 10.57 -7.95
C SER G 596 20.79 9.81 -8.57
N VAL G 597 20.46 8.71 -9.24
CA VAL G 597 21.43 7.89 -9.95
C VAL G 597 20.82 7.47 -11.29
N GLY G 598 21.62 7.56 -12.35
CA GLY G 598 21.18 7.17 -13.67
C GLY G 598 21.57 5.74 -13.98
N VAL G 599 20.59 4.98 -14.48
CA VAL G 599 20.78 3.56 -14.80
C VAL G 599 20.33 3.34 -16.23
N ARG G 600 21.16 2.62 -17.00
CA ARG G 600 20.86 2.32 -18.40
C ARG G 600 20.30 0.91 -18.50
N GLN G 601 19.07 0.80 -19.00
CA GLN G 601 18.43 -0.49 -19.15
C GLN G 601 18.89 -1.16 -20.45
N ASP G 602 18.58 -2.46 -20.58
CA ASP G 602 18.95 -3.21 -21.76
C ASP G 602 18.12 -2.84 -22.99
N THR G 603 17.06 -2.05 -22.82
CA THR G 603 16.29 -1.51 -23.94
C THR G 603 16.77 -0.14 -24.37
N GLY G 604 17.82 0.39 -23.75
CA GLY G 604 18.33 1.70 -24.05
C GLY G 604 17.71 2.83 -23.26
N ALA G 605 16.68 2.56 -22.47
CA ALA G 605 16.05 3.61 -21.67
C ALA G 605 16.97 4.04 -20.54
N TYR G 606 16.94 5.33 -20.21
CA TYR G 606 17.76 5.91 -19.16
C TYR G 606 16.86 6.26 -17.99
N HIS G 607 17.08 5.59 -16.86
CA HIS G 607 16.25 5.75 -15.67
C HIS G 607 16.93 6.65 -14.65
N ILE G 608 16.18 7.58 -14.10
CA ILE G 608 16.66 8.48 -13.05
C ILE G 608 15.97 8.08 -11.75
N ILE G 609 16.76 7.61 -10.79
CA ILE G 609 16.23 7.07 -9.54
C ILE G 609 16.79 7.86 -8.36
N PRO G 610 15.97 8.63 -7.65
CA PRO G 610 16.45 9.32 -6.45
C PRO G 610 16.86 8.34 -5.36
N TRP G 611 17.77 8.80 -4.51
CA TRP G 611 18.33 7.92 -3.49
C TRP G 611 17.28 7.50 -2.46
N SER G 612 16.39 8.41 -2.08
CA SER G 612 15.36 8.05 -1.11
C SER G 612 14.39 7.02 -1.67
N SER G 613 14.16 7.05 -2.98
CA SER G 613 13.36 6.00 -3.60
C SER G 613 14.03 4.64 -3.50
N ILE G 614 15.35 4.62 -3.38
CA ILE G 614 16.09 3.38 -3.23
C ILE G 614 16.07 2.96 -1.77
N THR G 615 15.61 1.74 -1.50
CA THR G 615 15.61 1.19 -0.16
C THR G 615 16.32 -0.15 -0.09
N THR G 616 16.42 -0.87 -1.20
CA THR G 616 17.13 -2.14 -1.24
C THR G 616 17.56 -2.40 -2.67
N PHE G 617 18.84 -2.71 -2.87
CA PHE G 617 19.39 -2.97 -4.20
C PHE G 617 20.44 -4.06 -4.11
N ALA G 618 20.69 -4.70 -5.25
CA ALA G 618 21.65 -5.79 -5.37
C ALA G 618 22.73 -5.40 -6.37
N ASN G 619 23.96 -5.85 -6.10
CA ASN G 619 25.09 -5.59 -6.96
C ASN G 619 25.71 -6.90 -7.42
N PHE G 620 25.91 -7.03 -8.72
CA PHE G 620 26.38 -8.27 -9.32
C PHE G 620 27.89 -8.35 -9.51
N VAL G 621 28.60 -7.24 -9.27
CA VAL G 621 30.05 -7.26 -9.45
C VAL G 621 30.81 -7.53 -8.15
N ARG G 622 30.18 -7.29 -7.00
CA ARG G 622 30.81 -7.59 -5.72
C ARG G 622 30.91 -9.10 -5.53
N GLY G 623 32.09 -9.58 -5.14
CA GLY G 623 32.24 -10.98 -4.81
C GLY G 623 32.31 -11.88 -6.04
N ILE G 624 31.44 -12.88 -6.05
CA ILE G 624 31.48 -13.94 -7.06
C ILE G 624 30.14 -14.05 -7.77
N GLY G 625 30.02 -15.03 -8.66
CA GLY G 625 28.76 -15.33 -9.30
C GLY G 625 28.50 -16.81 -9.25
N SER G 626 27.23 -17.19 -9.37
CA SER G 626 26.84 -18.59 -9.29
C SER G 626 25.60 -18.81 -10.15
N VAL G 627 25.39 -20.07 -10.52
CA VAL G 627 24.20 -20.49 -11.24
C VAL G 627 23.57 -21.66 -10.49
N VAL G 628 22.25 -21.68 -10.45
CA VAL G 628 21.47 -22.81 -9.94
C VAL G 628 20.47 -23.17 -11.03
N ALA G 629 20.65 -24.34 -11.63
CA ALA G 629 19.86 -24.74 -12.79
C ALA G 629 18.94 -25.88 -12.40
N ASN G 630 17.64 -25.71 -12.64
CA ASN G 630 16.63 -26.72 -12.39
C ASN G 630 15.99 -27.12 -13.71
N TYR G 631 15.92 -28.41 -13.97
CA TYR G 631 15.34 -28.93 -15.20
C TYR G 631 14.27 -29.96 -14.86
N ASP G 632 13.11 -29.82 -15.48
CA ASP G 632 11.96 -30.66 -15.17
C ASP G 632 11.90 -31.84 -16.11
N VAL G 633 11.79 -33.04 -15.55
CA VAL G 633 11.63 -34.27 -16.30
C VAL G 633 10.33 -34.93 -15.87
N ASP G 634 9.60 -35.51 -16.82
CA ASP G 634 8.30 -36.08 -16.51
C ASP G 634 8.43 -37.26 -15.55
N ARG G 635 7.36 -37.48 -14.78
CA ARG G 635 7.39 -38.46 -13.70
C ARG G 635 7.53 -39.89 -14.21
N HIS G 636 7.05 -40.16 -15.43
CA HIS G 636 6.94 -41.55 -15.88
C HIS G 636 8.30 -42.23 -16.03
N GLU G 637 9.32 -41.50 -16.48
CA GLU G 637 10.62 -42.12 -16.66
C GLU G 637 11.33 -42.29 -15.32
N ASP G 638 12.50 -42.93 -15.38
CA ASP G 638 13.29 -43.25 -14.20
C ASP G 638 14.35 -42.18 -13.97
N ALA G 639 14.73 -42.03 -12.70
CA ALA G 639 15.65 -40.96 -12.33
C ALA G 639 17.09 -41.25 -12.75
N ASP G 640 17.49 -42.51 -12.73
CA ASP G 640 18.89 -42.85 -12.99
C ASP G 640 19.29 -42.47 -14.41
N LYS G 641 18.44 -42.74 -15.39
CA LYS G 641 18.77 -42.41 -16.77
C LYS G 641 18.81 -40.90 -16.99
N ALA G 642 17.82 -40.18 -16.47
CA ALA G 642 17.78 -38.73 -16.65
C ALA G 642 18.92 -38.05 -15.90
N ASN G 643 19.21 -38.50 -14.67
CA ASN G 643 20.31 -37.92 -13.93
C ASN G 643 21.64 -38.19 -14.62
N GLN G 644 21.81 -39.39 -15.17
CA GLN G 644 23.03 -39.69 -15.93
C GLN G 644 23.13 -38.82 -17.18
N ALA G 645 22.01 -38.58 -17.85
CA ALA G 645 22.02 -37.70 -19.02
C ALA G 645 22.43 -36.29 -18.64
N LEU G 646 21.91 -35.78 -17.52
CA LEU G 646 22.30 -34.45 -17.05
C LEU G 646 23.79 -34.42 -16.69
N LYS G 647 24.28 -35.48 -16.04
CA LYS G 647 25.69 -35.55 -15.68
C LYS G 647 26.57 -35.54 -16.93
N ASP G 648 26.16 -36.29 -17.97
CA ASP G 648 26.92 -36.30 -19.21
C ASP G 648 26.88 -34.93 -19.89
N ALA G 649 25.73 -34.25 -19.82
CA ALA G 649 25.64 -32.91 -20.40
C ALA G 649 26.58 -31.95 -19.70
N VAL G 650 26.67 -32.03 -18.37
CA VAL G 650 27.64 -31.20 -17.64
C VAL G 650 29.07 -31.59 -18.01
N ALA G 651 29.31 -32.89 -18.23
CA ALA G 651 30.65 -33.35 -18.57
C ALA G 651 31.13 -32.74 -19.88
N GLU G 652 30.26 -32.70 -20.89
CA GLU G 652 30.64 -32.09 -22.16
C GLU G 652 30.92 -30.61 -21.98
N LEU G 653 30.15 -29.93 -21.13
CA LEU G 653 30.41 -28.53 -20.84
C LEU G 653 31.79 -28.35 -20.18
N MET G 654 32.15 -29.25 -19.27
CA MET G 654 33.40 -29.10 -18.54
C MET G 654 34.61 -29.19 -19.44
N GLU G 655 34.61 -30.12 -20.40
CA GLU G 655 35.76 -30.30 -21.26
C GLU G 655 35.95 -29.15 -22.25
N ASN G 656 34.91 -28.34 -22.47
CA ASN G 656 35.07 -27.09 -23.19
C ASN G 656 35.96 -26.15 -22.38
N GLU G 657 36.82 -25.40 -23.08
CA GLU G 657 37.93 -24.76 -22.38
C GLU G 657 37.63 -23.36 -21.85
N GLU G 658 37.03 -22.47 -22.66
CA GLU G 658 36.75 -21.13 -22.12
C GLU G 658 35.63 -21.17 -21.09
N ILE G 659 34.63 -22.04 -21.29
CA ILE G 659 33.58 -22.21 -20.30
C ILE G 659 34.17 -22.73 -18.99
N ARG G 660 35.07 -23.71 -19.08
CA ARG G 660 35.71 -24.22 -17.87
C ARG G 660 36.57 -23.14 -17.21
N GLY G 661 37.14 -22.25 -18.03
CA GLY G 661 37.84 -21.11 -17.46
C GLY G 661 36.91 -20.18 -16.71
N LEU G 662 35.68 -20.03 -17.19
CA LEU G 662 34.71 -19.22 -16.47
C LEU G 662 34.31 -19.86 -15.14
N ILE G 663 34.09 -21.18 -15.14
CA ILE G 663 33.67 -21.86 -13.92
C ILE G 663 34.83 -21.93 -12.93
N ILE G 664 34.50 -21.88 -11.65
CA ILE G 664 35.50 -21.95 -10.58
C ILE G 664 35.21 -23.14 -9.68
N GLY G 665 35.83 -24.28 -9.96
CA GLY G 665 35.65 -25.45 -9.14
C GLY G 665 35.00 -26.62 -9.85
N GLU G 666 34.06 -27.28 -9.18
CA GLU G 666 33.39 -28.44 -9.75
C GLU G 666 31.88 -28.30 -9.60
N PRO G 667 31.09 -28.91 -10.49
CA PRO G 667 29.64 -28.84 -10.35
C PRO G 667 29.14 -29.57 -9.11
N ASN G 668 27.99 -29.12 -8.63
CA ASN G 668 27.35 -29.68 -7.43
C ASN G 668 26.02 -30.29 -7.88
N PHE G 669 25.98 -31.61 -7.99
CA PHE G 669 24.77 -32.32 -8.40
C PHE G 669 23.92 -32.61 -7.17
N ALA G 670 22.64 -32.23 -7.21
CA ALA G 670 21.74 -32.47 -6.10
C ALA G 670 20.68 -33.53 -6.39
N GLY G 671 20.53 -33.93 -7.65
CA GLY G 671 19.53 -34.94 -7.96
C GLY G 671 18.13 -34.35 -7.92
N ILE G 672 17.16 -35.20 -7.59
CA ILE G 672 15.77 -34.76 -7.51
C ILE G 672 15.64 -33.78 -6.35
N VAL G 673 15.03 -32.62 -6.63
CA VAL G 673 14.86 -31.59 -5.63
C VAL G 673 13.39 -31.23 -5.49
N GLY G 674 12.53 -31.94 -6.21
CA GLY G 674 11.10 -31.71 -6.10
C GLY G 674 10.32 -32.70 -6.92
N LEU G 675 9.06 -32.88 -6.52
CA LEU G 675 8.13 -33.76 -7.24
C LEU G 675 6.86 -32.97 -7.54
N SER G 676 6.44 -32.99 -8.80
CA SER G 676 5.19 -32.38 -9.21
C SER G 676 4.19 -33.47 -9.56
N ASN G 677 2.99 -33.05 -9.97
CA ASN G 677 1.97 -34.01 -10.36
C ASN G 677 2.31 -34.71 -11.65
N THR G 678 3.09 -34.06 -12.54
CA THR G 678 3.43 -34.66 -13.82
C THR G 678 4.93 -34.58 -14.14
N ALA G 679 5.76 -34.21 -13.17
CA ALA G 679 7.18 -34.03 -13.46
C ALA G 679 7.99 -34.10 -12.17
N PHE G 680 9.30 -34.28 -12.34
CA PHE G 680 10.26 -34.13 -11.26
C PHE G 680 11.42 -33.29 -11.77
N THR G 681 12.09 -32.60 -10.86
CA THR G 681 13.10 -31.62 -11.22
C THR G 681 14.47 -32.02 -10.68
N LEU G 682 15.50 -31.80 -11.50
CA LEU G 682 16.88 -32.08 -11.14
C LEU G 682 17.65 -30.77 -11.06
N ARG G 683 18.54 -30.66 -10.08
CA ARG G 683 19.27 -29.44 -9.82
C ARG G 683 20.77 -29.66 -9.94
N VAL G 684 21.45 -28.72 -10.60
CA VAL G 684 22.91 -28.68 -10.65
C VAL G 684 23.33 -27.23 -10.50
N SER G 685 24.32 -26.98 -9.65
CA SER G 685 24.75 -25.64 -9.31
C SER G 685 26.25 -25.48 -9.53
N PHE G 686 26.66 -24.27 -9.91
CA PHE G 686 28.05 -23.92 -10.16
C PHE G 686 28.42 -22.70 -9.34
N THR G 687 29.66 -22.24 -9.53
CA THR G 687 30.13 -20.96 -9.03
C THR G 687 31.16 -20.45 -10.01
N THR G 688 30.91 -19.27 -10.59
CA THR G 688 31.69 -18.78 -11.71
C THR G 688 32.24 -17.39 -11.39
N LEU G 689 32.82 -16.76 -12.40
CA LEU G 689 33.30 -15.40 -12.29
C LEU G 689 32.12 -14.43 -12.24
N PRO G 690 32.31 -13.24 -11.69
CA PRO G 690 31.24 -12.25 -11.69
C PRO G 690 30.79 -11.91 -13.11
N LEU G 691 29.49 -11.71 -13.27
CA LEU G 691 28.84 -11.32 -14.52
C LEU G 691 28.99 -12.37 -15.62
N LYS G 692 29.48 -13.56 -15.30
CA LYS G 692 29.65 -14.63 -16.28
C LYS G 692 28.66 -15.76 -16.08
N GLN G 693 27.70 -15.60 -15.17
CA GLN G 693 26.77 -16.69 -14.88
C GLN G 693 25.80 -16.93 -16.02
N TRP G 694 25.44 -15.89 -16.76
CA TRP G 694 24.40 -16.05 -17.78
C TRP G 694 24.91 -16.80 -19.01
N THR G 695 26.15 -16.53 -19.43
CA THR G 695 26.71 -17.28 -20.55
C THR G 695 26.84 -18.76 -20.21
N VAL G 696 27.31 -19.06 -19.01
CA VAL G 696 27.41 -20.45 -18.57
C VAL G 696 26.03 -21.09 -18.52
N ARG G 697 25.02 -20.33 -18.04
CA ARG G 697 23.66 -20.85 -17.99
C ARG G 697 23.13 -21.18 -19.37
N PHE G 698 23.38 -20.28 -20.34
CA PHE G 698 22.89 -20.53 -21.70
C PHE G 698 23.58 -21.74 -22.32
N ALA G 699 24.90 -21.85 -22.14
CA ALA G 699 25.62 -23.01 -22.66
C ALA G 699 25.13 -24.29 -22.02
N LEU G 700 24.90 -24.26 -20.70
CA LEU G 700 24.38 -25.43 -20.01
C LEU G 700 23.00 -25.81 -20.51
N ASP G 701 22.15 -24.81 -20.76
CA ASP G 701 20.82 -25.11 -21.29
C ASP G 701 20.90 -25.78 -22.65
N SER G 702 21.76 -25.27 -23.53
CA SER G 702 21.91 -25.86 -24.86
C SER G 702 22.42 -27.30 -24.77
N GLN G 703 23.44 -27.52 -23.95
CA GLN G 703 23.99 -28.88 -23.82
C GLN G 703 22.98 -29.82 -23.17
N VAL G 704 22.20 -29.33 -22.21
CA VAL G 704 21.19 -30.15 -21.56
C VAL G 704 20.12 -30.56 -22.55
N LYS G 705 19.67 -29.61 -23.38
CA LYS G 705 18.69 -29.96 -24.41
C LYS G 705 19.26 -31.01 -25.36
N LYS G 706 20.50 -30.81 -25.81
CA LYS G 706 21.09 -31.75 -26.76
C LYS G 706 21.20 -33.15 -26.16
N HIS G 707 21.68 -33.24 -24.92
CA HIS G 707 21.88 -34.55 -24.32
C HIS G 707 20.56 -35.20 -23.90
N PHE G 708 19.56 -34.40 -23.54
CA PHE G 708 18.24 -34.96 -23.27
C PHE G 708 17.64 -35.53 -24.55
N ASP G 709 17.83 -34.85 -25.68
CA ASP G 709 17.39 -35.39 -26.96
C ASP G 709 18.14 -36.68 -27.29
N LEU G 710 19.44 -36.70 -27.04
CA LEU G 710 20.24 -37.89 -27.34
C LEU G 710 19.80 -39.08 -26.50
N ALA G 711 19.57 -38.87 -25.21
CA ALA G 711 19.24 -39.96 -24.30
C ALA G 711 17.78 -40.37 -24.33
N GLY G 712 16.94 -39.66 -25.09
CA GLY G 712 15.53 -40.00 -25.14
C GLY G 712 14.72 -39.56 -23.94
N VAL G 713 15.22 -38.58 -23.18
CA VAL G 713 14.50 -38.08 -22.02
C VAL G 713 13.33 -37.21 -22.51
N ARG G 714 12.16 -37.44 -21.93
CA ARG G 714 10.95 -36.73 -22.35
C ARG G 714 10.69 -35.53 -21.44
N ALA G 715 10.10 -34.49 -22.02
CA ALA G 715 9.65 -33.33 -21.29
C ALA G 715 8.35 -33.67 -20.56
N PRO G 716 7.99 -32.88 -19.53
CA PRO G 716 6.72 -33.13 -18.84
C PRO G 716 5.54 -33.05 -19.79
N VAL G 717 4.60 -33.99 -19.61
CA VAL G 717 3.45 -34.15 -20.50
C VAL G 717 2.18 -34.20 -19.66
N GLN G 718 1.14 -33.49 -20.09
CA GLN G 718 -0.15 -33.56 -19.43
C GLN G 718 -0.79 -34.92 -19.60
N THR G 719 -1.64 -35.30 -18.65
CA THR G 719 -2.36 -36.56 -18.70
C THR G 719 -3.78 -36.37 -18.20
N TYR G 720 -4.72 -37.05 -18.84
CA TYR G 720 -6.08 -37.10 -18.33
C TYR G 720 -6.66 -38.49 -18.60
N GLN G 721 -7.90 -38.69 -18.17
CA GLN G 721 -8.66 -39.89 -18.48
C GLN G 721 -10.05 -39.47 -18.94
N VAL G 722 -10.68 -40.32 -19.74
CA VAL G 722 -11.99 -40.04 -20.32
C VAL G 722 -13.05 -40.81 -19.53
N LEU G 723 -14.13 -40.12 -19.17
CA LEU G 723 -15.22 -40.68 -18.40
C LEU G 723 -14.75 -41.26 -17.08
#